data_1KUX
# 
_entry.id   1KUX 
# 
_audit_conform.dict_name       mmcif_pdbx.dic 
_audit_conform.dict_version    5.376 
_audit_conform.dict_location   http://mmcif.pdb.org/dictionaries/ascii/mmcif_pdbx.dic 
# 
loop_
_database_2.database_id 
_database_2.database_code 
_database_2.pdbx_database_accession 
_database_2.pdbx_DOI 
PDB   1KUX         pdb_00001kux 10.2210/pdb1kux/pdb 
RCSB  RCSB015367   ?            ?                   
WWPDB D_1000015367 ?            ?                   
# 
loop_
_pdbx_database_related.db_name 
_pdbx_database_related.db_id 
_pdbx_database_related.details 
_pdbx_database_related.content_type 
PDB 1BO4 'Crystal Structure Of A Gcn5-Related N-Acetyltransferase: Serratia Marescens Aminoglycoside 3-N-Acetyltransferase' 
unspecified 
PDB 1B6B 
'Melatonin Biosynthesis: The Structure Of Serotonin N- Acetyltransferase At 2.5 A Resolution Suggests A Catalytic Mechanism' 
unspecified 
PDB 1CJW 'Serotonin N-Acetyltranferase Complexed With A Bisubstrate Analog' unspecified 
PDB 1KUV . unspecified 
PDB 1KUY . unspecified 
# 
_pdbx_database_status.status_code                     REL 
_pdbx_database_status.entry_id                        1KUX 
_pdbx_database_status.recvd_initial_deposition_date   2002-01-22 
_pdbx_database_status.deposit_site                    RCSB 
_pdbx_database_status.process_site                    RCSB 
_pdbx_database_status.SG_entry                        . 
_pdbx_database_status.pdb_format_compatible           Y 
_pdbx_database_status.status_code_mr                  ? 
_pdbx_database_status.status_code_sf                  ? 
_pdbx_database_status.status_code_cs                  ? 
_pdbx_database_status.status_code_nmr_data            ? 
_pdbx_database_status.methods_development_category    ? 
# 
loop_
_audit_author.name 
_audit_author.pdbx_ordinal 
_audit_author.identifier_ORCID 
'Wolf, E.'       1 ?                   
'De Angelis, J.' 2 ?                   
'Khalil, E.M.'   3 ?                   
'Cole, P.A.'     4 ?                   
'Burley, S.K.'   5 0000-0002-2487-9713 
# 
_citation.id                        primary 
_citation.title                     'X-ray crystallographic studies of serotonin N-acetyltransferase catalysis and inhibition.' 
_citation.journal_abbrev            J.Mol.Biol. 
_citation.journal_volume            317 
_citation.page_first                215 
_citation.page_last                 224 
_citation.year                      2002 
_citation.journal_id_ASTM           JMOBAK 
_citation.country                   UK 
_citation.journal_id_ISSN           0022-2836 
_citation.journal_id_CSD            0070 
_citation.book_publisher            ? 
_citation.pdbx_database_id_PubMed   11902838 
_citation.pdbx_database_id_DOI      10.1006/jmbi.2001.5371 
# 
loop_
_citation_author.citation_id 
_citation_author.name 
_citation_author.ordinal 
_citation_author.identifier_ORCID 
primary 'Wolf, E.'       1 ?                   
primary 'De Angelis, J.' 2 ?                   
primary 'Khalil, E.M.'   3 ?                   
primary 'Cole, P.A.'     4 ?                   
primary 'Burley, S.K.'   5 0000-0002-2487-9713 
# 
_cell.entry_id           1KUX 
_cell.length_a           53.455 
_cell.length_b           68.567 
_cell.length_c           89.791 
_cell.angle_alpha        90.00 
_cell.angle_beta         90.00 
_cell.angle_gamma        90.00 
_cell.Z_PDB              8 
_cell.pdbx_unique_axis   ? 
# 
_symmetry.entry_id                         1KUX 
_symmetry.space_group_name_H-M             'C 2 2 21' 
_symmetry.pdbx_full_space_group_name_H-M   ? 
_symmetry.cell_setting                     ? 
_symmetry.Int_Tables_number                20 
# 
loop_
_entity.id 
_entity.type 
_entity.src_method 
_entity.pdbx_description 
_entity.formula_weight 
_entity.pdbx_number_of_molecules 
_entity.pdbx_ec 
_entity.pdbx_mutation 
_entity.pdbx_fragment 
_entity.details 
1 polymer     man 'Serotonin N-acetyltransferase'      23111.568 1   2.3.1.87 'MET substituted by Se-met' ? ? 
2 non-polymer syn COA-S-TRIMETHYLENE-ACETYL-TRYPTAMINE 1009.850  1   ?        ?                           ? ? 
3 water       nat water                                18.015    160 ?        ?                           ? ? 
# 
_entity_name_com.entity_id   1 
_entity_name_com.name        
;arylalkylamine N-acetyltransferase; Aralkylamine N-acetyltransferase; AA-NAT;
Serotonin acetylase
;
# 
_entity_name_sys.entity_id   1 
_entity_name_sys.name        E.C.2.3.1.87 
# 
_entity_poly.entity_id                      1 
_entity_poly.type                           'polypeptide(L)' 
_entity_poly.nstd_linkage                   no 
_entity_poly.nstd_monomer                   no 
_entity_poly.pdbx_seq_one_letter_code       
;MSTPSVHCLKPSPLHLPSGIPGSPGRQRRHTLPANEFRCLTPEDAAGVFEIEREAFISVSGNCPLNLDEVQHFLTLCPEL
SLGWFVEGRLVAFIIGSLWDEERLTQESLALHRPRGHSAHLHALAVHRSFRQQGKGSVLLWRYLHHVGAQPAVRRAVLMC
EDALVPFYQRFGFHPAGPCAIVVGSLTFTEMHCSLRGHAALRRNSDR
;
_entity_poly.pdbx_seq_one_letter_code_can   
;MSTPSVHCLKPSPLHLPSGIPGSPGRQRRHTLPANEFRCLTPEDAAGVFEIEREAFISVSGNCPLNLDEVQHFLTLCPEL
SLGWFVEGRLVAFIIGSLWDEERLTQESLALHRPRGHSAHLHALAVHRSFRQQGKGSVLLWRYLHHVGAQPAVRRAVLMC
EDALVPFYQRFGFHPAGPCAIVVGSLTFTEMHCSLRGHAALRRNSDR
;
_entity_poly.pdbx_strand_id                 A 
_entity_poly.pdbx_target_identifier         ? 
# 
loop_
_entity_poly_seq.entity_id 
_entity_poly_seq.num 
_entity_poly_seq.mon_id 
_entity_poly_seq.hetero 
1 1   MET n 
1 2   SER n 
1 3   THR n 
1 4   PRO n 
1 5   SER n 
1 6   VAL n 
1 7   HIS n 
1 8   CYS n 
1 9   LEU n 
1 10  LYS n 
1 11  PRO n 
1 12  SER n 
1 13  PRO n 
1 14  LEU n 
1 15  HIS n 
1 16  LEU n 
1 17  PRO n 
1 18  SER n 
1 19  GLY n 
1 20  ILE n 
1 21  PRO n 
1 22  GLY n 
1 23  SER n 
1 24  PRO n 
1 25  GLY n 
1 26  ARG n 
1 27  GLN n 
1 28  ARG n 
1 29  ARG n 
1 30  HIS n 
1 31  THR n 
1 32  LEU n 
1 33  PRO n 
1 34  ALA n 
1 35  ASN n 
1 36  GLU n 
1 37  PHE n 
1 38  ARG n 
1 39  CYS n 
1 40  LEU n 
1 41  THR n 
1 42  PRO n 
1 43  GLU n 
1 44  ASP n 
1 45  ALA n 
1 46  ALA n 
1 47  GLY n 
1 48  VAL n 
1 49  PHE n 
1 50  GLU n 
1 51  ILE n 
1 52  GLU n 
1 53  ARG n 
1 54  GLU n 
1 55  ALA n 
1 56  PHE n 
1 57  ILE n 
1 58  SER n 
1 59  VAL n 
1 60  SER n 
1 61  GLY n 
1 62  ASN n 
1 63  CYS n 
1 64  PRO n 
1 65  LEU n 
1 66  ASN n 
1 67  LEU n 
1 68  ASP n 
1 69  GLU n 
1 70  VAL n 
1 71  GLN n 
1 72  HIS n 
1 73  PHE n 
1 74  LEU n 
1 75  THR n 
1 76  LEU n 
1 77  CYS n 
1 78  PRO n 
1 79  GLU n 
1 80  LEU n 
1 81  SER n 
1 82  LEU n 
1 83  GLY n 
1 84  TRP n 
1 85  PHE n 
1 86  VAL n 
1 87  GLU n 
1 88  GLY n 
1 89  ARG n 
1 90  LEU n 
1 91  VAL n 
1 92  ALA n 
1 93  PHE n 
1 94  ILE n 
1 95  ILE n 
1 96  GLY n 
1 97  SER n 
1 98  LEU n 
1 99  TRP n 
1 100 ASP n 
1 101 GLU n 
1 102 GLU n 
1 103 ARG n 
1 104 LEU n 
1 105 THR n 
1 106 GLN n 
1 107 GLU n 
1 108 SER n 
1 109 LEU n 
1 110 ALA n 
1 111 LEU n 
1 112 HIS n 
1 113 ARG n 
1 114 PRO n 
1 115 ARG n 
1 116 GLY n 
1 117 HIS n 
1 118 SER n 
1 119 ALA n 
1 120 HIS n 
1 121 LEU n 
1 122 HIS n 
1 123 ALA n 
1 124 LEU n 
1 125 ALA n 
1 126 VAL n 
1 127 HIS n 
1 128 ARG n 
1 129 SER n 
1 130 PHE n 
1 131 ARG n 
1 132 GLN n 
1 133 GLN n 
1 134 GLY n 
1 135 LYS n 
1 136 GLY n 
1 137 SER n 
1 138 VAL n 
1 139 LEU n 
1 140 LEU n 
1 141 TRP n 
1 142 ARG n 
1 143 TYR n 
1 144 LEU n 
1 145 HIS n 
1 146 HIS n 
1 147 VAL n 
1 148 GLY n 
1 149 ALA n 
1 150 GLN n 
1 151 PRO n 
1 152 ALA n 
1 153 VAL n 
1 154 ARG n 
1 155 ARG n 
1 156 ALA n 
1 157 VAL n 
1 158 LEU n 
1 159 MET n 
1 160 CYS n 
1 161 GLU n 
1 162 ASP n 
1 163 ALA n 
1 164 LEU n 
1 165 VAL n 
1 166 PRO n 
1 167 PHE n 
1 168 TYR n 
1 169 GLN n 
1 170 ARG n 
1 171 PHE n 
1 172 GLY n 
1 173 PHE n 
1 174 HIS n 
1 175 PRO n 
1 176 ALA n 
1 177 GLY n 
1 178 PRO n 
1 179 CYS n 
1 180 ALA n 
1 181 ILE n 
1 182 VAL n 
1 183 VAL n 
1 184 GLY n 
1 185 SER n 
1 186 LEU n 
1 187 THR n 
1 188 PHE n 
1 189 THR n 
1 190 GLU n 
1 191 MET n 
1 192 HIS n 
1 193 CYS n 
1 194 SER n 
1 195 LEU n 
1 196 ARG n 
1 197 GLY n 
1 198 HIS n 
1 199 ALA n 
1 200 ALA n 
1 201 LEU n 
1 202 ARG n 
1 203 ARG n 
1 204 ASN n 
1 205 SER n 
1 206 ASP n 
1 207 ARG n 
# 
_entity_src_gen.entity_id                          1 
_entity_src_gen.pdbx_src_id                        1 
_entity_src_gen.pdbx_alt_source_flag               sample 
_entity_src_gen.pdbx_seq_type                      ? 
_entity_src_gen.pdbx_beg_seq_num                   ? 
_entity_src_gen.pdbx_end_seq_num                   ? 
_entity_src_gen.gene_src_common_name               sheep 
_entity_src_gen.gene_src_genus                     Ovis 
_entity_src_gen.pdbx_gene_src_gene                 U29663 
_entity_src_gen.gene_src_species                   ? 
_entity_src_gen.gene_src_strain                    ? 
_entity_src_gen.gene_src_tissue                    ? 
_entity_src_gen.gene_src_tissue_fraction           ? 
_entity_src_gen.gene_src_details                   ? 
_entity_src_gen.pdbx_gene_src_fragment             ? 
_entity_src_gen.pdbx_gene_src_scientific_name      'Ovis aries' 
_entity_src_gen.pdbx_gene_src_ncbi_taxonomy_id     9940 
_entity_src_gen.pdbx_gene_src_variant              ? 
_entity_src_gen.pdbx_gene_src_cell_line            ? 
_entity_src_gen.pdbx_gene_src_atcc                 ? 
_entity_src_gen.pdbx_gene_src_organ                ? 
_entity_src_gen.pdbx_gene_src_organelle            ? 
_entity_src_gen.pdbx_gene_src_cell                 ? 
_entity_src_gen.pdbx_gene_src_cellular_location    ? 
_entity_src_gen.host_org_common_name               ? 
_entity_src_gen.pdbx_host_org_scientific_name      'Escherichia coli' 
_entity_src_gen.pdbx_host_org_ncbi_taxonomy_id     562 
_entity_src_gen.host_org_genus                     Escherichia 
_entity_src_gen.pdbx_host_org_gene                 ? 
_entity_src_gen.pdbx_host_org_organ                ? 
_entity_src_gen.host_org_species                   ? 
_entity_src_gen.pdbx_host_org_tissue               ? 
_entity_src_gen.pdbx_host_org_tissue_fraction      ? 
_entity_src_gen.pdbx_host_org_strain               'BL21(DE3)pLysS' 
_entity_src_gen.pdbx_host_org_variant              ? 
_entity_src_gen.pdbx_host_org_cell_line            ? 
_entity_src_gen.pdbx_host_org_atcc                 ? 
_entity_src_gen.pdbx_host_org_culture_collection   ? 
_entity_src_gen.pdbx_host_org_cell                 ? 
_entity_src_gen.pdbx_host_org_organelle            ? 
_entity_src_gen.pdbx_host_org_cellular_location    ? 
_entity_src_gen.pdbx_host_org_vector_type          Plasmid 
_entity_src_gen.pdbx_host_org_vector               ? 
_entity_src_gen.host_org_details                   ? 
_entity_src_gen.expression_system_id               ? 
_entity_src_gen.plasmid_name                       pGEX-6P-1 
_entity_src_gen.plasmid_details                    ? 
_entity_src_gen.pdbx_description                   ? 
# 
_struct_ref.id                         1 
_struct_ref.entity_id                  1 
_struct_ref.db_name                    UNP 
_struct_ref.db_code                    SNAT_SHEEP 
_struct_ref.pdbx_db_accession          Q29495 
_struct_ref.pdbx_align_begin           1 
_struct_ref.pdbx_seq_one_letter_code   
;MSTPSVHCLKPSPLHLPSGIPGSPGRQRRHTLPANEFRCLTPEDAAGVFEIEREAFISVSGNCPLNLDEVQHFLTLCPEL
SLGWFVEGRLVAFIIGSLWDEERLTQESLALHRPRGHSAHLHALAVHRSFRQQGKGSVLLWRYLHHVGAQPAVRRAVLMC
EDALVPFYQRFGFHPAGPCAIVVGSLTFTEMHCSLRGHAALRRNSDR
;
_struct_ref.pdbx_db_isoform            ? 
# 
_struct_ref_seq.align_id                      1 
_struct_ref_seq.ref_id                        1 
_struct_ref_seq.pdbx_PDB_id_code              1KUX 
_struct_ref_seq.pdbx_strand_id                A 
_struct_ref_seq.seq_align_beg                 1 
_struct_ref_seq.pdbx_seq_align_beg_ins_code   ? 
_struct_ref_seq.seq_align_end                 207 
_struct_ref_seq.pdbx_seq_align_end_ins_code   ? 
_struct_ref_seq.pdbx_db_accession             Q29495 
_struct_ref_seq.db_align_beg                  1 
_struct_ref_seq.pdbx_db_align_beg_ins_code    ? 
_struct_ref_seq.db_align_end                  207 
_struct_ref_seq.pdbx_db_align_end_ins_code    ? 
_struct_ref_seq.pdbx_auth_seq_align_beg       1 
_struct_ref_seq.pdbx_auth_seq_align_end       207 
# 
loop_
_chem_comp.id 
_chem_comp.type 
_chem_comp.mon_nstd_flag 
_chem_comp.name 
_chem_comp.pdbx_synonyms 
_chem_comp.formula 
_chem_comp.formula_weight 
ALA 'L-peptide linking' y ALANINE                              ? 'C3 H7 N O2'          89.093   
ARG 'L-peptide linking' y ARGININE                             ? 'C6 H15 N4 O2 1'      175.209  
ASN 'L-peptide linking' y ASPARAGINE                           ? 'C4 H8 N2 O3'         132.118  
ASP 'L-peptide linking' y 'ASPARTIC ACID'                      ? 'C4 H7 N O4'          133.103  
CA3 non-polymer         . COA-S-TRIMETHYLENE-ACETYL-TRYPTAMINE ? 'C36 H54 N9 O17 P3 S' 1009.850 
CYS 'L-peptide linking' y CYSTEINE                             ? 'C3 H7 N O2 S'        121.158  
GLN 'L-peptide linking' y GLUTAMINE                            ? 'C5 H10 N2 O3'        146.144  
GLU 'L-peptide linking' y 'GLUTAMIC ACID'                      ? 'C5 H9 N O4'          147.129  
GLY 'peptide linking'   y GLYCINE                              ? 'C2 H5 N O2'          75.067   
HIS 'L-peptide linking' y HISTIDINE                            ? 'C6 H10 N3 O2 1'      156.162  
HOH non-polymer         . WATER                                ? 'H2 O'                18.015   
ILE 'L-peptide linking' y ISOLEUCINE                           ? 'C6 H13 N O2'         131.173  
LEU 'L-peptide linking' y LEUCINE                              ? 'C6 H13 N O2'         131.173  
LYS 'L-peptide linking' y LYSINE                               ? 'C6 H15 N2 O2 1'      147.195  
MET 'L-peptide linking' y METHIONINE                           ? 'C5 H11 N O2 S'       149.211  
PHE 'L-peptide linking' y PHENYLALANINE                        ? 'C9 H11 N O2'         165.189  
PRO 'L-peptide linking' y PROLINE                              ? 'C5 H9 N O2'          115.130  
SER 'L-peptide linking' y SERINE                               ? 'C3 H7 N O3'          105.093  
THR 'L-peptide linking' y THREONINE                            ? 'C4 H9 N O3'          119.119  
TRP 'L-peptide linking' y TRYPTOPHAN                           ? 'C11 H12 N2 O2'       204.225  
TYR 'L-peptide linking' y TYROSINE                             ? 'C9 H11 N O3'         181.189  
VAL 'L-peptide linking' y VALINE                               ? 'C5 H11 N O2'         117.146  
# 
_exptl.entry_id          1KUX 
_exptl.method            'X-RAY DIFFRACTION' 
_exptl.crystals_number   1 
# 
_exptl_crystal.id                    1 
_exptl_crystal.density_meas          ? 
_exptl_crystal.density_percent_sol   30.90 
_exptl_crystal.density_Matthews      1.78 
_exptl_crystal.description           ? 
# 
_exptl_crystal_grow.crystal_id      1 
_exptl_crystal_grow.method          'VAPOR DIFFUSION, HANGING DROP' 
_exptl_crystal_grow.temp            277.0 
_exptl_crystal_grow.temp_details    ? 
_exptl_crystal_grow.pH              6.5 
_exptl_crystal_grow.pdbx_details    
;PEG 2000, MPD, ammonium sulfate, MES pH 6.5, magnesium acetate, DTT, spermidine, 
and lithium chloride. pH 6.5, VAPOR DIFFUSION, HANGING DROP at 277K, temperature 277.0K
;
_exptl_crystal_grow.pdbx_pH_range   . 
# 
_diffrn.id                     1 
_diffrn.ambient_temp           100.0 
_diffrn.ambient_temp_details   ? 
_diffrn.crystal_id             1 
# 
_diffrn_detector.diffrn_id              1 
_diffrn_detector.detector               CCD 
_diffrn_detector.type                   'ADSC QUANTUM 4' 
_diffrn_detector.pdbx_collection_date   2000-01-20 
_diffrn_detector.details                ? 
# 
_diffrn_radiation.diffrn_id                        1 
_diffrn_radiation.wavelength_id                    1 
_diffrn_radiation.pdbx_monochromatic_or_laue_m_l   M 
_diffrn_radiation.monochromator                    'Si 111' 
_diffrn_radiation.pdbx_diffrn_protocol             'SINGLE WAVELENGTH' 
_diffrn_radiation.pdbx_scattering_type             x-ray 
# 
_diffrn_radiation_wavelength.id           1 
_diffrn_radiation_wavelength.wavelength   0.9100 
_diffrn_radiation_wavelength.wt           1.0 
# 
_diffrn_source.diffrn_id                   1 
_diffrn_source.source                      SYNCHROTRON 
_diffrn_source.type                        'CHESS BEAMLINE A1' 
_diffrn_source.pdbx_synchrotron_site       CHESS 
_diffrn_source.pdbx_synchrotron_beamline   A1 
_diffrn_source.pdbx_wavelength             ? 
_diffrn_source.pdbx_wavelength_list        0.9100 
# 
_reflns.entry_id                     1KUX 
_reflns.observed_criterion_sigma_I   -3.0 
_reflns.observed_criterion_sigma_F   ? 
_reflns.d_resolution_low             25.00 
_reflns.d_resolution_high            1.80 
_reflns.number_obs                   13920 
_reflns.number_all                   13976 
_reflns.percent_possible_obs         99.6 
_reflns.pdbx_Rmerge_I_obs            0.0460000 
_reflns.pdbx_Rsym_value              0.0460000 
_reflns.pdbx_netI_over_sigmaI        25.8 
_reflns.B_iso_Wilson_estimate        ? 
_reflns.pdbx_redundancy              5.0 
_reflns.R_free_details               ? 
_reflns.observed_criterion_F_max     ? 
_reflns.observed_criterion_F_min     ? 
_reflns.limit_h_max                  ? 
_reflns.limit_h_min                  ? 
_reflns.limit_k_max                  ? 
_reflns.limit_k_min                  ? 
_reflns.limit_l_max                  ? 
_reflns.limit_l_min                  ? 
_reflns.pdbx_diffrn_id               1 
_reflns.pdbx_ordinal                 1 
# 
_reflns_shell.d_res_high             1.80 
_reflns_shell.d_res_low              1.86 
_reflns_shell.percent_possible_all   97.8 
_reflns_shell.Rmerge_I_obs           0.1600000 
_reflns_shell.pdbx_Rsym_value        0.1600000 
_reflns_shell.meanI_over_sigI_obs    7.3 
_reflns_shell.pdbx_redundancy        2.5 
_reflns_shell.percent_possible_obs   ? 
_reflns_shell.number_unique_all      1375 
_reflns_shell.pdbx_diffrn_id         ? 
_reflns_shell.pdbx_ordinal           1 
# 
_refine.entry_id                                 1KUX 
_refine.ls_number_reflns_obs                     13680 
_refine.ls_number_reflns_all                     13976 
_refine.pdbx_ls_sigma_I                          0 
_refine.pdbx_ls_sigma_F                          0 
_refine.pdbx_data_cutoff_high_absF               ? 
_refine.pdbx_data_cutoff_low_absF                ? 
_refine.ls_d_res_low                             25.0 
_refine.ls_d_res_high                            1.80 
_refine.ls_percent_reflns_obs                    87.5 
_refine.ls_R_factor_obs                          0.2000000 
_refine.ls_R_factor_all                          0.2000000 
_refine.ls_R_factor_R_work                       0.1970000 
_refine.ls_R_factor_R_free                       0.2250000 
_refine.ls_R_factor_R_free_error                 ? 
_refine.ls_R_factor_R_free_error_details         ? 
_refine.ls_percent_reflns_R_free                 ? 
_refine.ls_number_reflns_R_free                  1343 
_refine.ls_number_parameters                     ? 
_refine.ls_number_restraints                     ? 
_refine.occupancy_min                            ? 
_refine.occupancy_max                            ? 
_refine.B_iso_mean                               ? 
_refine.aniso_B[1][1]                            0.776 
_refine.aniso_B[2][2]                            -2.246 
_refine.aniso_B[3][3]                            1.470 
_refine.aniso_B[1][2]                            0.000 
_refine.aniso_B[1][3]                            0.000 
_refine.aniso_B[2][3]                            0.000 
_refine.solvent_model_details                    ? 
_refine.solvent_model_param_ksol                 ? 
_refine.solvent_model_param_bsol                 ? 
_refine.pdbx_ls_cross_valid_method               THROUGHOUT 
_refine.details                                  
;Structure was refined with waters and ligand was modeled based on difference fourier electron density.  Ligand was included in final refinement
;
_refine.pdbx_starting_model                      1KUV 
_refine.pdbx_method_to_determine_struct          'MOLECULAR REPLACEMENT' 
_refine.pdbx_isotropic_thermal_model             ? 
_refine.pdbx_stereochemistry_target_values       'Engh & Huber' 
_refine.pdbx_stereochem_target_val_spec_case     ? 
_refine.pdbx_R_Free_selection_details            RANDOM 
_refine.pdbx_overall_ESU_R_Free                  ? 
_refine.overall_SU_B                             ? 
_refine.ls_redundancy_reflns_obs                 ? 
_refine.B_iso_min                                ? 
_refine.B_iso_max                                ? 
_refine.correlation_coeff_Fo_to_Fc               ? 
_refine.overall_SU_R_Cruickshank_DPI             ? 
_refine.overall_SU_R_free                        ? 
_refine.overall_SU_ML                            ? 
_refine.pdbx_overall_ESU_R                       ? 
_refine.pdbx_data_cutoff_high_rms_absF           ? 
_refine.correlation_coeff_Fo_to_Fc_free          ? 
_refine.pdbx_solvent_vdw_probe_radii             ? 
_refine.pdbx_solvent_ion_probe_radii             ? 
_refine.pdbx_solvent_shrinkage_radii             ? 
_refine.pdbx_refine_id                           'X-RAY DIFFRACTION' 
_refine.pdbx_diffrn_id                           1 
_refine.pdbx_TLS_residual_ADP_flag               ? 
_refine.pdbx_overall_phase_error                 ? 
_refine.pdbx_overall_SU_R_free_Cruickshank_DPI   ? 
_refine.pdbx_overall_SU_R_Blow_DPI               ? 
_refine.pdbx_overall_SU_R_free_Blow_DPI          ? 
# 
_refine_hist.pdbx_refine_id                   'X-RAY DIFFRACTION' 
_refine_hist.cycle_id                         LAST 
_refine_hist.pdbx_number_atoms_protein        1312 
_refine_hist.pdbx_number_atoms_nucleic_acid   0 
_refine_hist.pdbx_number_atoms_ligand         66 
_refine_hist.number_atoms_solvent             160 
_refine_hist.number_atoms_total               1538 
_refine_hist.d_res_high                       1.80 
_refine_hist.d_res_low                        25.0 
# 
loop_
_refine_ls_restr.type 
_refine_ls_restr.dev_ideal 
_refine_ls_restr.dev_ideal_target 
_refine_ls_restr.weight 
_refine_ls_restr.number 
_refine_ls_restr.pdbx_refine_id 
_refine_ls_restr.pdbx_restraint_function 
c_bond_d     0.005 ? ? ? 'X-RAY DIFFRACTION' ? 
c_angle_deg  1.2   ? ? ? 'X-RAY DIFFRACTION' ? 
c_mcbond_it  1.24  ? ? ? 'X-RAY DIFFRACTION' ? 
c_mcangle_it 1.85  ? ? ? 'X-RAY DIFFRACTION' ? 
c_scbond_it  2.01  ? ? ? 'X-RAY DIFFRACTION' ? 
c_scangle_it 2.89  ? ? ? 'X-RAY DIFFRACTION' ? 
# 
_struct.entry_id                  1KUX 
_struct.title                     'X-ray Crystallographic Studies of Serotonin N-acetyltransferase Catalysis and Inhibition' 
_struct.pdbx_model_details        ? 
_struct.pdbx_CASP_flag            ? 
_struct.pdbx_model_type_details   ? 
# 
_struct_keywords.entry_id        1KUX 
_struct_keywords.pdbx_keywords   TRANSFERASE 
_struct_keywords.text            'Enzyme-Inhibitor Complex, Bisubstrate Analog, Alternate Conformations, TRANSFERASE' 
# 
loop_
_struct_asym.id 
_struct_asym.pdbx_blank_PDB_chainid_flag 
_struct_asym.pdbx_modified 
_struct_asym.entity_id 
_struct_asym.details 
A N N 1 ? 
B N N 2 ? 
C N N 3 ? 
# 
_struct_biol.id                    1 
_struct_biol.details               'The biological assembly is a monomer' 
_struct_biol.pdbx_parent_biol_id   ? 
# 
loop_
_struct_conf.conf_type_id 
_struct_conf.id 
_struct_conf.pdbx_PDB_helix_id 
_struct_conf.beg_label_comp_id 
_struct_conf.beg_label_asym_id 
_struct_conf.beg_label_seq_id 
_struct_conf.pdbx_beg_PDB_ins_code 
_struct_conf.end_label_comp_id 
_struct_conf.end_label_asym_id 
_struct_conf.end_label_seq_id 
_struct_conf.pdbx_end_PDB_ins_code 
_struct_conf.beg_auth_comp_id 
_struct_conf.beg_auth_asym_id 
_struct_conf.beg_auth_seq_id 
_struct_conf.end_auth_comp_id 
_struct_conf.end_auth_asym_id 
_struct_conf.end_auth_seq_id 
_struct_conf.pdbx_PDB_helix_class 
_struct_conf.details 
_struct_conf.pdbx_PDB_helix_length 
HELX_P HELX_P1 1 THR A 41  ? GLU A 43  ? THR A 41  GLU A 43  5 ? 3  
HELX_P HELX_P2 2 ASP A 44  ? PHE A 56  ? ASP A 44  PHE A 56  1 ? 13 
HELX_P HELX_P3 3 PHE A 56  ? GLY A 61  ? PHE A 56  GLY A 61  1 ? 6  
HELX_P HELX_P4 4 ASN A 66  ? CYS A 77  ? ASN A 66  CYS A 77  1 ? 12 
HELX_P HELX_P5 5 THR A 105 ? LEU A 111 ? THR A 105 LEU A 111 5 ? 7  
HELX_P HELX_P6 6 ARG A 128 ? ARG A 131 ? ARG A 128 ARG A 131 5 ? 4  
HELX_P HELX_P7 7 GLY A 134 ? GLY A 148 ? GLY A 134 GLY A 148 1 ? 15 
HELX_P HELX_P8 8 GLU A 161 ? ALA A 163 ? GLU A 161 ALA A 163 5 ? 3  
HELX_P HELX_P9 9 LEU A 164 ? ARG A 170 ? LEU A 164 ARG A 170 1 ? 7  
# 
_struct_conf_type.id          HELX_P 
_struct_conf_type.criteria    ? 
_struct_conf_type.reference   ? 
# 
_struct_sheet.id               A 
_struct_sheet.type             ? 
_struct_sheet.number_strands   7 
_struct_sheet.details          ? 
# 
loop_
_struct_sheet_order.sheet_id 
_struct_sheet_order.range_id_1 
_struct_sheet_order.range_id_2 
_struct_sheet_order.offset 
_struct_sheet_order.sense 
A 1 2 ? anti-parallel 
A 2 3 ? anti-parallel 
A 3 4 ? anti-parallel 
A 4 5 ? parallel      
A 5 6 ? anti-parallel 
A 6 7 ? anti-parallel 
# 
loop_
_struct_sheet_range.sheet_id 
_struct_sheet_range.id 
_struct_sheet_range.beg_label_comp_id 
_struct_sheet_range.beg_label_asym_id 
_struct_sheet_range.beg_label_seq_id 
_struct_sheet_range.pdbx_beg_PDB_ins_code 
_struct_sheet_range.end_label_comp_id 
_struct_sheet_range.end_label_asym_id 
_struct_sheet_range.end_label_seq_id 
_struct_sheet_range.pdbx_end_PDB_ins_code 
_struct_sheet_range.beg_auth_comp_id 
_struct_sheet_range.beg_auth_asym_id 
_struct_sheet_range.beg_auth_seq_id 
_struct_sheet_range.end_auth_comp_id 
_struct_sheet_range.end_auth_asym_id 
_struct_sheet_range.end_auth_seq_id 
A 1 GLU A 36  ? ARG A 38  ? GLU A 36  ARG A 38  
A 2 SER A 81  ? VAL A 86  ? SER A 81  VAL A 86  
A 3 ARG A 89  ? TRP A 99  ? ARG A 89  TRP A 99  
A 4 SER A 118 ? VAL A 126 ? SER A 118 VAL A 126 
A 5 ARG A 155 ? CYS A 160 ? ARG A 155 CYS A 160 
A 6 THR A 189 ? SER A 194 ? THR A 189 SER A 194 
A 7 HIS A 174 ? PRO A 178 ? HIS A 174 PRO A 178 
# 
loop_
_pdbx_struct_sheet_hbond.sheet_id 
_pdbx_struct_sheet_hbond.range_id_1 
_pdbx_struct_sheet_hbond.range_id_2 
_pdbx_struct_sheet_hbond.range_1_label_atom_id 
_pdbx_struct_sheet_hbond.range_1_label_comp_id 
_pdbx_struct_sheet_hbond.range_1_label_asym_id 
_pdbx_struct_sheet_hbond.range_1_label_seq_id 
_pdbx_struct_sheet_hbond.range_1_PDB_ins_code 
_pdbx_struct_sheet_hbond.range_1_auth_atom_id 
_pdbx_struct_sheet_hbond.range_1_auth_comp_id 
_pdbx_struct_sheet_hbond.range_1_auth_asym_id 
_pdbx_struct_sheet_hbond.range_1_auth_seq_id 
_pdbx_struct_sheet_hbond.range_2_label_atom_id 
_pdbx_struct_sheet_hbond.range_2_label_comp_id 
_pdbx_struct_sheet_hbond.range_2_label_asym_id 
_pdbx_struct_sheet_hbond.range_2_label_seq_id 
_pdbx_struct_sheet_hbond.range_2_PDB_ins_code 
_pdbx_struct_sheet_hbond.range_2_auth_atom_id 
_pdbx_struct_sheet_hbond.range_2_auth_comp_id 
_pdbx_struct_sheet_hbond.range_2_auth_asym_id 
_pdbx_struct_sheet_hbond.range_2_auth_seq_id 
A 1 2 N GLU A 36  ? N GLU A 36  O PHE A 85  ? O PHE A 85  
A 2 3 N VAL A 86  ? N VAL A 86  O ARG A 89  ? O ARG A 89  
A 3 4 N SER A 97  ? N SER A 97  O HIS A 120 ? O HIS A 120 
A 4 5 N ALA A 119 ? N ALA A 119 O ARG A 155 ? O ARG A 155 
A 5 6 N CYS A 160 ? N CYS A 160 O THR A 189 ? O THR A 189 
A 6 7 O HIS A 192 ? O HIS A 192 N HIS A 174 ? N HIS A 174 
# 
_struct_site.id                   AC1 
_struct_site.pdbx_evidence_code   Software 
_struct_site.pdbx_auth_asym_id    A 
_struct_site.pdbx_auth_comp_id    CA3 
_struct_site.pdbx_auth_seq_id     900 
_struct_site.pdbx_auth_ins_code   ? 
_struct_site.pdbx_num_residues    33 
_struct_site.details              'BINDING SITE FOR RESIDUE CA3 A 900' 
# 
loop_
_struct_site_gen.id 
_struct_site_gen.site_id 
_struct_site_gen.pdbx_num_res 
_struct_site_gen.label_comp_id 
_struct_site_gen.label_asym_id 
_struct_site_gen.label_seq_id 
_struct_site_gen.pdbx_auth_ins_code 
_struct_site_gen.auth_comp_id 
_struct_site_gen.auth_asym_id 
_struct_site_gen.auth_seq_id 
_struct_site_gen.label_atom_id 
_struct_site_gen.label_alt_id 
_struct_site_gen.symmetry 
_struct_site_gen.details 
1  AC1 33 ALA A 55  ? ALA A 55  . ? 1_555 ? 
2  AC1 33 PHE A 56  ? PHE A 56  . ? 1_555 ? 
3  AC1 33 CYS A 63  ? CYS A 63  . ? 1_555 ? 
4  AC1 33 PRO A 64  ? PRO A 64  . ? 1_555 ? 
5  AC1 33 LEU A 121 ? LEU A 121 . ? 1_555 ? 
6  AC1 33 HIS A 122 ? HIS A 122 . ? 1_555 ? 
7  AC1 33 ALA A 123 ? ALA A 123 . ? 1_555 ? 
8  AC1 33 LEU A 124 ? LEU A 124 . ? 1_555 ? 
9  AC1 33 ALA A 125 ? ALA A 125 . ? 1_555 ? 
10 AC1 33 VAL A 126 ? VAL A 126 . ? 1_555 ? 
11 AC1 33 ARG A 131 ? ARG A 131 . ? 1_555 ? 
12 AC1 33 GLN A 132 ? GLN A 132 . ? 1_555 ? 
13 AC1 33 GLN A 133 ? GLN A 133 . ? 1_555 ? 
14 AC1 33 GLY A 134 ? GLY A 134 . ? 1_555 ? 
15 AC1 33 LYS A 135 ? LYS A 135 . ? 1_555 ? 
16 AC1 33 GLY A 136 ? GLY A 136 . ? 1_555 ? 
17 AC1 33 SER A 137 ? SER A 137 . ? 1_555 ? 
18 AC1 33 ARG A 154 ? ARG A 154 . ? 7_555 ? 
19 AC1 33 MET A 159 ? MET A 159 . ? 1_555 ? 
20 AC1 33 CYS A 160 ? CYS A 160 . ? 1_555 ? 
21 AC1 33 LEU A 164 ? LEU A 164 . ? 1_555 ? 
22 AC1 33 PHE A 167 ? PHE A 167 . ? 1_555 ? 
23 AC1 33 TYR A 168 ? TYR A 168 . ? 1_555 ? 
24 AC1 33 ARG A 170 ? ARG A 170 . ? 1_555 ? 
25 AC1 33 VAL A 183 ? VAL A 183 . ? 1_555 ? 
26 AC1 33 PHE A 188 ? PHE A 188 . ? 1_555 ? 
27 AC1 33 HOH C .   ? HOH A 504 . ? 1_555 ? 
28 AC1 33 HOH C .   ? HOH A 508 . ? 1_555 ? 
29 AC1 33 HOH C .   ? HOH A 513 . ? 1_555 ? 
30 AC1 33 HOH C .   ? HOH A 517 . ? 1_555 ? 
31 AC1 33 HOH C .   ? HOH A 527 . ? 1_555 ? 
32 AC1 33 HOH C .   ? HOH A 561 . ? 1_555 ? 
33 AC1 33 HOH C .   ? HOH A 592 . ? 1_555 ? 
# 
_atom_sites.entry_id                    1KUX 
_atom_sites.fract_transf_matrix[1][1]   0.00790707 
_atom_sites.fract_transf_matrix[1][2]   -0.00014164 
_atom_sites.fract_transf_matrix[1][3]   -0.01695317 
_atom_sites.fract_transf_matrix[2][1]   -0.00923364 
_atom_sites.fract_transf_matrix[2][2]   0.01039856 
_atom_sites.fract_transf_matrix[2][3]   -0.00439351 
_atom_sites.fract_transf_matrix[3][1]   0.00722174 
_atom_sites.fract_transf_matrix[3][2]   0.00780828 
_atom_sites.fract_transf_matrix[3][3]   0.00330303 
_atom_sites.fract_transf_vector[1]      0.296866 
_atom_sites.fract_transf_vector[2]      0.211403 
_atom_sites.fract_transf_vector[3]      0.372606 
# 
loop_
_atom_type.symbol 
C 
N 
O 
P 
S 
# 
loop_
_atom_site.group_PDB 
_atom_site.id 
_atom_site.type_symbol 
_atom_site.label_atom_id 
_atom_site.label_alt_id 
_atom_site.label_comp_id 
_atom_site.label_asym_id 
_atom_site.label_entity_id 
_atom_site.label_seq_id 
_atom_site.pdbx_PDB_ins_code 
_atom_site.Cartn_x 
_atom_site.Cartn_y 
_atom_site.Cartn_z 
_atom_site.occupancy 
_atom_site.B_iso_or_equiv 
_atom_site.pdbx_formal_charge 
_atom_site.auth_seq_id 
_atom_site.auth_comp_id 
_atom_site.auth_asym_id 
_atom_site.auth_atom_id 
_atom_site.pdbx_PDB_model_num 
ATOM   1    N N     . HIS A 1 30  ? 22.295  -1.652  -20.087 1.00 32.98 ? 30  HIS A N     1 
ATOM   2    C CA    . HIS A 1 30  ? 22.434  -0.915  -21.375 1.00 31.73 ? 30  HIS A CA    1 
ATOM   3    C C     . HIS A 1 30  ? 21.225  -0.032  -21.675 1.00 30.75 ? 30  HIS A C     1 
ATOM   4    O O     . HIS A 1 30  ? 21.323  0.921   -22.447 1.00 29.19 ? 30  HIS A O     1 
ATOM   5    C CB    . HIS A 1 30  ? 22.644  -1.904  -22.527 1.00 34.47 ? 30  HIS A CB    1 
ATOM   6    C CG    . HIS A 1 30  ? 21.648  -3.022  -22.558 1.00 35.50 ? 30  HIS A CG    1 
ATOM   7    N ND1   . HIS A 1 30  ? 21.614  -4.015  -21.602 1.00 36.98 ? 30  HIS A ND1   1 
ATOM   8    C CD2   . HIS A 1 30  ? 20.649  -3.304  -23.428 1.00 37.48 ? 30  HIS A CD2   1 
ATOM   9    C CE1   . HIS A 1 30  ? 20.637  -4.860  -21.881 1.00 36.68 ? 30  HIS A CE1   1 
ATOM   10   N NE2   . HIS A 1 30  ? 20.036  -4.450  -22.985 1.00 36.81 ? 30  HIS A NE2   1 
ATOM   11   N N     . THR A 1 31  ? 20.085  -0.348  -21.070 1.00 28.47 ? 31  THR A N     1 
ATOM   12   C CA    . THR A 1 31  ? 18.880  0.439   -21.299 1.00 27.74 ? 31  THR A CA    1 
ATOM   13   C C     . THR A 1 31  ? 17.907  0.378   -20.130 1.00 25.99 ? 31  THR A C     1 
ATOM   14   O O     . THR A 1 31  ? 18.089  -0.397  -19.194 1.00 25.92 ? 31  THR A O     1 
ATOM   15   C CB    . THR A 1 31  ? 18.135  -0.031  -22.566 1.00 28.94 ? 31  THR A CB    1 
ATOM   16   O OG1   . THR A 1 31  ? 17.010  0.826   -22.804 1.00 29.60 ? 31  THR A OG1   1 
ATOM   17   C CG2   . THR A 1 31  ? 17.649  -1.464  -22.398 1.00 27.55 ? 31  THR A CG2   1 
ATOM   18   N N     . LEU A 1 32  ? 16.874  1.213   -20.196 1.00 23.86 ? 32  LEU A N     1 
ATOM   19   C CA    . LEU A 1 32  ? 15.847  1.256   -19.163 1.00 22.22 ? 32  LEU A CA    1 
ATOM   20   C C     . LEU A 1 32  ? 14.685  0.379   -19.622 1.00 21.67 ? 32  LEU A C     1 
ATOM   21   O O     . LEU A 1 32  ? 14.063  0.651   -20.650 1.00 23.36 ? 32  LEU A O     1 
ATOM   22   C CB    . LEU A 1 32  ? 15.357  2.692   -18.967 1.00 19.96 ? 32  LEU A CB    1 
ATOM   23   C CG    . LEU A 1 32  ? 16.426  3.756   -18.700 1.00 17.89 ? 32  LEU A CG    1 
ATOM   24   C CD1   . LEU A 1 32  ? 15.775  5.132   -18.665 1.00 16.97 ? 32  LEU A CD1   1 
ATOM   25   C CD2   . LEU A 1 32  ? 17.141  3.462   -17.390 1.00 18.07 ? 32  LEU A CD2   1 
ATOM   26   N N     . PRO A 1 33  ? 14.374  -0.684  -18.867 1.00 20.73 ? 33  PRO A N     1 
ATOM   27   C CA    . PRO A 1 33  ? 13.270  -1.571  -19.251 1.00 20.12 ? 33  PRO A CA    1 
ATOM   28   C C     . PRO A 1 33  ? 11.931  -0.849  -19.408 1.00 18.61 ? 33  PRO A C     1 
ATOM   29   O O     . PRO A 1 33  ? 11.601  0.048   -18.634 1.00 18.27 ? 33  PRO A O     1 
ATOM   30   C CB    . PRO A 1 33  ? 13.260  -2.613  -18.130 1.00 21.48 ? 33  PRO A CB    1 
ATOM   31   C CG    . PRO A 1 33  ? 13.809  -1.871  -16.958 1.00 22.04 ? 33  PRO A CG    1 
ATOM   32   C CD    . PRO A 1 33  ? 14.941  -1.083  -17.567 1.00 21.08 ? 33  PRO A CD    1 
ATOM   33   N N     . ALA A 1 34  ? 11.166  -1.243  -20.422 1.00 16.98 ? 34  ALA A N     1 
ATOM   34   C CA    . ALA A 1 34  ? 9.864   -0.634  -20.674 1.00 15.10 ? 34  ALA A CA    1 
ATOM   35   C C     . ALA A 1 34  ? 8.982   -0.774  -19.436 1.00 14.63 ? 34  ALA A C     1 
ATOM   36   O O     . ALA A 1 34  ? 8.264   0.155   -19.071 1.00 14.64 ? 34  ALA A O     1 
ATOM   37   C CB    . ALA A 1 34  ? 9.198   -1.296  -21.872 1.00 15.43 ? 34  ALA A CB    1 
ATOM   38   N N     . ASN A 1 35  ? 9.034   -1.946  -18.807 1.00 14.58 ? 35  ASN A N     1 
ATOM   39   C CA    . ASN A 1 35  ? 8.257   -2.225  -17.600 1.00 13.71 ? 35  ASN A CA    1 
ATOM   40   C C     . ASN A 1 35  ? 9.061   -3.120  -16.669 1.00 14.09 ? 35  ASN A C     1 
ATOM   41   O O     . ASN A 1 35  ? 9.735   -4.045  -17.118 1.00 12.74 ? 35  ASN A O     1 
ATOM   42   C CB    . ASN A 1 35  ? 6.943   -2.957  -17.921 1.00 11.93 ? 35  ASN A CB    1 
ATOM   43   C CG    . ASN A 1 35  ? 5.999   -2.140  -18.778 1.00 11.87 ? 35  ASN A CG    1 
ATOM   44   O OD1   . ASN A 1 35  ? 5.983   -2.269  -20.004 1.00 15.39 ? 35  ASN A OD1   1 
ATOM   45   N ND2   . ASN A 1 35  ? 5.207   -1.292  -18.137 1.00 9.39  ? 35  ASN A ND2   1 
ATOM   46   N N     . GLU A 1 36  ? 8.990   -2.847  -15.370 1.00 13.32 ? 36  GLU A N     1 
ATOM   47   C CA    . GLU A 1 36  ? 9.679   -3.674  -14.384 1.00 15.00 ? 36  GLU A CA    1 
ATOM   48   C C     . GLU A 1 36  ? 8.952   -3.650  -13.048 1.00 13.87 ? 36  GLU A C     1 
ATOM   49   O O     . GLU A 1 36  ? 8.666   -2.580  -12.513 1.00 12.15 ? 36  GLU A O     1 
ATOM   50   C CB    . GLU A 1 36  ? 11.126  -3.214  -14.169 1.00 17.57 ? 36  GLU A CB    1 
ATOM   51   C CG    . GLU A 1 36  ? 11.704  -3.728  -12.845 1.00 21.27 ? 36  GLU A CG    1 
ATOM   52   C CD    . GLU A 1 36  ? 13.206  -3.572  -12.733 1.00 23.20 ? 36  GLU A CD    1 
ATOM   53   O OE1   . GLU A 1 36  ? 13.731  -2.519  -13.145 1.00 24.56 ? 36  GLU A OE1   1 
ATOM   54   O OE2   . GLU A 1 36  ? 13.859  -4.506  -12.215 1.00 22.92 ? 36  GLU A OE2   1 
ATOM   55   N N     . PHE A 1 37  ? 8.643   -4.836  -12.530 1.00 13.42 ? 37  PHE A N     1 
ATOM   56   C CA    . PHE A 1 37  ? 7.974   -4.966  -11.239 1.00 13.36 ? 37  PHE A CA    1 
ATOM   57   C C     . PHE A 1 37  ? 8.985   -5.527  -10.250 1.00 13.05 ? 37  PHE A C     1 
ATOM   58   O O     . PHE A 1 37  ? 9.612   -6.551  -10.519 1.00 11.91 ? 37  PHE A O     1 
ATOM   59   C CB    . PHE A 1 37  ? 6.799   -5.947  -11.310 1.00 14.21 ? 37  PHE A CB    1 
ATOM   60   C CG    . PHE A 1 37  ? 5.740   -5.577  -12.309 1.00 16.95 ? 37  PHE A CG    1 
ATOM   61   C CD1   . PHE A 1 37  ? 5.935   -5.802  -13.669 1.00 15.81 ? 37  PHE A CD1   1 
ATOM   62   C CD2   . PHE A 1 37  ? 4.533   -5.034  -11.885 1.00 16.87 ? 37  PHE A CD2   1 
ATOM   63   C CE1   . PHE A 1 37  ? 4.937   -5.492  -14.595 1.00 17.67 ? 37  PHE A CE1   1 
ATOM   64   C CE2   . PHE A 1 37  ? 3.531   -4.722  -12.800 1.00 17.55 ? 37  PHE A CE2   1 
ATOM   65   C CZ    . PHE A 1 37  ? 3.734   -4.953  -14.157 1.00 16.65 ? 37  PHE A CZ    1 
ATOM   66   N N     . ARG A 1 38  ? 9.145   -4.868  -9.107  1.00 12.03 ? 38  ARG A N     1 
ATOM   67   C CA    . ARG A 1 38  ? 10.082  -5.353  -8.099  1.00 12.84 ? 38  ARG A CA    1 
ATOM   68   C C     . ARG A 1 38  ? 9.776   -4.795  -6.719  1.00 12.66 ? 38  ARG A C     1 
ATOM   69   O O     . ARG A 1 38  ? 9.085   -3.785  -6.583  1.00 12.90 ? 38  ARG A O     1 
ATOM   70   C CB    . ARG A 1 38  ? 11.520  -4.983  -8.478  1.00 13.55 ? 38  ARG A CB    1 
ATOM   71   C CG    . ARG A 1 38  ? 11.822  -3.489  -8.471  1.00 12.78 ? 38  ARG A CG    1 
ATOM   72   C CD    . ARG A 1 38  ? 13.316  -3.248  -8.648  1.00 13.14 ? 38  ARG A CD    1 
ATOM   73   N NE    . ARG A 1 38  ? 13.668  -1.834  -8.747  1.00 12.37 ? 38  ARG A NE    1 
ATOM   74   C CZ    . ARG A 1 38  ? 13.642  -0.970  -7.735  1.00 13.80 ? 38  ARG A CZ    1 
ATOM   75   N NH1   . ARG A 1 38  ? 13.274  -1.362  -6.521  1.00 11.64 ? 38  ARG A NH1   1 
ATOM   76   N NH2   . ARG A 1 38  ? 14.003  0.292   -7.938  1.00 12.79 ? 38  ARG A NH2   1 
ATOM   77   N N     . CYS A 1 39  ? 10.274  -5.471  -5.691  1.00 12.65 ? 39  CYS A N     1 
ATOM   78   C CA    . CYS A 1 39  ? 10.089  -4.991  -4.331  1.00 11.61 ? 39  CYS A CA    1 
ATOM   79   C C     . CYS A 1 39  ? 10.914  -3.718  -4.239  1.00 11.18 ? 39  CYS A C     1 
ATOM   80   O O     . CYS A 1 39  ? 11.943  -3.594  -4.904  1.00 12.34 ? 39  CYS A O     1 
ATOM   81   C CB    . CYS A 1 39  ? 10.607  -6.012  -3.317  1.00 11.80 ? 39  CYS A CB    1 
ATOM   82   S SG    . CYS A 1 39  ? 9.539   -7.448  -3.121  1.00 13.78 ? 39  CYS A SG    1 
ATOM   83   N N     . LEU A 1 40  ? 10.465  -2.772  -3.424  1.00 10.85 ? 40  LEU A N     1 
ATOM   84   C CA    . LEU A 1 40  ? 11.182  -1.512  -3.277  1.00 12.36 ? 40  LEU A CA    1 
ATOM   85   C C     . LEU A 1 40  ? 12.293  -1.604  -2.243  1.00 12.94 ? 40  LEU A C     1 
ATOM   86   O O     . LEU A 1 40  ? 12.363  -2.560  -1.472  1.00 14.22 ? 40  LEU A O     1 
ATOM   87   C CB    . LEU A 1 40  ? 10.212  -0.396  -2.883  1.00 10.69 ? 40  LEU A CB    1 
ATOM   88   C CG    . LEU A 1 40  ? 9.092   -0.101  -3.875  1.00 12.11 ? 40  LEU A CG    1 
ATOM   89   C CD1   . LEU A 1 40  ? 8.168   0.966   -3.297  1.00 13.92 ? 40  LEU A CD1   1 
ATOM   90   C CD2   . LEU A 1 40  ? 9.685   0.361   -5.205  1.00 13.62 ? 40  LEU A CD2   1 
ATOM   91   N N     . THR A 1 41  ? 13.166  -0.602  -2.253  1.00 14.31 ? 41  THR A N     1 
ATOM   92   C CA    . THR A 1 41  ? 14.278  -0.511  -1.314  1.00 16.16 ? 41  THR A CA    1 
ATOM   93   C C     . THR A 1 41  ? 14.291  0.928   -0.816  1.00 15.71 ? 41  THR A C     1 
ATOM   94   O O     . THR A 1 41  ? 13.664  1.803   -1.416  1.00 15.54 ? 41  THR A O     1 
ATOM   95   C CB    . THR A 1 41  ? 15.634  -0.804  -1.989  1.00 16.05 ? 41  THR A CB    1 
ATOM   96   O OG1   . THR A 1 41  ? 15.967  0.272   -2.875  1.00 18.33 ? 41  THR A OG1   1 
ATOM   97   C CG2   . THR A 1 41  ? 15.567  -2.104  -2.777  1.00 18.09 ? 41  THR A CG2   1 
ATOM   98   N N     . PRO A 1 42  ? 15.003  1.198   0.288   1.00 16.23 ? 42  PRO A N     1 
ATOM   99   C CA    . PRO A 1 42  ? 15.042  2.567   0.804   1.00 16.79 ? 42  PRO A CA    1 
ATOM   100  C C     . PRO A 1 42  ? 15.499  3.624   -0.205  1.00 17.00 ? 42  PRO A C     1 
ATOM   101  O O     . PRO A 1 42  ? 15.205  4.807   -0.046  1.00 16.06 ? 42  PRO A O     1 
ATOM   102  C CB    . PRO A 1 42  ? 15.960  2.457   2.027   1.00 18.68 ? 42  PRO A CB    1 
ATOM   103  C CG    . PRO A 1 42  ? 16.762  1.209   1.773   1.00 19.94 ? 42  PRO A CG    1 
ATOM   104  C CD    . PRO A 1 42  ? 15.757  0.282   1.158   1.00 17.92 ? 42  PRO A CD    1 
ATOM   105  N N     . GLU A 1 43  ? 16.210  3.203   -1.246  1.00 16.66 ? 43  GLU A N     1 
ATOM   106  C CA    . GLU A 1 43  ? 16.662  4.150   -2.258  1.00 17.79 ? 43  GLU A CA    1 
ATOM   107  C C     . GLU A 1 43  ? 15.487  4.680   -3.080  1.00 16.99 ? 43  GLU A C     1 
ATOM   108  O O     . GLU A 1 43  ? 15.616  5.681   -3.786  1.00 17.62 ? 43  GLU A O     1 
ATOM   109  C CB    . GLU A 1 43  ? 17.677  3.503   -3.205  1.00 21.23 ? 43  GLU A CB    1 
ATOM   110  C CG    . GLU A 1 43  ? 19.071  3.294   -2.630  1.00 25.70 ? 43  GLU A CG    1 
ATOM   111  C CD    . GLU A 1 43  ? 19.300  1.884   -2.119  1.00 30.58 ? 43  GLU A CD    1 
ATOM   112  O OE1   . GLU A 1 43  ? 20.438  1.383   -2.265  1.00 33.34 ? 43  GLU A OE1   1 
ATOM   113  O OE2   . GLU A 1 43  ? 18.354  1.280   -1.567  1.00 29.53 ? 43  GLU A OE2   1 
ATOM   114  N N     . ASP A 1 44  ? 14.345  4.004   -2.983  1.00 15.37 ? 44  ASP A N     1 
ATOM   115  C CA    . ASP A 1 44  ? 13.143  4.394   -3.722  1.00 14.51 ? 44  ASP A CA    1 
ATOM   116  C C     . ASP A 1 44  ? 12.233  5.330   -2.926  1.00 13.91 ? 44  ASP A C     1 
ATOM   117  O O     . ASP A 1 44  ? 11.238  5.824   -3.457  1.00 15.98 ? 44  ASP A O     1 
ATOM   118  C CB    . ASP A 1 44  ? 12.327  3.152   -4.115  1.00 13.62 ? 44  ASP A CB    1 
ATOM   119  C CG    . ASP A 1 44  ? 13.059  2.246   -5.089  1.00 13.81 ? 44  ASP A CG    1 
ATOM   120  O OD1   . ASP A 1 44  ? 13.418  2.710   -6.191  1.00 15.55 ? 44  ASP A OD1   1 
ATOM   121  O OD2   . ASP A 1 44  ? 13.266  1.060   -4.756  1.00 13.65 ? 44  ASP A OD2   1 
ATOM   122  N N     . ALA A 1 45  ? 12.571  5.566   -1.662  1.00 13.26 ? 45  ALA A N     1 
ATOM   123  C CA    . ALA A 1 45  ? 11.765  6.420   -0.792  1.00 13.20 ? 45  ALA A CA    1 
ATOM   124  C C     . ALA A 1 45  ? 11.416  7.783   -1.382  1.00 13.09 ? 45  ALA A C     1 
ATOM   125  O O     . ALA A 1 45  ? 10.256  8.196   -1.346  1.00 11.54 ? 45  ALA A O     1 
ATOM   126  C CB    . ALA A 1 45  ? 12.463  6.600   0.554   1.00 12.38 ? 45  ALA A CB    1 
ATOM   127  N N     . ALA A 1 46  ? 12.415  8.482   -1.915  1.00 11.86 ? 46  ALA A N     1 
ATOM   128  C CA    . ALA A 1 46  ? 12.199  9.800   -2.505  1.00 10.94 ? 46  ALA A CA    1 
ATOM   129  C C     . ALA A 1 46  ? 11.151  9.782   -3.614  1.00 9.59  ? 46  ALA A C     1 
ATOM   130  O O     . ALA A 1 46  ? 10.290  10.660  -3.672  1.00 10.30 ? 46  ALA A O     1 
ATOM   131  C CB    . ALA A 1 46  ? 13.519  10.352  -3.049  1.00 12.32 ? 46  ALA A CB    1 
ATOM   132  N N     . GLY A 1 47  ? 11.244  8.789   -4.497  1.00 9.45  ? 47  GLY A N     1 
ATOM   133  C CA    . GLY A 1 47  ? 10.301  8.662   -5.595  1.00 8.76  ? 47  GLY A CA    1 
ATOM   134  C C     . GLY A 1 47  ? 8.893   8.379   -5.105  1.00 7.97  ? 47  GLY A C     1 
ATOM   135  O O     . GLY A 1 47  ? 7.915   8.886   -5.658  1.00 7.79  ? 47  GLY A O     1 
ATOM   136  N N     . VAL A 1 48  ? 8.791   7.558   -4.067  1.00 6.72  ? 48  VAL A N     1 
ATOM   137  C CA    . VAL A 1 48  ? 7.502   7.225   -3.478  1.00 7.33  ? 48  VAL A CA    1 
ATOM   138  C C     . VAL A 1 48  ? 6.845   8.471   -2.893  1.00 7.35  ? 48  VAL A C     1 
ATOM   139  O O     . VAL A 1 48  ? 5.701   8.787   -3.214  1.00 7.78  ? 48  VAL A O     1 
ATOM   140  C CB    . VAL A 1 48  ? 7.663   6.181   -2.351  1.00 7.98  ? 48  VAL A CB    1 
ATOM   141  C CG1   . VAL A 1 48  ? 6.355   6.034   -1.574  1.00 7.91  ? 48  VAL A CG1   1 
ATOM   142  C CG2   . VAL A 1 48  ? 8.084   4.847   -2.947  1.00 6.35  ? 48  VAL A CG2   1 
ATOM   143  N N     . PHE A 1 49  ? 7.572   9.184   -2.038  1.00 9.26  ? 49  PHE A N     1 
ATOM   144  C CA    . PHE A 1 49  ? 7.015   10.380  -1.416  1.00 9.78  ? 49  PHE A CA    1 
ATOM   145  C C     . PHE A 1 49  ? 6.595   11.420  -2.448  1.00 9.80  ? 49  PHE A C     1 
ATOM   146  O O     . PHE A 1 49  ? 5.587   12.102  -2.271  1.00 8.51  ? 49  PHE A O     1 
ATOM   147  C CB    . PHE A 1 49  ? 8.010   11.003  -0.432  1.00 10.28 ? 49  PHE A CB    1 
ATOM   148  C CG    . PHE A 1 49  ? 7.436   12.149  0.360   1.00 11.11 ? 49  PHE A CG    1 
ATOM   149  C CD1   . PHE A 1 49  ? 6.420   11.931  1.287   1.00 12.47 ? 49  PHE A CD1   1 
ATOM   150  C CD2   . PHE A 1 49  ? 7.885   13.449  0.154   1.00 12.28 ? 49  PHE A CD2   1 
ATOM   151  C CE1   . PHE A 1 49  ? 5.858   12.989  1.996   1.00 12.15 ? 49  PHE A CE1   1 
ATOM   152  C CE2   . PHE A 1 49  ? 7.331   14.517  0.859   1.00 14.34 ? 49  PHE A CE2   1 
ATOM   153  C CZ    . PHE A 1 49  ? 6.314   14.286  1.782   1.00 13.15 ? 49  PHE A CZ    1 
ATOM   154  N N     . GLU A 1 50  ? 7.364   11.553  -3.525  1.00 9.41  ? 50  GLU A N     1 
ATOM   155  C CA    . GLU A 1 50  ? 7.006   12.523  -4.554  1.00 10.71 ? 50  GLU A CA    1 
ATOM   156  C C     . GLU A 1 50  ? 5.631   12.222  -5.115  1.00 9.93  ? 50  GLU A C     1 
ATOM   157  O O     . GLU A 1 50  ? 4.837   13.128  -5.342  1.00 10.88 ? 50  GLU A O     1 
ATOM   158  C CB    . GLU A 1 50  ? 8.030   12.535  -5.689  1.00 11.97 ? 50  GLU A CB    1 
ATOM   159  C CG    . GLU A 1 50  ? 9.247   13.392  -5.389  1.00 15.59 ? 50  GLU A CG    1 
ATOM   160  C CD    . GLU A 1 50  ? 8.872   14.798  -4.945  1.00 16.01 ? 50  GLU A CD    1 
ATOM   161  O OE1   . GLU A 1 50  ? 8.147   15.488  -5.694  1.00 18.52 ? 50  GLU A OE1   1 
ATOM   162  O OE2   . GLU A 1 50  ? 9.304   15.213  -3.849  1.00 18.40 ? 50  GLU A OE2   1 
ATOM   163  N N     . ILE A 1 51  ? 5.341   10.947  -5.340  1.00 9.68  ? 51  ILE A N     1 
ATOM   164  C CA    . ILE A 1 51  ? 4.031   10.588  -5.864  1.00 8.62  ? 51  ILE A CA    1 
ATOM   165  C C     . ILE A 1 51  ? 2.969   10.907  -4.814  1.00 9.27  ? 51  ILE A C     1 
ATOM   166  O O     . ILE A 1 51  ? 1.903   11.418  -5.148  1.00 10.79 ? 51  ILE A O     1 
ATOM   167  C CB    . ILE A 1 51  ? 3.963   9.093   -6.253  1.00 8.22  ? 51  ILE A CB    1 
ATOM   168  C CG1   . ILE A 1 51  ? 4.853   8.839   -7.472  1.00 10.47 ? 51  ILE A CG1   1 
ATOM   169  C CG2   . ILE A 1 51  ? 2.520   8.694   -6.562  1.00 8.05  ? 51  ILE A CG2   1 
ATOM   170  C CD1   . ILE A 1 51  ? 4.839   7.402   -7.964  1.00 10.38 ? 51  ILE A CD1   1 
ATOM   171  N N     . GLU A 1 52  ? 3.263   10.623  -3.545  1.00 10.70 ? 52  GLU A N     1 
ATOM   172  C CA    . GLU A 1 52  ? 2.307   10.898  -2.473  1.00 9.76  ? 52  GLU A CA    1 
ATOM   173  C C     . GLU A 1 52  ? 1.942   12.378  -2.392  1.00 10.56 ? 52  GLU A C     1 
ATOM   174  O O     . GLU A 1 52  ? 0.815   12.729  -2.048  1.00 10.29 ? 52  GLU A O     1 
ATOM   175  C CB    . GLU A 1 52  ? 2.865   10.481  -1.114  1.00 10.02 ? 52  GLU A CB    1 
ATOM   176  C CG    . GLU A 1 52  ? 3.123   9.000   -0.940  1.00 9.41  ? 52  GLU A CG    1 
ATOM   177  C CD    . GLU A 1 52  ? 3.395   8.661   0.513   1.00 12.14 ? 52  GLU A CD    1 
ATOM   178  O OE1   . GLU A 1 52  ? 2.421   8.523   1.281   1.00 9.76  ? 52  GLU A OE1   1 
ATOM   179  O OE2   . GLU A 1 52  ? 4.582   8.557   0.889   1.00 12.33 ? 52  GLU A OE2   1 
ATOM   180  N N     . ARG A 1 53  ? 2.905   13.246  -2.686  1.00 10.37 ? 53  ARG A N     1 
ATOM   181  C CA    . ARG A 1 53  ? 2.659   14.682  -2.631  1.00 11.44 ? 53  ARG A CA    1 
ATOM   182  C C     . ARG A 1 53  ? 1.456   15.061  -3.480  1.00 11.88 ? 53  ARG A C     1 
ATOM   183  O O     . ARG A 1 53  ? 0.593   15.828  -3.051  1.00 12.50 ? 53  ARG A O     1 
ATOM   184  C CB    . ARG A 1 53  ? 3.881   15.453  -3.125  1.00 14.41 ? 53  ARG A CB    1 
ATOM   185  C CG    . ARG A 1 53  ? 5.082   15.426  -2.203  1.00 17.28 ? 53  ARG A CG    1 
ATOM   186  C CD    . ARG A 1 53  ? 6.161   16.342  -2.758  1.00 21.28 ? 53  ARG A CD    1 
ATOM   187  N NE    . ARG A 1 53  ? 5.653   17.701  -2.936  1.00 23.00 ? 53  ARG A NE    1 
ATOM   188  C CZ    . ARG A 1 53  ? 6.168   18.589  -3.780  1.00 25.80 ? 53  ARG A CZ    1 
ATOM   189  N NH1   . ARG A 1 53  ? 7.210   18.262  -4.531  1.00 27.31 ? 53  ARG A NH1   1 
ATOM   190  N NH2   . ARG A 1 53  ? 5.640   19.802  -3.877  1.00 27.18 ? 53  ARG A NH2   1 
ATOM   191  N N     . GLU A 1 54  ? 1.402   14.518  -4.690  1.00 11.82 ? 54  GLU A N     1 
ATOM   192  C CA    . GLU A 1 54  ? 0.309   14.810  -5.604  1.00 12.01 ? 54  GLU A CA    1 
ATOM   193  C C     . GLU A 1 54  ? -0.894  13.914  -5.330  1.00 10.78 ? 54  GLU A C     1 
ATOM   194  O O     . GLU A 1 54  ? -2.033  14.374  -5.291  1.00 10.62 ? 54  GLU A O     1 
ATOM   195  C CB    . GLU A 1 54  ? 0.790   14.623  -7.048  1.00 13.27 ? 54  GLU A CB    1 
ATOM   196  C CG    . GLU A 1 54  ? -0.266  14.823  -8.134  1.00 15.18 ? 54  GLU A CG    1 
ATOM   197  C CD    . GLU A 1 54  ? -1.243  13.664  -8.232  1.00 16.17 ? 54  GLU A CD    1 
ATOM   198  O OE1   . GLU A 1 54  ? -0.831  12.514  -7.963  1.00 15.81 ? 54  GLU A OE1   1 
ATOM   199  O OE2   . GLU A 1 54  ? -2.414  13.897  -8.596  1.00 14.10 ? 54  GLU A OE2   1 
ATOM   200  N N     . ALA A 1 55  ? -0.625  12.631  -5.124  1.00 9.96  ? 55  ALA A N     1 
ATOM   201  C CA    . ALA A 1 55  ? -1.670  11.644  -4.890  1.00 8.20  ? 55  ALA A CA    1 
ATOM   202  C C     . ALA A 1 55  ? -2.491  11.823  -3.612  1.00 8.64  ? 55  ALA A C     1 
ATOM   203  O O     . ALA A 1 55  ? -3.695  11.556  -3.613  1.00 7.87  ? 55  ALA A O     1 
ATOM   204  C CB    . ALA A 1 55  ? -1.056  10.242  -4.921  1.00 6.68  ? 55  ALA A CB    1 
ATOM   205  N N     . PHE A 1 56  ? -1.847  12.266  -2.532  1.00 8.59  ? 56  PHE A N     1 
ATOM   206  C CA    . PHE A 1 56  ? -2.527  12.439  -1.249  1.00 10.44 ? 56  PHE A CA    1 
ATOM   207  C C     . PHE A 1 56  ? -2.527  13.865  -0.686  1.00 10.93 ? 56  PHE A C     1 
ATOM   208  O O     . PHE A 1 56  ? -3.582  14.443  -0.437  1.00 11.75 ? 56  PHE A O     1 
ATOM   209  C CB    . PHE A 1 56  ? -1.910  11.523  -0.184  1.00 9.80  ? 56  PHE A CB    1 
ATOM   210  C CG    . PHE A 1 56  ? -2.018  10.053  -0.485  1.00 9.68  ? 56  PHE A CG    1 
ATOM   211  C CD1   . PHE A 1 56  ? -0.971  9.375   -1.103  1.00 10.71 ? 56  PHE A CD1   1 
ATOM   212  C CD2   . PHE A 1 56  ? -3.150  9.331   -0.106  1.00 9.24  ? 56  PHE A CD2   1 
ATOM   213  C CE1   . PHE A 1 56  ? -1.043  8.001   -1.334  1.00 11.20 ? 56  PHE A CE1   1 
ATOM   214  C CE2   . PHE A 1 56  ? -3.233  7.955   -0.334  1.00 10.47 ? 56  PHE A CE2   1 
ATOM   215  C CZ    . PHE A 1 56  ? -2.177  7.288   -0.948  1.00 10.62 ? 56  PHE A CZ    1 
ATOM   216  N N     . ILE A 1 57  ? -1.342  14.422  -0.471  1.00 12.43 ? 57  ILE A N     1 
ATOM   217  C CA    . ILE A 1 57  ? -1.239  15.759  0.101   1.00 12.35 ? 57  ILE A CA    1 
ATOM   218  C C     . ILE A 1 57  ? -2.028  16.840  -0.639  1.00 14.74 ? 57  ILE A C     1 
ATOM   219  O O     . ILE A 1 57  ? -2.661  17.683  -0.004  1.00 13.97 ? 57  ILE A O     1 
ATOM   220  C CB    . ILE A 1 57  ? 0.240   16.193  0.223   1.00 13.28 ? 57  ILE A CB    1 
ATOM   221  C CG1   . ILE A 1 57  ? 1.001   15.161  1.059   1.00 12.57 ? 57  ILE A CG1   1 
ATOM   222  C CG2   . ILE A 1 57  ? 0.337   17.580  0.874   1.00 15.19 ? 57  ILE A CG2   1 
ATOM   223  C CD1   . ILE A 1 57  ? 2.467   15.474  1.263   1.00 13.57 ? 57  ILE A CD1   1 
ATOM   224  N N     . SER A 1 58  ? -2.011  16.825  -1.969  1.00 14.26 ? 58  SER A N     1 
ATOM   225  C CA    . SER A 1 58  ? -2.732  17.849  -2.722  1.00 17.37 ? 58  SER A CA    1 
ATOM   226  C C     . SER A 1 58  ? -4.227  17.669  -2.535  1.00 19.00 ? 58  SER A C     1 
ATOM   227  O O     . SER A 1 58  ? -5.025  18.572  -2.804  1.00 19.15 ? 58  SER A O     1 
ATOM   228  C CB    . SER A 1 58  ? -2.396  17.755  -4.209  1.00 17.98 ? 58  SER A CB    1 
ATOM   229  O OG    . SER A 1 58  ? -3.069  16.659  -4.806  1.00 16.72 ? 58  SER A OG    1 
ATOM   230  N N     . VAL A 1 59  ? -4.603  16.491  -2.065  1.00 19.66 ? 59  VAL A N     1 
ATOM   231  C CA    . VAL A 1 59  ? -6.000  16.192  -1.854  1.00 22.36 ? 59  VAL A CA    1 
ATOM   232  C C     . VAL A 1 59  ? -6.426  16.473  -0.434  1.00 22.40 ? 59  VAL A C     1 
ATOM   233  O O     . VAL A 1 59  ? -7.476  17.076  -0.209  1.00 23.61 ? 59  VAL A O     1 
ATOM   234  C CB    . VAL A 1 59  ? -6.296  14.714  -2.182  1.00 23.52 ? 59  VAL A CB    1 
ATOM   235  C CG1   . VAL A 1 59  ? -7.758  14.393  -1.900  1.00 24.80 ? 59  VAL A CG1   1 
ATOM   236  C CG2   . VAL A 1 59  ? -5.954  14.440  -3.634  1.00 24.34 ? 59  VAL A CG2   1 
ATOM   237  N N     . SER A 1 60  ? -5.609  16.066  0.525   1.00 22.84 ? 60  SER A N     1 
ATOM   238  C CA    . SER A 1 60  ? -6.017  16.278  1.892   1.00 23.16 ? 60  SER A CA    1 
ATOM   239  C C     . SER A 1 60  ? -5.056  17.038  2.770   1.00 23.45 ? 60  SER A C     1 
ATOM   240  O O     . SER A 1 60  ? -5.397  17.412  3.876   1.00 24.76 ? 60  SER A O     1 
ATOM   241  C CB    . SER A 1 60  ? -6.351  14.941  2.544   1.00 26.02 ? 60  SER A CB    1 
ATOM   242  O OG    . SER A 1 60  ? -5.306  14.004  2.342   1.00 27.36 ? 60  SER A OG    1 
ATOM   243  N N     . GLY A 1 61  ? -3.866  17.284  2.263   1.00 21.67 ? 61  GLY A N     1 
ATOM   244  C CA    . GLY A 1 61  ? -2.894  18.005  3.036   1.00 20.47 ? 61  GLY A CA    1 
ATOM   245  C C     . GLY A 1 61  ? -2.126  17.067  3.941   1.00 19.14 ? 61  GLY A C     1 
ATOM   246  O O     . GLY A 1 61  ? -1.401  17.505  4.837   1.00 19.14 ? 61  GLY A O     1 
ATOM   247  N N     . ASN A 1 62  ? -2.286  15.770  3.705   1.00 17.30 ? 62  ASN A N     1 
ATOM   248  C CA    . ASN A 1 62  ? -1.603  14.746  4.483   1.00 15.54 ? 62  ASN A CA    1 
ATOM   249  C C     . ASN A 1 62  ? -1.463  13.495  3.614   1.00 13.51 ? 62  ASN A C     1 
ATOM   250  O O     . ASN A 1 62  ? -2.099  13.372  2.566   1.00 12.07 ? 62  ASN A O     1 
ATOM   251  C CB    . ASN A 1 62  ? -2.406  14.414  5.753   1.00 17.21 ? 62  ASN A CB    1 
ATOM   252  C CG    . ASN A 1 62  ? -1.525  13.897  6.886   1.00 20.84 ? 62  ASN A CG    1 
ATOM   253  O OD1   . ASN A 1 62  ? -0.373  13.511  6.667   1.00 21.14 ? 62  ASN A OD1   1 
ATOM   254  N ND2   . ASN A 1 62  ? -2.067  13.881  8.105   1.00 21.06 ? 62  ASN A ND2   1 
ATOM   255  N N     . CYS A 1 63  ? -0.619  12.571  4.049   1.00 12.15 ? 63  CYS A N     1 
ATOM   256  C CA    . CYS A 1 63  ? -0.420  11.330  3.321   1.00 11.72 ? 63  CYS A CA    1 
ATOM   257  C C     . CYS A 1 63  ? -0.142  10.247  4.348   1.00 11.16 ? 63  CYS A C     1 
ATOM   258  O O     . CYS A 1 63  ? 0.205   10.550  5.495   1.00 9.85  ? 63  CYS A O     1 
ATOM   259  C CB    . CYS A 1 63  ? 0.742   11.454  2.333   1.00 13.32 ? 63  CYS A CB    1 
ATOM   260  S SG    . CYS A 1 63  ? 2.317   11.926  3.046   1.00 13.96 ? 63  CYS A SG    1 
ATOM   261  N N     . PRO A 1 64  ? -0.319  8.970   3.959   1.00 10.29 ? 64  PRO A N     1 
ATOM   262  C CA    . PRO A 1 64  ? -0.089  7.836   4.857   1.00 8.86  ? 64  PRO A CA    1 
ATOM   263  C C     . PRO A 1 64  ? 1.338   7.642   5.352   1.00 10.84 ? 64  PRO A C     1 
ATOM   264  O O     . PRO A 1 64  ? 1.545   7.203   6.480   1.00 11.10 ? 64  PRO A O     1 
ATOM   265  C CB    . PRO A 1 64  ? -0.599  6.638   4.046   1.00 8.64  ? 64  PRO A CB    1 
ATOM   266  C CG    . PRO A 1 64  ? -0.443  7.082   2.627   1.00 9.89  ? 64  PRO A CG    1 
ATOM   267  C CD    . PRO A 1 64  ? -0.897  8.516   2.684   1.00 8.75  ? 64  PRO A CD    1 
ATOM   268  N N     . LEU A 1 65  ? 2.322   7.974   4.524   1.00 9.93  ? 65  LEU A N     1 
ATOM   269  C CA    . LEU A 1 65  ? 3.713   7.793   4.916   1.00 10.88 ? 65  LEU A CA    1 
ATOM   270  C C     . LEU A 1 65  ? 4.604   8.961   4.526   1.00 11.05 ? 65  LEU A C     1 
ATOM   271  O O     . LEU A 1 65  ? 4.680   9.315   3.350   1.00 9.93  ? 65  LEU A O     1 
ATOM   272  C CB    . LEU A 1 65  ? 4.276   6.529   4.263   1.00 10.25 ? 65  LEU A CB    1 
ATOM   273  C CG    . LEU A 1 65  ? 3.556   5.201   4.500   1.00 10.43 ? 65  LEU A CG    1 
ATOM   274  C CD1   . LEU A 1 65  ? 4.044   4.191   3.482   1.00 9.48  ? 65  LEU A CD1   1 
ATOM   275  C CD2   . LEU A 1 65  ? 3.821   4.698   5.917   1.00 9.80  ? 65  LEU A CD2   1 
ATOM   276  N N     . ASN A 1 66  ? 5.277   9.570   5.500   1.00 12.23 ? 66  ASN A N     1 
ATOM   277  C CA    . ASN A 1 66  ? 6.188   10.655  5.163   1.00 12.14 ? 66  ASN A CA    1 
ATOM   278  C C     . ASN A 1 66  ? 7.483   9.959   4.767   1.00 13.11 ? 66  ASN A C     1 
ATOM   279  O O     . ASN A 1 66  ? 7.562   8.730   4.827   1.00 12.62 ? 66  ASN A O     1 
ATOM   280  C CB    . ASN A 1 66  ? 6.408   11.627  6.340   1.00 12.77 ? 66  ASN A CB    1 
ATOM   281  C CG    . ASN A 1 66  ? 6.946   10.955  7.593   1.00 11.98 ? 66  ASN A CG    1 
ATOM   282  O OD1   . ASN A 1 66  ? 7.687   9.971   7.532   1.00 13.29 ? 66  ASN A OD1   1 
ATOM   283  N ND2   . ASN A 1 66  ? 6.594   11.512  8.748   1.00 12.54 ? 66  ASN A ND2   1 
ATOM   284  N N     . LEU A 1 67  ? 8.488   10.723  4.353   1.00 13.17 ? 67  LEU A N     1 
ATOM   285  C CA    . LEU A 1 67  ? 9.750   10.127  3.924   1.00 13.96 ? 67  LEU A CA    1 
ATOM   286  C C     . LEU A 1 67  ? 10.356  9.151   4.927   1.00 13.94 ? 67  LEU A C     1 
ATOM   287  O O     . LEU A 1 67  ? 10.754  8.047   4.556   1.00 13.59 ? 67  LEU A O     1 
ATOM   288  C CB    . LEU A 1 67  ? 10.772  11.216  3.590   1.00 14.77 ? 67  LEU A CB    1 
ATOM   289  C CG    . LEU A 1 67  ? 12.099  10.718  3.005   1.00 16.69 ? 67  LEU A CG    1 
ATOM   290  C CD1   . LEU A 1 67  ? 11.847  10.030  1.668   1.00 17.56 ? 67  LEU A CD1   1 
ATOM   291  C CD2   . LEU A 1 67  ? 13.053  11.892  2.822   1.00 19.10 ? 67  LEU A CD2   1 
ATOM   292  N N     . ASP A 1 68  ? 10.429  9.549   6.193   1.00 12.76 ? 68  ASP A N     1 
ATOM   293  C CA    . ASP A 1 68  ? 11.003  8.678   7.210   1.00 12.83 ? 68  ASP A CA    1 
ATOM   294  C C     . ASP A 1 68  ? 10.218  7.373   7.355   1.00 12.10 ? 68  ASP A C     1 
ATOM   295  O O     . ASP A 1 68  ? 10.804  6.303   7.504   1.00 11.92 ? 68  ASP A O     1 
ATOM   296  C CB    . ASP A 1 68  ? 11.061  9.398   8.555   1.00 16.50 ? 68  ASP A CB    1 
ATOM   297  C CG    . ASP A 1 68  ? 11.879  8.638   9.579   1.00 21.97 ? 68  ASP A CG    1 
ATOM   298  O OD1   . ASP A 1 68  ? 13.059  8.342   9.288   1.00 24.82 ? 68  ASP A OD1   1 
ATOM   299  O OD2   . ASP A 1 68  ? 11.348  8.338   10.671  1.00 25.24 ? 68  ASP A OD2   1 
ATOM   300  N N     . GLU A 1 69  ? 8.893   7.466   7.312   1.00 11.77 ? 69  GLU A N     1 
ATOM   301  C CA    . GLU A 1 69  ? 8.043   6.288   7.441   1.00 12.03 ? 69  GLU A CA    1 
ATOM   302  C C     . GLU A 1 69  ? 8.192   5.361   6.237   1.00 12.08 ? 69  GLU A C     1 
ATOM   303  O O     . GLU A 1 69  ? 8.145   4.139   6.379   1.00 12.06 ? 69  GLU A O     1 
ATOM   304  C CB    . GLU A 1 69  ? 6.591   6.723   7.633   1.00 12.84 ? 69  GLU A CB    1 
ATOM   305  C CG    . GLU A 1 69  ? 6.428   7.584   8.881   1.00 14.70 ? 69  GLU A CG    1 
ATOM   306  C CD    . GLU A 1 69  ? 5.057   8.209   9.012   1.00 16.51 ? 69  GLU A CD    1 
ATOM   307  O OE1   . GLU A 1 69  ? 4.531   8.709   7.999   1.00 15.40 ? 69  GLU A OE1   1 
ATOM   308  O OE2   . GLU A 1 69  ? 4.513   8.221   10.139  1.00 15.86 ? 69  GLU A OE2   1 
ATOM   309  N N     . VAL A 1 70  ? 8.375   5.934   5.051   1.00 11.82 ? 70  VAL A N     1 
ATOM   310  C CA    . VAL A 1 70  ? 8.573   5.111   3.862   1.00 10.64 ? 70  VAL A CA    1 
ATOM   311  C C     . VAL A 1 70  ? 9.879   4.341   4.045   1.00 11.86 ? 70  VAL A C     1 
ATOM   312  O O     . VAL A 1 70  ? 9.929   3.128   3.849   1.00 10.51 ? 70  VAL A O     1 
ATOM   313  C CB    . VAL A 1 70  ? 8.669   5.966   2.579   1.00 11.75 ? 70  VAL A CB    1 
ATOM   314  C CG1   . VAL A 1 70  ? 9.155   5.115   1.415   1.00 11.25 ? 70  VAL A CG1   1 
ATOM   315  C CG2   . VAL A 1 70  ? 7.308   6.545   2.244   1.00 9.34  ? 70  VAL A CG2   1 
ATOM   316  N N     . GLN A 1 71  ? 10.932  5.051   4.443   1.00 12.79 ? 71  GLN A N     1 
ATOM   317  C CA    . GLN A 1 71  ? 12.237  4.428   4.654   1.00 13.97 ? 71  GLN A CA    1 
ATOM   318  C C     . GLN A 1 71  ? 12.174  3.378   5.761   1.00 12.77 ? 71  GLN A C     1 
ATOM   319  O O     . GLN A 1 71  ? 12.874  2.371   5.712   1.00 12.68 ? 71  GLN A O     1 
ATOM   320  C CB    . GLN A 1 71  ? 13.275  5.494   5.005   1.00 16.02 ? 71  GLN A CB    1 
ATOM   321  C CG    . GLN A 1 71  ? 13.355  6.610   3.974   1.00 20.25 ? 71  GLN A CG    1 
ATOM   322  C CD    . GLN A 1 71  ? 14.407  7.652   4.303   1.00 24.31 ? 71  GLN A CD    1 
ATOM   323  O OE1   . GLN A 1 71  ? 14.495  8.128   5.436   1.00 26.44 ? 71  GLN A OE1   1 
ATOM   324  N NE2   . GLN A 1 71  ? 15.202  8.023   3.306   1.00 24.90 ? 71  GLN A NE2   1 
ATOM   325  N N     . HIS A 1 72  ? 11.328  3.619   6.754   1.00 12.50 ? 72  HIS A N     1 
ATOM   326  C CA    . HIS A 1 72  ? 11.180  2.687   7.867   1.00 12.25 ? 72  HIS A CA    1 
ATOM   327  C C     . HIS A 1 72  ? 10.722  1.314   7.388   1.00 11.33 ? 72  HIS A C     1 
ATOM   328  O O     . HIS A 1 72  ? 11.359  0.300   7.681   1.00 10.64 ? 72  HIS A O     1 
ATOM   329  C CB    . HIS A 1 72  ? 10.175  3.236   8.882   1.00 13.05 ? 72  HIS A CB    1 
ATOM   330  C CG    . HIS A 1 72  ? 9.953   2.342   10.063  1.00 13.44 ? 72  HIS A CG    1 
ATOM   331  N ND1   . HIS A 1 72  ? 10.940  2.062   10.984  1.00 13.69 ? 72  HIS A ND1   1 
ATOM   332  C CD2   . HIS A 1 72  ? 8.849   1.680   10.484  1.00 15.03 ? 72  HIS A CD2   1 
ATOM   333  C CE1   . HIS A 1 72  ? 10.455  1.270   11.922  1.00 15.50 ? 72  HIS A CE1   1 
ATOM   334  N NE2   . HIS A 1 72  ? 9.187   1.023   11.643  1.00 15.39 ? 72  HIS A NE2   1 
ATOM   335  N N     . PHE A 1 73  ? 9.621   1.275   6.647   1.00 9.95  ? 73  PHE A N     1 
ATOM   336  C CA    . PHE A 1 73  ? 9.104   0.004   6.164   1.00 9.78  ? 73  PHE A CA    1 
ATOM   337  C C     . PHE A 1 73  ? 9.955   -0.634  5.066   1.00 9.77  ? 73  PHE A C     1 
ATOM   338  O O     . PHE A 1 73  ? 10.052  -1.860  4.987   1.00 10.25 ? 73  PHE A O     1 
ATOM   339  C CB    . PHE A 1 73  ? 7.648   0.162   5.700   1.00 9.24  ? 73  PHE A CB    1 
ATOM   340  C CG    . PHE A 1 73  ? 6.690   0.444   6.823   1.00 9.67  ? 73  PHE A CG    1 
ATOM   341  C CD1   . PHE A 1 73  ? 6.660   -0.374  7.951   1.00 8.58  ? 73  PHE A CD1   1 
ATOM   342  C CD2   . PHE A 1 73  ? 5.816   1.524   6.761   1.00 11.16 ? 73  PHE A CD2   1 
ATOM   343  C CE1   . PHE A 1 73  ? 5.777   -0.121  8.999   1.00 9.57  ? 73  PHE A CE1   1 
ATOM   344  C CE2   . PHE A 1 73  ? 4.929   1.786   7.802   1.00 12.42 ? 73  PHE A CE2   1 
ATOM   345  C CZ    . PHE A 1 73  ? 4.908   0.961   8.924   1.00 12.30 ? 73  PHE A CZ    1 
ATOM   346  N N     . LEU A 1 74  ? 10.580  0.184   4.223   1.00 8.54  ? 74  LEU A N     1 
ATOM   347  C CA    . LEU A 1 74  ? 11.418  -0.361  3.163   1.00 8.68  ? 74  LEU A CA    1 
ATOM   348  C C     . LEU A 1 74  ? 12.734  -0.882  3.733   1.00 9.68  ? 74  LEU A C     1 
ATOM   349  O O     . LEU A 1 74  ? 13.520  -1.510  3.030   1.00 9.93  ? 74  LEU A O     1 
ATOM   350  C CB    . LEU A 1 74  ? 11.683  0.694   2.085   1.00 8.88  ? 74  LEU A CB    1 
ATOM   351  C CG    . LEU A 1 74  ? 10.430  1.174   1.342   1.00 9.23  ? 74  LEU A CG    1 
ATOM   352  C CD1   . LEU A 1 74  ? 10.829  2.017   0.147   1.00 9.50  ? 74  LEU A CD1   1 
ATOM   353  C CD2   . LEU A 1 74  ? 9.614   -0.029  0.879   1.00 8.05  ? 74  LEU A CD2   1 
ATOM   354  N N     . THR A 1 75  ? 12.969  -0.615  5.013   1.00 10.22 ? 75  THR A N     1 
ATOM   355  C CA    . THR A 1 75  ? 14.179  -1.092  5.673   1.00 11.92 ? 75  THR A CA    1 
ATOM   356  C C     . THR A 1 75  ? 13.849  -2.369  6.443   1.00 12.50 ? 75  THR A C     1 
ATOM   357  O O     . THR A 1 75  ? 14.537  -3.380  6.312   1.00 12.23 ? 75  THR A O     1 
ATOM   358  C CB    . THR A 1 75  ? 14.744  -0.032  6.655   1.00 12.78 ? 75  THR A CB    1 
ATOM   359  O OG1   . THR A 1 75  ? 15.212  1.102   5.916   1.00 13.80 ? 75  THR A OG1   1 
ATOM   360  C CG2   . THR A 1 75  ? 15.903  -0.604  7.467   1.00 13.65 ? 75  THR A CG2   1 
ATOM   361  N N     . LEU A 1 76  ? 12.779  -2.321  7.230   1.00 12.36 ? 76  LEU A N     1 
ATOM   362  C CA    . LEU A 1 76  ? 12.370  -3.466  8.038   1.00 12.70 ? 76  LEU A CA    1 
ATOM   363  C C     . LEU A 1 76  ? 11.690  -4.583  7.262   1.00 13.24 ? 76  LEU A C     1 
ATOM   364  O O     . LEU A 1 76  ? 11.904  -5.763  7.541   1.00 14.08 ? 76  LEU A O     1 
ATOM   365  C CB    . LEU A 1 76  ? 11.432  -3.020  9.159   1.00 12.86 ? 76  LEU A CB    1 
ATOM   366  C CG    . LEU A 1 76  ? 11.946  -2.054  10.224  1.00 14.64 ? 76  LEU A CG    1 
ATOM   367  C CD1   . LEU A 1 76  ? 10.904  -1.937  11.318  1.00 15.43 ? 76  LEU A CD1   1 
ATOM   368  C CD2   . LEU A 1 76  ? 13.252  -2.558  10.802  1.00 16.42 ? 76  LEU A CD2   1 
ATOM   369  N N     . CYS A 1 77  ? 10.865  -4.220  6.289   1.00 11.05 ? 77  CYS A N     1 
ATOM   370  C CA    . CYS A 1 77  ? 10.155  -5.233  5.531   1.00 10.92 ? 77  CYS A CA    1 
ATOM   371  C C     . CYS A 1 77  ? 9.934   -4.865  4.067   1.00 10.92 ? 77  CYS A C     1 
ATOM   372  O O     . CYS A 1 77  ? 8.805   -4.610  3.644   1.00 9.90  ? 77  CYS A O     1 
ATOM   373  C CB    . CYS A 1 77  ? 8.818   -5.525  6.225   1.00 8.90  ? 77  CYS A CB    1 
ATOM   374  S SG    . CYS A 1 77  ? 7.835   -4.059  6.619   1.00 11.26 ? 77  CYS A SG    1 
ATOM   375  N N     . PRO A 1 78  ? 11.019  -4.835  3.271   1.00 12.35 ? 78  PRO A N     1 
ATOM   376  C CA    . PRO A 1 78  ? 10.971  -4.503  1.842   1.00 12.64 ? 78  PRO A CA    1 
ATOM   377  C C     . PRO A 1 78  ? 10.170  -5.543  1.064   1.00 12.59 ? 78  PRO A C     1 
ATOM   378  O O     . PRO A 1 78  ? 9.553   -5.233  0.043   1.00 12.39 ? 78  PRO A O     1 
ATOM   379  C CB    . PRO A 1 78  ? 12.443  -4.517  1.428   1.00 13.23 ? 78  PRO A CB    1 
ATOM   380  C CG    . PRO A 1 78  ? 13.172  -4.249  2.694   1.00 15.67 ? 78  PRO A CG    1 
ATOM   381  C CD    . PRO A 1 78  ? 12.410  -5.043  3.705   1.00 12.49 ? 78  PRO A CD    1 
ATOM   382  N N     . GLU A 1 79  ? 10.193  -6.782  1.549   1.00 12.17 ? 79  GLU A N     1 
ATOM   383  C CA    . GLU A 1 79  ? 9.479   -7.866  0.890   1.00 11.17 ? 79  GLU A CA    1 
ATOM   384  C C     . GLU A 1 79  ? 7.968   -7.633  0.885   1.00 10.32 ? 79  GLU A C     1 
ATOM   385  O O     . GLU A 1 79  ? 7.232   -8.310  0.165   1.00 9.09  ? 79  GLU A O     1 
ATOM   386  C CB    . GLU A 1 79  ? 9.811   -9.214  1.554   1.00 13.18 ? 79  GLU A CB    1 
ATOM   387  C CG    . GLU A 1 79  ? 9.292   -9.382  2.980   1.00 13.30 ? 79  GLU A CG    1 
ATOM   388  C CD    . GLU A 1 79  ? 10.215  -8.796  4.038   1.00 16.83 ? 79  GLU A CD    1 
ATOM   389  O OE1   . GLU A 1 79  ? 11.147  -8.038  3.691   1.00 13.43 ? 79  GLU A OE1   1 
ATOM   390  O OE2   . GLU A 1 79  ? 9.989   -9.093  5.232   1.00 19.12 ? 79  GLU A OE2   1 
ATOM   391  N N     . LEU A 1 80  ? 7.505   -6.676  1.686   1.00 8.68  ? 80  LEU A N     1 
ATOM   392  C CA    . LEU A 1 80  ? 6.079   -6.371  1.724   1.00 9.01  ? 80  LEU A CA    1 
ATOM   393  C C     . LEU A 1 80  ? 5.758   -5.121  0.901   1.00 8.23  ? 80  LEU A C     1 
ATOM   394  O O     . LEU A 1 80  ? 4.710   -4.490  1.078   1.00 7.52  ? 80  LEU A O     1 
ATOM   395  C CB    . LEU A 1 80  ? 5.593   -6.217  3.174   1.00 8.78  ? 80  LEU A CB    1 
ATOM   396  C CG    . LEU A 1 80  ? 5.601   -7.521  3.987   1.00 9.66  ? 80  LEU A CG    1 
ATOM   397  C CD1   . LEU A 1 80  ? 5.031   -7.270  5.375   1.00 8.90  ? 80  LEU A CD1   1 
ATOM   398  C CD2   . LEU A 1 80  ? 4.794   -8.588  3.263   1.00 10.68 ? 80  LEU A CD2   1 
ATOM   399  N N     . SER A 1 81  ? 6.668   -4.773  -0.008  1.00 8.13  ? 81  SER A N     1 
ATOM   400  C CA    . SER A 1 81  ? 6.472   -3.629  -0.890  1.00 8.43  ? 81  SER A CA    1 
ATOM   401  C C     . SER A 1 81  ? 6.556   -4.102  -2.338  1.00 10.41 ? 81  SER A C     1 
ATOM   402  O O     . SER A 1 81  ? 7.097   -5.174  -2.621  1.00 7.83  ? 81  SER A O     1 
ATOM   403  C CB    . SER A 1 81  ? 7.533   -2.547  -0.647  1.00 8.99  ? 81  SER A CB    1 
ATOM   404  O OG    . SER A 1 81  ? 8.798   -2.926  -1.174  1.00 9.14  ? 81  SER A OG    1 
ATOM   405  N N     . LEU A 1 82  ? 6.020   -3.296  -3.246  1.00 10.90 ? 82  LEU A N     1 
ATOM   406  C CA    . LEU A 1 82  ? 6.039   -3.612  -4.667  1.00 11.08 ? 82  LEU A CA    1 
ATOM   407  C C     . LEU A 1 82  ? 6.010   -2.322  -5.478  1.00 9.88  ? 82  LEU A C     1 
ATOM   408  O O     . LEU A 1 82  ? 5.244   -1.405  -5.176  1.00 9.43  ? 82  LEU A O     1 
ATOM   409  C CB    . LEU A 1 82  ? 4.830   -4.472  -5.038  1.00 13.60 ? 82  LEU A CB    1 
ATOM   410  C CG    . LEU A 1 82  ? 4.716   -4.891  -6.504  1.00 17.23 ? 82  LEU A CG    1 
ATOM   411  C CD1   . LEU A 1 82  ? 5.970   -5.644  -6.926  1.00 16.76 ? 82  LEU A CD1   1 
ATOM   412  C CD2   . LEU A 1 82  ? 3.479   -5.766  -6.686  1.00 17.57 ? 82  LEU A CD2   1 
ATOM   413  N N     . GLY A 1 83  ? 6.847   -2.257  -6.505  1.00 6.81  ? 83  GLY A N     1 
ATOM   414  C CA    . GLY A 1 83  ? 6.884   -1.078  -7.340  1.00 6.79  ? 83  GLY A CA    1 
ATOM   415  C C     . GLY A 1 83  ? 6.833   -1.422  -8.814  1.00 6.43  ? 83  GLY A C     1 
ATOM   416  O O     . GLY A 1 83  ? 7.323   -2.473  -9.238  1.00 7.30  ? 83  GLY A O     1 
ATOM   417  N N     . TRP A 1 84  ? 6.214   -0.534  -9.586  1.00 6.67  ? 84  TRP A N     1 
ATOM   418  C CA    . TRP A 1 84  ? 6.089   -0.685  -11.025 1.00 7.28  ? 84  TRP A CA    1 
ATOM   419  C C     . TRP A 1 84  ? 6.890   0.460   -11.625 1.00 8.61  ? 84  TRP A C     1 
ATOM   420  O O     . TRP A 1 84  ? 6.607   1.626   -11.347 1.00 8.38  ? 84  TRP A O     1 
ATOM   421  C CB    . TRP A 1 84  ? 4.629   -0.541  -11.451 1.00 6.91  ? 84  TRP A CB    1 
ATOM   422  C CG    . TRP A 1 84  ? 4.348   -0.924  -12.876 1.00 9.19  ? 84  TRP A CG    1 
ATOM   423  C CD1   . TRP A 1 84  ? 5.203   -0.848  -13.949 1.00 8.25  ? 84  TRP A CD1   1 
ATOM   424  C CD2   . TRP A 1 84  ? 3.099   -1.393  -13.393 1.00 9.11  ? 84  TRP A CD2   1 
ATOM   425  N NE1   . TRP A 1 84  ? 4.552   -1.241  -15.100 1.00 10.38 ? 84  TRP A NE1   1 
ATOM   426  C CE2   . TRP A 1 84  ? 3.262   -1.580  -14.786 1.00 9.59  ? 84  TRP A CE2   1 
ATOM   427  C CE3   . TRP A 1 84  ? 1.852   -1.672  -12.814 1.00 11.44 ? 84  TRP A CE3   1 
ATOM   428  C CZ2   . TRP A 1 84  ? 2.227   -2.035  -15.606 1.00 8.62  ? 84  TRP A CZ2   1 
ATOM   429  C CZ3   . TRP A 1 84  ? 0.823   -2.125  -13.629 1.00 11.83 ? 84  TRP A CZ3   1 
ATOM   430  C CH2   . TRP A 1 84  ? 1.018   -2.302  -15.012 1.00 11.54 ? 84  TRP A CH2   1 
ATOM   431  N N     . PHE A 1 85  ? 7.886   0.126   -12.434 1.00 7.19  ? 85  PHE A N     1 
ATOM   432  C CA    . PHE A 1 85  ? 8.710   1.140   -13.070 1.00 7.85  ? 85  PHE A CA    1 
ATOM   433  C C     . PHE A 1 85  ? 8.505   1.109   -14.576 1.00 9.06  ? 85  PHE A C     1 
ATOM   434  O O     . PHE A 1 85  ? 8.411   0.038   -15.182 1.00 6.83  ? 85  PHE A O     1 
ATOM   435  C CB    . PHE A 1 85  ? 10.197  0.914   -12.755 1.00 8.88  ? 85  PHE A CB    1 
ATOM   436  C CG    . PHE A 1 85  ? 10.534  1.025   -11.294 1.00 9.48  ? 85  PHE A CG    1 
ATOM   437  C CD1   . PHE A 1 85  ? 10.227  -0.007  -10.415 1.00 9.19  ? 85  PHE A CD1   1 
ATOM   438  C CD2   . PHE A 1 85  ? 11.145  2.169   -10.792 1.00 10.88 ? 85  PHE A CD2   1 
ATOM   439  C CE1   . PHE A 1 85  ? 10.522  0.094   -9.058  1.00 10.17 ? 85  PHE A CE1   1 
ATOM   440  C CE2   . PHE A 1 85  ? 11.445  2.282   -9.433  1.00 11.01 ? 85  PHE A CE2   1 
ATOM   441  C CZ    . PHE A 1 85  ? 11.132  1.242   -8.566  1.00 11.17 ? 85  PHE A CZ    1 
ATOM   442  N N     . VAL A 1 86  ? 8.416   2.295   -15.167 1.00 9.72  ? 86  VAL A N     1 
ATOM   443  C CA    . VAL A 1 86  ? 8.247   2.439   -16.606 1.00 11.19 ? 86  VAL A CA    1 
ATOM   444  C C     . VAL A 1 86  ? 9.400   3.287   -17.120 1.00 10.47 ? 86  VAL A C     1 
ATOM   445  O O     . VAL A 1 86  ? 9.552   4.439   -16.720 1.00 10.16 ? 86  VAL A O     1 
ATOM   446  C CB    . VAL A 1 86  ? 6.916   3.127   -16.949 1.00 12.28 ? 86  VAL A CB    1 
ATOM   447  C CG1   . VAL A 1 86  ? 6.864   3.446   -18.433 1.00 13.80 ? 86  VAL A CG1   1 
ATOM   448  C CG2   . VAL A 1 86  ? 5.755   2.221   -16.567 1.00 11.71 ? 86  VAL A CG2   1 
ATOM   449  N N     . GLU A 1 87  ? 10.216  2.708   -17.994 1.00 11.46 ? 87  GLU A N     1 
ATOM   450  C CA    . GLU A 1 87  ? 11.372  3.401   -18.548 1.00 12.73 ? 87  GLU A CA    1 
ATOM   451  C C     . GLU A 1 87  ? 12.219  4.020   -17.431 1.00 13.57 ? 87  GLU A C     1 
ATOM   452  O O     . GLU A 1 87  ? 12.568  5.203   -17.477 1.00 13.12 ? 87  GLU A O     1 
ATOM   453  C CB    . GLU A 1 87  ? 10.923  4.481   -19.538 1.00 16.12 ? 87  GLU A CB    1 
ATOM   454  C CG    . GLU A 1 87  ? 10.050  3.962   -20.682 1.00 18.75 ? 87  GLU A CG    1 
ATOM   455  C CD    . GLU A 1 87  ? 10.774  3.002   -21.621 1.00 23.08 ? 87  GLU A CD    1 
ATOM   456  O OE1   . GLU A 1 87  ? 10.116  2.452   -22.532 1.00 25.49 ? 87  GLU A OE1   1 
ATOM   457  O OE2   . GLU A 1 87  ? 11.993  2.795   -21.456 1.00 24.97 ? 87  GLU A OE2   1 
ATOM   458  N N     . GLY A 1 88  ? 12.528  3.205   -16.425 1.00 12.92 ? 88  GLY A N     1 
ATOM   459  C CA    . GLY A 1 88  ? 13.354  3.638   -15.309 1.00 11.35 ? 88  GLY A CA    1 
ATOM   460  C C     . GLY A 1 88  ? 12.747  4.563   -14.267 1.00 12.09 ? 88  GLY A C     1 
ATOM   461  O O     . GLY A 1 88  ? 13.470  5.095   -13.424 1.00 11.56 ? 88  GLY A O     1 
ATOM   462  N N     . ARG A 1 89  ? 11.433  4.752   -14.300 1.00 9.76  ? 89  ARG A N     1 
ATOM   463  C CA    . ARG A 1 89  ? 10.779  5.642   -13.348 1.00 9.54  ? 89  ARG A CA    1 
ATOM   464  C C     . ARG A 1 89  ? 9.585   4.979   -12.670 1.00 8.29  ? 89  ARG A C     1 
ATOM   465  O O     . ARG A 1 89  ? 8.803   4.291   -13.316 1.00 10.00 ? 89  ARG A O     1 
ATOM   466  C CB    . ARG A 1 89  ? 10.311  6.906   -14.068 1.00 10.32 ? 89  ARG A CB    1 
ATOM   467  C CG    . ARG A 1 89  ? 11.399  7.596   -14.872 1.00 11.14 ? 89  ARG A CG    1 
ATOM   468  C CD    . ARG A 1 89  ? 12.366  8.348   -13.976 1.00 10.85 ? 89  ARG A CD    1 
ATOM   469  N NE    . ARG A 1 89  ? 13.378  9.047   -14.762 1.00 10.54 ? 89  ARG A NE    1 
ATOM   470  C CZ    . ARG A 1 89  ? 14.556  8.536   -15.102 1.00 11.19 ? 89  ARG A CZ    1 
ATOM   471  N NH1   . ARG A 1 89  ? 14.895  7.309   -14.723 1.00 10.60 ? 89  ARG A NH1   1 
ATOM   472  N NH2   . ARG A 1 89  ? 15.397  9.256   -15.831 1.00 12.09 ? 89  ARG A NH2   1 
ATOM   473  N N     . LEU A 1 90  ? 9.447   5.200   -11.365 1.00 9.76  ? 90  LEU A N     1 
ATOM   474  C CA    . LEU A 1 90  ? 8.342   4.629   -10.594 1.00 8.84  ? 90  LEU A CA    1 
ATOM   475  C C     . LEU A 1 90  ? 7.006   5.263   -10.997 1.00 8.55  ? 90  LEU A C     1 
ATOM   476  O O     . LEU A 1 90  ? 6.890   6.487   -11.052 1.00 9.99  ? 90  LEU A O     1 
ATOM   477  C CB    . LEU A 1 90  ? 8.581   4.858   -9.097  1.00 8.50  ? 90  LEU A CB    1 
ATOM   478  C CG    . LEU A 1 90  ? 7.518   4.316   -8.134  1.00 8.72  ? 90  LEU A CG    1 
ATOM   479  C CD1   . LEU A 1 90  ? 7.579   2.793   -8.121  1.00 6.30  ? 90  LEU A CD1   1 
ATOM   480  C CD2   . LEU A 1 90  ? 7.753   4.872   -6.730  1.00 8.60  ? 90  LEU A CD2   1 
ATOM   481  N N     . VAL A 1 91  ? 6.002   4.432   -11.274 1.00 8.48  ? 91  VAL A N     1 
ATOM   482  C CA    . VAL A 1 91  ? 4.679   4.928   -11.662 1.00 7.57  ? 91  VAL A CA    1 
ATOM   483  C C     . VAL A 1 91  ? 3.559   4.405   -10.756 1.00 7.89  ? 91  VAL A C     1 
ATOM   484  O O     . VAL A 1 91  ? 2.428   4.891   -10.810 1.00 6.77  ? 91  VAL A O     1 
ATOM   485  C CB    . VAL A 1 91  ? 4.333   4.541   -13.120 1.00 8.57  ? 91  VAL A CB    1 
ATOM   486  C CG1   . VAL A 1 91  ? 5.349   5.143   -14.073 1.00 6.08  ? 91  VAL A CG1   1 
ATOM   487  C CG2   . VAL A 1 91  ? 4.297   3.032   -13.265 1.00 8.65  ? 91  VAL A CG2   1 
ATOM   488  N N     . ALA A 1 92  ? 3.871   3.412   -9.929  1.00 7.22  ? 92  ALA A N     1 
ATOM   489  C CA    . ALA A 1 92  ? 2.868   2.849   -9.026  1.00 8.27  ? 92  ALA A CA    1 
ATOM   490  C C     . ALA A 1 92  ? 3.556   2.054   -7.928  1.00 8.12  ? 92  ALA A C     1 
ATOM   491  O O     . ALA A 1 92  ? 4.597   1.444   -8.158  1.00 8.92  ? 92  ALA A O     1 
ATOM   492  C CB    . ALA A 1 92  ? 1.916   1.953   -9.802  1.00 7.92  ? 92  ALA A CB    1 
ATOM   493  N N     . PHE A 1 93  ? 2.971   2.049   -6.735  1.00 8.15  ? 93  PHE A N     1 
ATOM   494  C CA    . PHE A 1 93  ? 3.576   1.327   -5.623  1.00 7.05  ? 93  PHE A CA    1 
ATOM   495  C C     . PHE A 1 93  ? 2.583   0.954   -4.532  1.00 7.99  ? 93  PHE A C     1 
ATOM   496  O O     . PHE A 1 93  ? 1.500   1.534   -4.424  1.00 7.00  ? 93  PHE A O     1 
ATOM   497  C CB    . PHE A 1 93  ? 4.678   2.186   -4.990  1.00 8.47  ? 93  PHE A CB    1 
ATOM   498  C CG    . PHE A 1 93  ? 4.156   3.418   -4.299  1.00 8.93  ? 93  PHE A CG    1 
ATOM   499  C CD1   . PHE A 1 93  ? 3.584   3.335   -3.031  1.00 8.52  ? 93  PHE A CD1   1 
ATOM   500  C CD2   . PHE A 1 93  ? 4.177   4.652   -4.941  1.00 9.25  ? 93  PHE A CD2   1 
ATOM   501  C CE1   . PHE A 1 93  ? 3.037   4.457   -2.417  1.00 9.51  ? 93  PHE A CE1   1 
ATOM   502  C CE2   . PHE A 1 93  ? 3.630   5.782   -4.335  1.00 10.02 ? 93  PHE A CE2   1 
ATOM   503  C CZ    . PHE A 1 93  ? 3.058   5.682   -3.070  1.00 10.40 ? 93  PHE A CZ    1 
ATOM   504  N N     . ILE A 1 94  ? 2.989   -0.021  -3.729  1.00 6.59  ? 94  ILE A N     1 
ATOM   505  C CA    . ILE A 1 94  ? 2.237   -0.474  -2.572  1.00 6.75  ? 94  ILE A CA    1 
ATOM   506  C C     . ILE A 1 94  ? 3.289   -0.692  -1.492  1.00 7.03  ? 94  ILE A C     1 
ATOM   507  O O     . ILE A 1 94  ? 4.272   -1.396  -1.713  1.00 7.90  ? 94  ILE A O     1 
ATOM   508  C CB    . ILE A 1 94  ? 1.511   -1.811  -2.811  1.00 6.17  ? 94  ILE A CB    1 
ATOM   509  C CG1   . ILE A 1 94  ? 0.352   -1.617  -3.792  1.00 7.58  ? 94  ILE A CG1   1 
ATOM   510  C CG2   . ILE A 1 94  ? 1.011   -2.360  -1.482  1.00 8.13  ? 94  ILE A CG2   1 
ATOM   511  C CD1   . ILE A 1 94  ? -0.384  -2.893  -4.131  1.00 3.84  ? 94  ILE A CD1   1 
ATOM   512  N N     . ILE A 1 95  ? 3.098   -0.064  -0.338  1.00 7.20  ? 95  ILE A N     1 
ATOM   513  C CA    . ILE A 1 95  ? 4.031   -0.221  0.767   1.00 8.46  ? 95  ILE A CA    1 
ATOM   514  C C     . ILE A 1 95  ? 3.255   -0.800  1.935   1.00 8.04  ? 95  ILE A C     1 
ATOM   515  O O     . ILE A 1 95  ? 2.257   -0.225  2.369   1.00 7.65  ? 95  ILE A O     1 
ATOM   516  C CB    . ILE A 1 95  ? 4.646   1.130   1.190   1.00 8.33  ? 95  ILE A CB    1 
ATOM   517  C CG1   . ILE A 1 95  ? 5.451   1.715   0.024   1.00 10.36 ? 95  ILE A CG1   1 
ATOM   518  C CG2   . ILE A 1 95  ? 5.542   0.935   2.414   1.00 9.00  ? 95  ILE A CG2   1 
ATOM   519  C CD1   . ILE A 1 95  ? 6.139   3.023   0.342   1.00 15.29 ? 95  ILE A CD1   1 
ATOM   520  N N     . GLY A 1 96  ? 3.708   -1.944  2.435   1.00 9.12  ? 96  GLY A N     1 
ATOM   521  C CA    . GLY A 1 96  ? 3.014   -2.566  3.550   1.00 9.18  ? 96  GLY A CA    1 
ATOM   522  C C     . GLY A 1 96  ? 3.908   -3.056  4.675   1.00 8.74  ? 96  GLY A C     1 
ATOM   523  O O     . GLY A 1 96  ? 5.125   -2.884  4.646   1.00 8.75  ? 96  GLY A O     1 
ATOM   524  N N     . SER A 1 97  ? 3.290   -3.655  5.683   1.00 8.43  ? 97  SER A N     1 
ATOM   525  C CA    . SER A 1 97  ? 4.013   -4.200  6.826   1.00 8.97  ? 97  SER A CA    1 
ATOM   526  C C     . SER A 1 97  ? 3.106   -5.260  7.432   1.00 9.37  ? 97  SER A C     1 
ATOM   527  O O     . SER A 1 97  ? 1.996   -5.475  6.945   1.00 8.94  ? 97  SER A O     1 
ATOM   528  C CB    . SER A 1 97  ? 4.297   -3.111  7.864   1.00 9.18  ? 97  SER A CB    1 
ATOM   529  O OG    . SER A 1 97  ? 3.130   -2.804  8.609   1.00 9.86  ? 97  SER A OG    1 
ATOM   530  N N     . LEU A 1 98  ? 3.573   -5.930  8.481   1.00 9.13  ? 98  LEU A N     1 
ATOM   531  C CA    . LEU A 1 98  ? 2.754   -6.948  9.126   1.00 10.03 ? 98  LEU A CA    1 
ATOM   532  C C     . LEU A 1 98  ? 2.025   -6.390  10.344  1.00 9.08  ? 98  LEU A C     1 
ATOM   533  O O     . LEU A 1 98  ? 2.554   -5.551  11.071  1.00 10.30 ? 98  LEU A O     1 
ATOM   534  C CB    . LEU A 1 98  ? 3.612   -8.156  9.530   1.00 9.60  ? 98  LEU A CB    1 
ATOM   535  C CG    . LEU A 1 98  ? 4.181   -8.987  8.373   1.00 11.97 ? 98  LEU A CG    1 
ATOM   536  C CD1   . LEU A 1 98  ? 5.066   -10.105 8.923   1.00 11.28 ? 98  LEU A CD1   1 
ATOM   537  C CD2   . LEU A 1 98  ? 3.038   -9.570  7.541   1.00 14.76 ? 98  LEU A CD2   1 
ATOM   538  N N     . TRP A 1 99  ? 0.791   -6.846  10.537  1.00 9.49  ? 99  TRP A N     1 
ATOM   539  C CA    . TRP A 1 99  ? -0.031  -6.434  11.672  1.00 11.15 ? 99  TRP A CA    1 
ATOM   540  C C     . TRP A 1 99  ? -0.452  -7.735  12.346  1.00 10.10 ? 99  TRP A C     1 
ATOM   541  O O     . TRP A 1 99  ? -0.571  -8.764  11.685  1.00 11.57 ? 99  TRP A O     1 
ATOM   542  C CB    . TRP A 1 99  ? -1.260  -5.650  11.195  1.00 11.87 ? 99  TRP A CB    1 
ATOM   543  C CG    . TRP A 1 99  ? -2.106  -5.095  12.314  1.00 12.74 ? 99  TRP A CG    1 
ATOM   544  C CD1   . TRP A 1 99  ? -3.464  -5.189  12.433  1.00 11.74 ? 99  TRP A CD1   1 
ATOM   545  C CD2   . TRP A 1 99  ? -1.653  -4.361  13.463  1.00 13.71 ? 99  TRP A CD2   1 
ATOM   546  N NE1   . TRP A 1 99  ? -3.885  -4.564  13.582  1.00 12.51 ? 99  TRP A NE1   1 
ATOM   547  C CE2   . TRP A 1 99  ? -2.797  -4.048  14.234  1.00 13.59 ? 99  TRP A CE2   1 
ATOM   548  C CE3   . TRP A 1 99  ? -0.395  -3.940  13.917  1.00 14.38 ? 99  TRP A CE3   1 
ATOM   549  C CZ2   . TRP A 1 99  ? -2.721  -3.330  15.434  1.00 13.83 ? 99  TRP A CZ2   1 
ATOM   550  C CZ3   . TRP A 1 99  ? -0.319  -3.224  15.115  1.00 15.56 ? 99  TRP A CZ3   1 
ATOM   551  C CH2   . TRP A 1 99  ? -1.477  -2.929  15.858  1.00 14.41 ? 99  TRP A CH2   1 
ATOM   552  N N     . ASP A 1 100 ? -0.684  -7.697  13.651  1.00 11.76 ? 100 ASP A N     1 
ATOM   553  C CA    . ASP A 1 100 ? -1.032  -8.915  14.372  1.00 14.80 ? 100 ASP A CA    1 
ATOM   554  C C     . ASP A 1 100 ? -2.307  -8.834  15.207  1.00 13.43 ? 100 ASP A C     1 
ATOM   555  O O     . ASP A 1 100 ? -2.442  -9.542  16.204  1.00 14.98 ? 100 ASP A O     1 
ATOM   556  C CB    . ASP A 1 100 ? 0.141   -9.316  15.265  1.00 15.29 ? 100 ASP A CB    1 
ATOM   557  C CG    . ASP A 1 100 ? 0.445   -8.272  16.320  1.00 17.93 ? 100 ASP A CG    1 
ATOM   558  O OD1   . ASP A 1 100 ? -0.037  -7.127  16.175  1.00 16.99 ? 100 ASP A OD1   1 
ATOM   559  O OD2   . ASP A 1 100 ? 1.169   -8.589  17.288  1.00 20.33 ? 100 ASP A OD2   1 
ATOM   560  N N     . GLU A 1 101 ? -3.233  -7.974  14.802  1.00 13.56 ? 101 GLU A N     1 
ATOM   561  C CA    . GLU A 1 101 ? -4.507  -7.820  15.499  1.00 15.74 ? 101 GLU A CA    1 
ATOM   562  C C     . GLU A 1 101 ? -5.642  -7.859  14.477  1.00 14.85 ? 101 GLU A C     1 
ATOM   563  O O     . GLU A 1 101 ? -5.440  -7.519  13.314  1.00 14.80 ? 101 GLU A O     1 
ATOM   564  C CB    . GLU A 1 101 ? -4.528  -6.506  16.286  1.00 16.53 ? 101 GLU A CB    1 
ATOM   565  C CG    . GLU A 1 101 ? -3.788  -6.585  17.615  1.00 19.44 ? 101 GLU A CG    1 
ATOM   566  C CD    . GLU A 1 101 ? -3.617  -5.235  18.283  1.00 22.42 ? 101 GLU A CD    1 
ATOM   567  O OE1   . GLU A 1 101 ? -4.587  -4.448  18.305  1.00 22.79 ? 101 GLU A OE1   1 
ATOM   568  O OE2   . GLU A 1 101 ? -2.509  -4.966  18.796  1.00 24.01 ? 101 GLU A OE2   1 
ATOM   569  N N     . GLU A 1 102 ? -6.829  -8.279  14.908  1.00 14.84 ? 102 GLU A N     1 
ATOM   570  C CA    . GLU A 1 102 ? -7.971  -8.380  14.002  1.00 14.77 ? 102 GLU A CA    1 
ATOM   571  C C     . GLU A 1 102 ? -8.282  -7.070  13.288  1.00 13.90 ? 102 GLU A C     1 
ATOM   572  O O     . GLU A 1 102 ? -8.494  -7.051  12.074  1.00 12.64 ? 102 GLU A O     1 
ATOM   573  C CB    . GLU A 1 102 ? -9.226  -8.850  14.748  1.00 16.28 ? 102 GLU A CB    1 
ATOM   574  C CG    . GLU A 1 102 ? -10.427 -9.068  13.817  1.00 17.90 ? 102 GLU A CG    1 
ATOM   575  C CD    . GLU A 1 102 ? -11.737 -9.310  14.553  1.00 16.31 ? 102 GLU A CD    1 
ATOM   576  O OE1   . GLU A 1 102 ? -11.859 -10.339 15.246  1.00 16.49 ? 102 GLU A OE1   1 
ATOM   577  O OE2   . GLU A 1 102 ? -12.647 -8.463  14.432  1.00 17.88 ? 102 GLU A OE2   1 
ATOM   578  N N     . ARG A 1 103 ? -8.310  -5.976  14.040  1.00 12.57 ? 103 ARG A N     1 
ATOM   579  C CA    . ARG A 1 103 ? -8.613  -4.682  13.456  1.00 12.74 ? 103 ARG A CA    1 
ATOM   580  C C     . ARG A 1 103 ? -7.432  -3.720  13.508  1.00 11.81 ? 103 ARG A C     1 
ATOM   581  O O     . ARG A 1 103 ? -6.539  -3.855  14.344  1.00 9.53  ? 103 ARG A O     1 
ATOM   582  C CB    . ARG A 1 103 ? -9.823  -4.067  14.163  1.00 15.50 ? 103 ARG A CB    1 
ATOM   583  C CG    . ARG A 1 103 ? -11.070 -4.939  14.085  1.00 17.68 ? 103 ARG A CG    1 
ATOM   584  C CD    . ARG A 1 103 ? -12.287 -4.243  14.670  1.00 21.17 ? 103 ARG A CD    1 
ATOM   585  N NE    . ARG A 1 103 ? -12.680 -3.061  13.904  1.00 20.82 ? 103 ARG A NE    1 
ATOM   586  C CZ    . ARG A 1 103 ? -13.110 -3.082  12.645  1.00 22.00 ? 103 ARG A CZ    1 
ATOM   587  N NH1   . ARG A 1 103 ? -13.208 -4.230  11.986  1.00 20.82 ? 103 ARG A NH1   1 
ATOM   588  N NH2   . ARG A 1 103 ? -13.442 -1.950  12.040  1.00 21.41 ? 103 ARG A NH2   1 
ATOM   589  N N     . LEU A 1 104 ? -7.438  -2.759  12.593  1.00 11.51 ? 104 LEU A N     1 
ATOM   590  C CA    . LEU A 1 104 ? -6.393  -1.748  12.514  1.00 11.59 ? 104 LEU A CA    1 
ATOM   591  C C     . LEU A 1 104 ? -6.572  -0.758  13.654  1.00 13.00 ? 104 LEU A C     1 
ATOM   592  O O     . LEU A 1 104 ? -7.700  -0.450  14.044  1.00 13.37 ? 104 LEU A O     1 
ATOM   593  C CB    . LEU A 1 104 ? -6.483  -1.014  11.175  1.00 12.54 ? 104 LEU A CB    1 
ATOM   594  C CG    . LEU A 1 104 ? -5.460  -1.352  10.087  1.00 15.10 ? 104 LEU A CG    1 
ATOM   595  C CD1   . LEU A 1 104 ? -4.953  -2.772  10.238  1.00 12.83 ? 104 LEU A CD1   1 
ATOM   596  C CD2   . LEU A 1 104 ? -6.098  -1.124  8.727   1.00 11.74 ? 104 LEU A CD2   1 
ATOM   597  N N     . THR A 1 105 ? -5.460  -0.262  14.186  1.00 12.85 ? 105 THR A N     1 
ATOM   598  C CA    . THR A 1 105 ? -5.497  0.704   15.278  1.00 13.73 ? 105 THR A CA    1 
ATOM   599  C C     . THR A 1 105 ? -4.581  1.875   14.936  1.00 12.46 ? 105 THR A C     1 
ATOM   600  O O     . THR A 1 105 ? -3.807  1.806   13.982  1.00 11.21 ? 105 THR A O     1 
ATOM   601  C CB    . THR A 1 105 ? -5.001  0.085   16.595  1.00 14.48 ? 105 THR A CB    1 
ATOM   602  O OG1   . THR A 1 105 ? -3.616  -0.259  16.461  1.00 14.77 ? 105 THR A OG1   1 
ATOM   603  C CG2   . THR A 1 105 ? -5.803  -1.162  16.939  1.00 15.71 ? 105 THR A CG2   1 
ATOM   604  N N     . GLN A 1 106 ? -4.659  2.945   15.719  1.00 13.07 ? 106 GLN A N     1 
ATOM   605  C CA    . GLN A 1 106 ? -3.821  4.108   15.460  1.00 13.82 ? 106 GLN A CA    1 
ATOM   606  C C     . GLN A 1 106 ? -2.336  3.737   15.467  1.00 14.19 ? 106 GLN A C     1 
ATOM   607  O O     . GLN A 1 106 ? -1.576  4.190   14.612  1.00 13.70 ? 106 GLN A O     1 
ATOM   608  C CB    . GLN A 1 106 ? -4.082  5.211   16.489  1.00 14.38 ? 106 GLN A CB    1 
ATOM   609  C CG    . GLN A 1 106 ? -3.530  6.572   16.075  1.00 13.46 ? 106 GLN A CG    1 
ATOM   610  C CD    . GLN A 1 106 ? -4.353  7.233   14.978  1.00 16.12 ? 106 GLN A CD    1 
ATOM   611  O OE1   . GLN A 1 106 ? -3.900  8.179   14.328  1.00 17.89 ? 106 GLN A OE1   1 
ATOM   612  N NE2   . GLN A 1 106 ? -5.572  6.747   14.775  1.00 11.75 ? 106 GLN A NE2   1 
ATOM   613  N N     . GLU A 1 107 ? -1.918  2.907   16.421  1.00 13.44 ? 107 GLU A N     1 
ATOM   614  C CA    . GLU A 1 107 ? -0.512  2.514   16.495  1.00 15.52 ? 107 GLU A CA    1 
ATOM   615  C C     . GLU A 1 107 ? -0.056  1.689   15.297  1.00 14.69 ? 107 GLU A C     1 
ATOM   616  O O     . GLU A 1 107 ? 1.130   1.619   14.989  1.00 13.89 ? 107 GLU A O     1 
ATOM   617  C CB    . GLU A 1 107 ? -0.228  1.731   17.786  1.00 17.88 ? 107 GLU A CB    1 
ATOM   618  C CG    . GLU A 1 107 ? -0.812  0.317   17.826  1.00 20.10 ? 107 GLU A CG    1 
ATOM   619  C CD    . GLU A 1 107 ? -0.262  -0.510  18.991  1.00 21.82 ? 107 GLU A CD    1 
ATOM   620  O OE1   . GLU A 1 107 ? -0.623  -1.702  19.117  1.00 22.74 ? 107 GLU A OE1   1 
ATOM   621  O OE2   . GLU A 1 107 ? 0.538   0.031   19.783  1.00 20.97 ? 107 GLU A OE2   1 
ATOM   622  N N     . SER A 1 108 ? -1.008  1.060   14.624  1.00 14.78 ? 108 SER A N     1 
ATOM   623  C CA    . SER A 1 108 ? -0.712  0.228   13.461  1.00 15.35 ? 108 SER A CA    1 
ATOM   624  C C     . SER A 1 108 ? -0.084  1.020   12.305  1.00 14.00 ? 108 SER A C     1 
ATOM   625  O O     . SER A 1 108 ? 0.552   0.448   11.424  1.00 13.68 ? 108 SER A O     1 
ATOM   626  C CB    . SER A 1 108 ? -2.016  -0.425  12.988  1.00 15.28 ? 108 SER A CB    1 
ATOM   627  O OG    . SER A 1 108 ? -1.810  -1.579  12.254  1.00 23.74 ? 108 SER A OG    1 
ATOM   628  N N     . LEU A 1 109 ? -0.295  2.331   12.298  1.00 14.82 ? 109 LEU A N     1 
ATOM   629  C CA    . LEU A 1 109 ? 0.236   3.188   11.247  1.00 16.00 ? 109 LEU A CA    1 
ATOM   630  C C     . LEU A 1 109 ? 1.761   3.206   11.149  1.00 17.48 ? 109 LEU A C     1 
ATOM   631  O O     . LEU A 1 109 ? 2.317   3.301   10.053  1.00 15.53 ? 109 LEU A O     1 
ATOM   632  C CB    . LEU A 1 109 ? -0.263  4.623   11.436  1.00 18.04 ? 109 LEU A CB    1 
ATOM   633  C CG    . LEU A 1 109 ? -1.470  5.094   10.628  1.00 20.93 ? 109 LEU A CG    1 
ATOM   634  C CD1   . LEU A 1 109 ? -2.466  3.978   10.491  1.00 21.38 ? 109 LEU A CD1   1 
ATOM   635  C CD2   . LEU A 1 109 ? -2.090  6.317   11.302  1.00 20.00 ? 109 LEU A CD2   1 
ATOM   636  N N     . ALA A 1 110 ? 2.445   3.113   12.285  1.00 17.85 ? 110 ALA A N     1 
ATOM   637  C CA    . ALA A 1 110 ? 3.906   3.156   12.276  1.00 17.91 ? 110 ALA A CA    1 
ATOM   638  C C     . ALA A 1 110 ? 4.584   1.879   12.753  1.00 18.08 ? 110 ALA A C     1 
ATOM   639  O O     . ALA A 1 110 ? 5.771   1.891   13.086  1.00 18.76 ? 110 ALA A O     1 
ATOM   640  C CB    . ALA A 1 110 ? 4.389   4.340   13.120  1.00 19.52 ? 110 ALA A CB    1 
ATOM   641  N N     . LEU A 1 111 ? 3.849   0.773   12.760  1.00 16.53 ? 111 LEU A N     1 
ATOM   642  C CA    . LEU A 1 111 ? 4.409   -0.485  13.232  1.00 17.02 ? 111 LEU A CA    1 
ATOM   643  C C     . LEU A 1 111 ? 4.465   -1.653  12.262  1.00 16.70 ? 111 LEU A C     1 
ATOM   644  O O     . LEU A 1 111 ? 3.636   -1.796  11.365  1.00 15.32 ? 111 LEU A O     1 
ATOM   645  C CB    . LEU A 1 111 ? 3.652   -0.951  14.479  1.00 18.28 ? 111 LEU A CB    1 
ATOM   646  C CG    . LEU A 1 111 ? 3.875   -0.199  15.791  1.00 19.49 ? 111 LEU A CG    1 
ATOM   647  C CD1   . LEU A 1 111 ? 2.946   -0.766  16.857  1.00 21.63 ? 111 LEU A CD1   1 
ATOM   648  C CD2   . LEU A 1 111 ? 5.332   -0.333  16.222  1.00 19.96 ? 111 LEU A CD2   1 
ATOM   649  N N     . HIS A 1 112 ? 5.470   -2.492  12.477  1.00 15.86 ? 112 HIS A N     1 
ATOM   650  C CA    . HIS A 1 112 ? 5.656   -3.710  11.713  1.00 15.27 ? 112 HIS A CA    1 
ATOM   651  C C     . HIS A 1 112 ? 5.779   -4.799  12.773  1.00 16.67 ? 112 HIS A C     1 
ATOM   652  O O     . HIS A 1 112 ? 6.728   -4.806  13.551  1.00 14.99 ? 112 HIS A O     1 
ATOM   653  C CB    . HIS A 1 112 ? 6.932   -3.662  10.870  1.00 12.30 ? 112 HIS A CB    1 
ATOM   654  C CG    . HIS A 1 112 ? 7.304   -4.985  10.276  1.00 12.25 ? 112 HIS A CG    1 
ATOM   655  N ND1   . HIS A 1 112 ? 6.446   -5.709  9.477   1.00 9.23  ? 112 HIS A ND1   1 
ATOM   656  C CD2   . HIS A 1 112 ? 8.437   -5.723  10.375  1.00 12.04 ? 112 HIS A CD2   1 
ATOM   657  C CE1   . HIS A 1 112 ? 7.033   -6.834  9.108   1.00 9.98  ? 112 HIS A CE1   1 
ATOM   658  N NE2   . HIS A 1 112 ? 8.242   -6.867  9.640   1.00 11.24 ? 112 HIS A NE2   1 
ATOM   659  N N     . ARG A 1 113 ? 4.795   -5.692  12.814  1.00 16.71 ? 113 ARG A N     1 
ATOM   660  C CA    . ARG A 1 113 ? 4.768   -6.793  13.771  1.00 18.30 ? 113 ARG A CA    1 
ATOM   661  C C     . ARG A 1 113 ? 5.270   -8.037  13.047  1.00 16.95 ? 113 ARG A C     1 
ATOM   662  O O     . ARG A 1 113 ? 4.503   -8.727  12.378  1.00 18.07 ? 113 ARG A O     1 
ATOM   663  C CB    . ARG A 1 113 ? 3.336   -7.011  14.276  1.00 19.86 ? 113 ARG A CB    1 
ATOM   664  C CG    . ARG A 1 113 ? 2.796   -5.886  15.162  1.00 21.85 ? 113 ARG A CG    1 
ATOM   665  C CD    . ARG A 1 113 ? 3.396   -5.948  16.569  1.00 23.80 ? 113 ARG A CD    1 
ATOM   666  N NE    . ARG A 1 113 ? 3.072   -4.778  17.386  1.00 25.26 ? 113 ARG A NE    1 
ATOM   667  C CZ    . ARG A 1 113 ? 1.869   -4.498  17.880  1.00 25.47 ? 113 ARG A CZ    1 
ATOM   668  N NH1   . ARG A 1 113 ? 0.836   -5.299  17.656  1.00 25.82 ? 113 ARG A NH1   1 
ATOM   669  N NH2   . ARG A 1 113 ? 1.698   -3.404  18.608  1.00 25.76 ? 113 ARG A NH2   1 
ATOM   670  N N     . PRO A 1 114 ? 6.573   -8.337  13.175  1.00 17.93 ? 114 PRO A N     1 
ATOM   671  C CA    . PRO A 1 114 ? 7.220   -9.489  12.538  1.00 18.36 ? 114 PRO A CA    1 
ATOM   672  C C     . PRO A 1 114 ? 6.483   -10.810 12.723  1.00 17.84 ? 114 PRO A C     1 
ATOM   673  O O     . PRO A 1 114 ? 6.480   -11.661 11.835  1.00 17.73 ? 114 PRO A O     1 
ATOM   674  C CB    . PRO A 1 114 ? 8.601   -9.512  13.191  1.00 18.86 ? 114 PRO A CB    1 
ATOM   675  C CG    . PRO A 1 114 ? 8.856   -8.068  13.481  1.00 19.66 ? 114 PRO A CG    1 
ATOM   676  C CD    . PRO A 1 114 ? 7.529   -7.614  14.034  1.00 18.96 ? 114 PRO A CD    1 
ATOM   677  N N     . ARG A 1 115 ? 5.856   -10.968 13.880  1.00 18.26 ? 115 ARG A N     1 
ATOM   678  C CA    . ARG A 1 115 ? 5.137   -12.189 14.208  1.00 19.84 ? 115 ARG A CA    1 
ATOM   679  C C     . ARG A 1 115 ? 3.684   -12.189 13.728  1.00 19.70 ? 115 ARG A C     1 
ATOM   680  O O     . ARG A 1 115 ? 2.963   -13.167 13.929  1.00 20.25 ? 115 ARG A O     1 
ATOM   681  C CB    . ARG A 1 115 ? 5.193   -12.397 15.722  1.00 21.50 ? 115 ARG A CB    1 
ATOM   682  C CG    . ARG A 1 115 ? 6.616   -12.378 16.278  1.00 23.56 ? 115 ARG A CG    1 
ATOM   683  C CD    . ARG A 1 115 ? 7.148   -13.786 16.482  1.00 27.70 ? 115 ARG A CD    1 
ATOM   684  N NE    . ARG A 1 115 ? 6.824   -14.664 15.363  1.00 29.66 ? 115 ARG A NE    1 
ATOM   685  C CZ    . ARG A 1 115 ? 6.878   -15.991 15.415  1.00 30.94 ? 115 ARG A CZ    1 
ATOM   686  N NH1   . ARG A 1 115 ? 7.243   -16.604 16.534  1.00 30.83 ? 115 ARG A NH1   1 
ATOM   687  N NH2   . ARG A 1 115 ? 6.553   -16.708 14.349  1.00 32.75 ? 115 ARG A NH2   1 
ATOM   688  N N     . GLY A 1 116 ? 3.265   -11.104 13.082  1.00 18.82 ? 116 GLY A N     1 
ATOM   689  C CA    . GLY A 1 116 ? 1.895   -11.012 12.601  1.00 18.29 ? 116 GLY A CA    1 
ATOM   690  C C     . GLY A 1 116 ? 1.607   -11.821 11.348  1.00 17.41 ? 116 GLY A C     1 
ATOM   691  O O     . GLY A 1 116 ? 2.525   -12.251 10.656  1.00 18.20 ? 116 GLY A O     1 
ATOM   692  N N     . HIS A 1 117 ? 0.326   -12.028 11.054  1.00 16.00 ? 117 HIS A N     1 
ATOM   693  C CA    . HIS A 1 117 ? -0.070  -12.792 9.877   1.00 15.42 ? 117 HIS A CA    1 
ATOM   694  C C     . HIS A 1 117 ? -0.937  -11.979 8.924   1.00 14.05 ? 117 HIS A C     1 
ATOM   695  O O     . HIS A 1 117 ? -1.572  -12.534 8.026   1.00 13.49 ? 117 HIS A O     1 
ATOM   696  C CB    . HIS A 1 117 ? -0.831  -14.056 10.289  1.00 18.07 ? 117 HIS A CB    1 
ATOM   697  C CG    . HIS A 1 117 ? -0.025  -15.000 11.124  1.00 20.83 ? 117 HIS A CG    1 
ATOM   698  N ND1   . HIS A 1 117 ? 0.172   -14.816 12.477  1.00 23.73 ? 117 HIS A ND1   1 
ATOM   699  C CD2   . HIS A 1 117 ? 0.651   -16.126 10.797  1.00 22.03 ? 117 HIS A CD2   1 
ATOM   700  C CE1   . HIS A 1 117 ? 0.933   -15.788 12.945  1.00 22.64 ? 117 HIS A CE1   1 
ATOM   701  N NE2   . HIS A 1 117 ? 1.238   -16.597 11.946  1.00 24.34 ? 117 HIS A NE2   1 
ATOM   702  N N     . SER A 1 118 ? -0.962  -10.665 9.118   1.00 12.23 ? 118 SER A N     1 
ATOM   703  C CA    . SER A 1 118 ? -1.759  -9.792  8.267   1.00 11.19 ? 118 SER A CA    1 
ATOM   704  C C     . SER A 1 118 ? -0.909  -8.779  7.515   1.00 10.94 ? 118 SER A C     1 
ATOM   705  O O     . SER A 1 118 ? -0.126  -8.050  8.121   1.00 8.62  ? 118 SER A O     1 
ATOM   706  C CB    . SER A 1 118 ? -2.796  -9.044  9.105   1.00 11.80 ? 118 SER A CB    1 
ATOM   707  O OG    . SER A 1 118 ? -3.716  -9.946  9.691   1.00 14.81 ? 118 SER A OG    1 
ATOM   708  N N     . ALA A 1 119 ? -1.071  -8.740  6.195   1.00 9.98  ? 119 ALA A N     1 
ATOM   709  C CA    . ALA A 1 119 ? -0.344  -7.790  5.365   1.00 8.84  ? 119 ALA A CA    1 
ATOM   710  C C     . ALA A 1 119 ? -1.138  -6.495  5.371   1.00 7.82  ? 119 ALA A C     1 
ATOM   711  O O     . ALA A 1 119 ? -2.210  -6.410  4.774   1.00 6.76  ? 119 ALA A O     1 
ATOM   712  C CB    . ALA A 1 119 ? -0.206  -8.312  3.938   1.00 9.23  ? 119 ALA A CB    1 
ATOM   713  N N     . HIS A 1 120 ? -0.612  -5.499  6.071   1.00 7.48  ? 120 HIS A N     1 
ATOM   714  C CA    . HIS A 1 120 ? -1.258  -4.200  6.175   1.00 8.48  ? 120 HIS A CA    1 
ATOM   715  C C     . HIS A 1 120 ? -0.777  -3.272  5.059   1.00 9.13  ? 120 HIS A C     1 
ATOM   716  O O     . HIS A 1 120 ? 0.385   -2.880  5.029   1.00 7.08  ? 120 HIS A O     1 
ATOM   717  C CB    . HIS A 1 120 ? -0.939  -3.587  7.546   1.00 7.02  ? 120 HIS A CB    1 
ATOM   718  C CG    . HIS A 1 120 ? -1.502  -2.214  7.754   1.00 7.57  ? 120 HIS A CG    1 
ATOM   719  N ND1   . HIS A 1 120 ? -1.178  -1.441  8.849   1.00 7.66  ? 120 HIS A ND1   1 
ATOM   720  C CD2   . HIS A 1 120 ? -2.364  -1.474  7.015   1.00 8.65  ? 120 HIS A CD2   1 
ATOM   721  C CE1   . HIS A 1 120 ? -1.814  -0.285  8.775   1.00 8.78  ? 120 HIS A CE1   1 
ATOM   722  N NE2   . HIS A 1 120 ? -2.539  -0.280  7.671   1.00 8.77  ? 120 HIS A NE2   1 
ATOM   723  N N     . LEU A 1 121 ? -1.675  -2.936  4.135   1.00 9.27  ? 121 LEU A N     1 
ATOM   724  C CA    . LEU A 1 121 ? -1.341  -2.032  3.033   1.00 10.17 ? 121 LEU A CA    1 
ATOM   725  C C     . LEU A 1 121 ? -1.393  -0.610  3.587   1.00 9.05  ? 121 LEU A C     1 
ATOM   726  O O     . LEU A 1 121 ? -2.480  -0.102  3.855   1.00 8.80  ? 121 LEU A O     1 
ATOM   727  C CB    . LEU A 1 121 ? -2.375  -2.142  1.903   1.00 11.78 ? 121 LEU A CB    1 
ATOM   728  C CG    . LEU A 1 121 ? -2.631  -3.382  1.037   1.00 14.55 ? 121 LEU A CG    1 
ATOM   729  C CD1   . LEU A 1 121 ? -1.733  -3.366  -0.174  1.00 16.29 ? 121 LEU A CD1   1 
ATOM   730  C CD2   . LEU A 1 121 ? -2.462  -4.642  1.849   1.00 12.11 ? 121 LEU A CD2   1 
ATOM   731  N N     . HIS A 1 122 ? -0.238  0.031   3.750   1.00 7.46  ? 122 HIS A N     1 
ATOM   732  C CA    . HIS A 1 122 ? -0.191  1.397   4.281   1.00 7.91  ? 122 HIS A CA    1 
ATOM   733  C C     . HIS A 1 122 ? -0.472  2.454   3.227   1.00 6.81  ? 122 HIS A C     1 
ATOM   734  O O     . HIS A 1 122 ? -1.194  3.426   3.473   1.00 6.20  ? 122 HIS A O     1 
ATOM   735  C CB    . HIS A 1 122 ? 1.181   1.700   4.898   1.00 6.14  ? 122 HIS A CB    1 
ATOM   736  C CG    . HIS A 1 122 ? 1.413   1.042   6.221   1.00 7.59  ? 122 HIS A CG    1 
ATOM   737  N ND1   . HIS A 1 122 ? 1.660   -0.306  6.352   1.00 10.32 ? 122 HIS A ND1   1 
ATOM   738  C CD2   . HIS A 1 122 ? 1.439   1.553   7.473   1.00 6.79  ? 122 HIS A CD2   1 
ATOM   739  C CE1   . HIS A 1 122 ? 1.831   -0.599  7.629   1.00 7.57  ? 122 HIS A CE1   1 
ATOM   740  N NE2   . HIS A 1 122 ? 1.703   0.512   8.330   1.00 10.86 ? 122 HIS A NE2   1 
ATOM   741  N N     . ALA A 1 123 ? 0.109   2.261   2.049   1.00 7.27  ? 123 ALA A N     1 
ATOM   742  C CA    . ALA A 1 123 ? -0.055  3.215   0.965   1.00 7.28  ? 123 ALA A CA    1 
ATOM   743  C C     . ALA A 1 123 ? -0.095  2.538   -0.401  1.00 7.02  ? 123 ALA A C     1 
ATOM   744  O O     . ALA A 1 123 ? 0.694   1.643   -0.693  1.00 7.11  ? 123 ALA A O     1 
ATOM   745  C CB    . ALA A 1 123 ? 1.083   4.246   1.008   1.00 7.31  ? 123 ALA A CB    1 
ATOM   746  N N     . LEU A 1 124 ? -1.036  2.978   -1.226  1.00 7.72  ? 124 LEU A N     1 
ATOM   747  C CA    . LEU A 1 124 ? -1.201  2.459   -2.575  1.00 7.93  ? 124 LEU A CA    1 
ATOM   748  C C     . LEU A 1 124 ? -1.492  3.653   -3.476  1.00 6.99  ? 124 LEU A C     1 
ATOM   749  O O     . LEU A 1 124 ? -2.423  4.409   -3.216  1.00 7.99  ? 124 LEU A O     1 
ATOM   750  C CB    . LEU A 1 124 ? -2.366  1.459   -2.611  1.00 8.22  ? 124 LEU A CB    1 
ATOM   751  C CG    . LEU A 1 124 ? -2.903  0.960   -3.957  1.00 11.32 ? 124 LEU A CG    1 
ATOM   752  C CD1   . LEU A 1 124 ? -1.767  0.635   -4.906  1.00 14.14 ? 124 LEU A CD1   1 
ATOM   753  C CD2   . LEU A 1 124 ? -3.772  -0.266  -3.715  1.00 15.16 ? 124 LEU A CD2   1 
ATOM   754  N N     . ALA A 1 125 ? -0.685  3.846   -4.516  1.00 8.24  ? 125 ALA A N     1 
ATOM   755  C CA    . ALA A 1 125 ? -0.907  4.969   -5.425  1.00 8.29  ? 125 ALA A CA    1 
ATOM   756  C C     . ALA A 1 125 ? -0.287  4.750   -6.797  1.00 7.97  ? 125 ALA A C     1 
ATOM   757  O O     . ALA A 1 125 ? 0.680   4.000   -6.950  1.00 5.71  ? 125 ALA A O     1 
ATOM   758  C CB    . ALA A 1 125 ? -0.356  6.261   -4.813  1.00 7.61  ? 125 ALA A CB    1 
ATOM   759  N N     . VAL A 1 126 ? -0.867  5.419   -7.791  1.00 8.19  ? 126 VAL A N     1 
ATOM   760  C CA    . VAL A 1 126 ? -0.407  5.357   -9.173  1.00 7.53  ? 126 VAL A CA    1 
ATOM   761  C C     . VAL A 1 126 ? -0.141  6.794   -9.624  1.00 7.83  ? 126 VAL A C     1 
ATOM   762  O O     . VAL A 1 126 ? -0.945  7.691   -9.349  1.00 8.20  ? 126 VAL A O     1 
ATOM   763  C CB    . VAL A 1 126 ? -1.487  4.742   -10.105 1.00 7.58  ? 126 VAL A CB    1 
ATOM   764  C CG1   . VAL A 1 126 ? -1.046  4.847   -11.559 1.00 9.08  ? 126 VAL A CG1   1 
ATOM   765  C CG2   . VAL A 1 126 ? -1.731  3.289   -9.745  1.00 6.54  ? 126 VAL A CG2   1 
ATOM   766  N N     . HIS A 1 127 ? 0.979   7.002   -10.313 1.00 7.46  ? 127 HIS A N     1 
ATOM   767  C CA    . HIS A 1 127 ? 1.366   8.321   -10.820 1.00 9.30  ? 127 HIS A CA    1 
ATOM   768  C C     . HIS A 1 127 ? 0.193   8.942   -11.576 1.00 10.44 ? 127 HIS A C     1 
ATOM   769  O O     . HIS A 1 127 ? -0.477  8.263   -12.348 1.00 8.58  ? 127 HIS A O     1 
ATOM   770  C CB    . HIS A 1 127 ? 2.564   8.180   -11.766 1.00 10.08 ? 127 HIS A CB    1 
ATOM   771  C CG    . HIS A 1 127 ? 3.147   9.485   -12.207 1.00 12.69 ? 127 HIS A CG    1 
ATOM   772  N ND1   . HIS A 1 127 ? 4.170   10.112  -11.528 1.00 15.89 ? 127 HIS A ND1   1 
ATOM   773  C CD2   . HIS A 1 127 ? 2.839   10.292  -13.250 1.00 11.78 ? 127 HIS A CD2   1 
ATOM   774  C CE1   . HIS A 1 127 ? 4.470   11.246  -12.134 1.00 12.65 ? 127 HIS A CE1   1 
ATOM   775  N NE2   . HIS A 1 127 ? 3.677   11.380  -13.182 1.00 15.20 ? 127 HIS A NE2   1 
ATOM   776  N N     . ARG A 1 128 ? -0.034  10.235  -11.357 1.00 11.91 ? 128 ARG A N     1 
ATOM   777  C CA    . ARG A 1 128 ? -1.135  10.960  -11.988 1.00 14.20 ? 128 ARG A CA    1 
ATOM   778  C C     . ARG A 1 128 ? -1.246  10.770  -13.499 1.00 14.59 ? 128 ARG A C     1 
ATOM   779  O O     . ARG A 1 128 ? -2.351  10.771  -14.042 1.00 15.31 ? 128 ARG A O     1 
ATOM   780  C CB    . ARG A 1 128 ? -1.019  12.456  -11.683 1.00 15.56 ? 128 ARG A CB    1 
ATOM   781  C CG    . ARG A 1 128 ? 0.192   13.110  -12.326 1.00 22.71 ? 128 ARG A CG    1 
ATOM   782  C CD    . ARG A 1 128 ? 0.332   14.572  -11.929 1.00 29.00 ? 128 ARG A CD    1 
ATOM   783  N NE    . ARG A 1 128 ? 1.435   15.214  -12.642 1.00 35.17 ? 128 ARG A NE    1 
ATOM   784  C CZ    . ARG A 1 128 ? 1.869   16.448  -12.403 1.00 39.03 ? 128 ARG A CZ    1 
ATOM   785  N NH1   . ARG A 1 128 ? 1.301   17.188  -11.459 1.00 40.21 ? 128 ARG A NH1   1 
ATOM   786  N NH2   . ARG A 1 128 ? 2.867   16.949  -13.121 1.00 41.34 ? 128 ARG A NH2   1 
ATOM   787  N N     . SER A 1 129 ? -0.117  10.617  -14.181 1.00 13.87 ? 129 SER A N     1 
ATOM   788  C CA    . SER A 1 129 ? -0.135  10.454  -15.633 1.00 15.43 ? 129 SER A CA    1 
ATOM   789  C C     . SER A 1 129 ? -0.386  9.023   -16.091 1.00 15.09 ? 129 SER A C     1 
ATOM   790  O O     . SER A 1 129 ? -0.467  8.758   -17.294 1.00 14.52 ? 129 SER A O     1 
ATOM   791  C CB    . SER A 1 129 ? 1.187   10.947  -16.231 1.00 14.83 ? 129 SER A CB    1 
ATOM   792  O OG    . SER A 1 129 ? 1.441   12.292  -15.857 1.00 17.38 ? 129 SER A OG    1 
ATOM   793  N N     . PHE A 1 130 ? -0.528  8.101   -15.145 1.00 14.24 ? 130 PHE A N     1 
ATOM   794  C CA    . PHE A 1 130 ? -0.746  6.704   -15.507 1.00 13.92 ? 130 PHE A CA    1 
ATOM   795  C C     . PHE A 1 130 ? -2.018  6.054   -14.962 1.00 12.02 ? 130 PHE A C     1 
ATOM   796  O O     . PHE A 1 130 ? -2.168  4.834   -15.040 1.00 12.50 ? 130 PHE A O     1 
ATOM   797  C CB    . PHE A 1 130 ? 0.468   5.874   -15.084 1.00 12.57 ? 130 PHE A CB    1 
ATOM   798  C CG    . PHE A 1 130 ? 1.732   6.244   -15.801 1.00 12.97 ? 130 PHE A CG    1 
ATOM   799  C CD1   . PHE A 1 130 ? 2.432   7.397   -15.461 1.00 14.52 ? 130 PHE A CD1   1 
ATOM   800  C CD2   . PHE A 1 130 ? 2.216   5.447   -16.829 1.00 12.48 ? 130 PHE A CD2   1 
ATOM   801  C CE1   . PHE A 1 130 ? 3.598   7.751   -16.139 1.00 14.99 ? 130 PHE A CE1   1 
ATOM   802  C CE2   . PHE A 1 130 ? 3.379   5.789   -17.513 1.00 14.15 ? 130 PHE A CE2   1 
ATOM   803  C CZ    . PHE A 1 130 ? 4.071   6.945   -17.166 1.00 15.33 ? 130 PHE A CZ    1 
ATOM   804  N N     . ARG A 1 131 ? -2.935  6.857   -14.430 1.00 12.10 ? 131 ARG A N     1 
ATOM   805  C CA    . ARG A 1 131 ? -4.181  6.329   -13.867 1.00 13.03 ? 131 ARG A CA    1 
ATOM   806  C C     . ARG A 1 131 ? -5.273  5.984   -14.880 1.00 13.97 ? 131 ARG A C     1 
ATOM   807  O O     . ARG A 1 131 ? -5.192  6.346   -16.053 1.00 15.14 ? 131 ARG A O     1 
ATOM   808  C CB    . ARG A 1 131 ? -4.752  7.323   -12.851 1.00 12.76 ? 131 ARG A CB    1 
ATOM   809  C CG    . ARG A 1 131 ? -3.905  7.480   -11.601 1.00 10.47 ? 131 ARG A CG    1 
ATOM   810  C CD    . ARG A 1 131 ? -4.362  8.673   -10.772 1.00 12.80 ? 131 ARG A CD    1 
ATOM   811  N NE    . ARG A 1 131 ? -3.416  8.955   -9.697  1.00 14.56 ? 131 ARG A NE    1 
ATOM   812  C CZ    . ARG A 1 131 ? -3.188  10.165  -9.200  1.00 15.07 ? 131 ARG A CZ    1 
ATOM   813  N NH1   . ARG A 1 131 ? -3.841  11.215  -9.681  1.00 15.72 ? 131 ARG A NH1   1 
ATOM   814  N NH2   . ARG A 1 131 ? -2.289  10.328  -8.238  1.00 14.18 ? 131 ARG A NH2   1 
ATOM   815  N N     . GLN A 1 132 ? -6.289  5.270   -14.399 1.00 13.85 ? 132 GLN A N     1 
ATOM   816  C CA    . GLN A 1 132 ? -7.442  4.864   -15.198 1.00 17.90 ? 132 GLN A CA    1 
ATOM   817  C C     . GLN A 1 132 ? -7.126  3.897   -16.335 1.00 17.25 ? 132 GLN A C     1 
ATOM   818  O O     . GLN A 1 132 ? -7.906  3.779   -17.282 1.00 17.61 ? 132 GLN A O     1 
ATOM   819  C CB    . GLN A 1 132 ? -8.144  6.099   -15.773 1.00 21.37 ? 132 GLN A CB    1 
ATOM   820  C CG    . GLN A 1 132 ? -8.532  7.142   -14.736 1.00 27.14 ? 132 GLN A CG    1 
ATOM   821  C CD    . GLN A 1 132 ? -9.075  8.411   -15.369 1.00 31.05 ? 132 GLN A CD    1 
ATOM   822  O OE1   . GLN A 1 132 ? -10.121 8.395   -16.019 1.00 33.71 ? 132 GLN A OE1   1 
ATOM   823  N NE2   . GLN A 1 132 ? -8.360  9.517   -15.188 1.00 33.70 ? 132 GLN A NE2   1 
ATOM   824  N N     . GLN A 1 133 ? -5.991  3.208   -16.244 1.00 16.08 ? 133 GLN A N     1 
ATOM   825  C CA    . GLN A 1 133 ? -5.598  2.252   -17.277 1.00 16.69 ? 133 GLN A CA    1 
ATOM   826  C C     . GLN A 1 133 ? -5.256  0.878   -16.698 1.00 16.38 ? 133 GLN A C     1 
ATOM   827  O O     . GLN A 1 133 ? -4.411  0.160   -17.234 1.00 16.12 ? 133 GLN A O     1 
ATOM   828  C CB    . GLN A 1 133 ? -4.411  2.792   -18.083 1.00 17.65 ? 133 GLN A CB    1 
ATOM   829  C CG    . GLN A 1 133 ? -4.690  4.129   -18.759 1.00 21.41 ? 133 GLN A CG    1 
ATOM   830  C CD    . GLN A 1 133 ? -3.650  4.493   -19.800 1.00 21.83 ? 133 GLN A CD    1 
ATOM   831  O OE1   . GLN A 1 133 ? -2.450  4.479   -19.530 1.00 24.88 ? 133 GLN A OE1   1 
ATOM   832  N NE2   . GLN A 1 133 ? -4.110  4.828   -21.004 1.00 25.27 ? 133 GLN A NE2   1 
ATOM   833  N N     . GLY A 1 134 ? -5.905  0.533   -15.591 1.00 14.99 ? 134 GLY A N     1 
ATOM   834  C CA    . GLY A 1 134 ? -5.690  -0.761  -14.969 1.00 14.84 ? 134 GLY A CA    1 
ATOM   835  C C     . GLY A 1 134 ? -4.422  -0.998  -14.165 1.00 13.28 ? 134 GLY A C     1 
ATOM   836  O O     . GLY A 1 134 ? -4.286  -2.058  -13.558 1.00 12.85 ? 134 GLY A O     1 
ATOM   837  N N     . LYS A 1 135 ? -3.498  -0.041  -14.140 1.00 12.36 ? 135 LYS A N     1 
ATOM   838  C CA    . LYS A 1 135 ? -2.256  -0.240  -13.390 1.00 11.05 ? 135 LYS A CA    1 
ATOM   839  C C     . LYS A 1 135 ? -2.486  -0.530  -11.909 1.00 10.16 ? 135 LYS A C     1 
ATOM   840  O O     . LYS A 1 135 ? -1.838  -1.407  -11.338 1.00 8.58  ? 135 LYS A O     1 
ATOM   841  C CB    . LYS A 1 135 ? -1.326  0.964   -13.559 1.00 12.38 ? 135 LYS A CB    1 
ATOM   842  C CG    . LYS A 1 135 ? -0.832  1.135   -14.989 1.00 16.45 ? 135 LYS A CG    1 
ATOM   843  C CD    . LYS A 1 135 ? 0.462   1.924   -15.045 1.00 18.09 ? 135 LYS A CD    1 
ATOM   844  C CE    . LYS A 1 135 ? 0.939   2.101   -16.478 1.00 21.25 ? 135 LYS A CE    1 
ATOM   845  N NZ    . LYS A 1 135 ? 1.068   0.805   -17.191 1.00 21.78 ? 135 LYS A NZ    1 
ATOM   846  N N     . GLY A 1 136 ? -3.407  0.199   -11.285 1.00 9.93  ? 136 GLY A N     1 
ATOM   847  C CA    . GLY A 1 136 ? -3.694  -0.039  -9.879  1.00 9.41  ? 136 GLY A CA    1 
ATOM   848  C C     . GLY A 1 136 ? -4.186  -1.458  -9.636  1.00 8.52  ? 136 GLY A C     1 
ATOM   849  O O     . GLY A 1 136 ? -3.752  -2.125  -8.697  1.00 8.48  ? 136 GLY A O     1 
ATOM   850  N N     . SER A 1 137 ? -5.095  -1.925  -10.489 1.00 8.21  ? 137 SER A N     1 
ATOM   851  C CA    . SER A 1 137 ? -5.649  -3.275  -10.376 1.00 8.58  ? 137 SER A CA    1 
ATOM   852  C C     . SER A 1 137 ? -4.583  -4.337  -10.625 1.00 8.19  ? 137 SER A C     1 
ATOM   853  O O     . SER A 1 137 ? -4.523  -5.356  -9.925  1.00 8.88  ? 137 SER A O     1 
ATOM   854  C CB    . SER A 1 137 ? -6.788  -3.455  -11.382 1.00 8.43  ? 137 SER A CB    1 
ATOM   855  O OG    . SER A 1 137 ? -7.822  -2.521  -11.141 1.00 7.60  ? 137 SER A OG    1 
ATOM   856  N N     . VAL A 1 138 ? -3.753  -4.103  -11.637 1.00 6.80  ? 138 VAL A N     1 
ATOM   857  C CA    . VAL A 1 138 ? -2.684  -5.033  -11.970 1.00 8.73  ? 138 VAL A CA    1 
ATOM   858  C C     . VAL A 1 138 ? -1.705  -5.157  -10.804 1.00 7.36  ? 138 VAL A C     1 
ATOM   859  O O     . VAL A 1 138 ? -1.331  -6.262  -10.406 1.00 7.12  ? 138 VAL A O     1 
ATOM   860  C CB    . VAL A 1 138 ? -1.904  -4.571  -13.225 1.00 7.74  ? 138 VAL A CB    1 
ATOM   861  C CG1   . VAL A 1 138 ? -0.690  -5.463  -13.440 1.00 8.58  ? 138 VAL A CG1   1 
ATOM   862  C CG2   . VAL A 1 138 ? -2.808  -4.623  -14.448 1.00 6.71  ? 138 VAL A CG2   1 
ATOM   863  N N     . LEU A 1 139 ? -1.300  -4.017  -10.257 1.00 8.50  ? 139 LEU A N     1 
ATOM   864  C CA    . LEU A 1 139 ? -0.362  -4.004  -9.138  1.00 6.53  ? 139 LEU A CA    1 
ATOM   865  C C     . LEU A 1 139 ? -0.949  -4.653  -7.890  1.00 6.06  ? 139 LEU A C     1 
ATOM   866  O O     . LEU A 1 139 ? -0.262  -5.396  -7.193  1.00 6.15  ? 139 LEU A O     1 
ATOM   867  C CB    . LEU A 1 139 ? 0.050   -2.571  -8.804  1.00 9.48  ? 139 LEU A CB    1 
ATOM   868  C CG    . LEU A 1 139 ? 1.222   -2.445  -7.826  1.00 11.97 ? 139 LEU A CG    1 
ATOM   869  C CD1   . LEU A 1 139 ? 2.486   -3.017  -8.466  1.00 14.30 ? 139 LEU A CD1   1 
ATOM   870  C CD2   . LEU A 1 139 ? 1.427   -0.991  -7.463  1.00 11.88 ? 139 LEU A CD2   1 
ATOM   871  N N     . LEU A 1 140 ? -2.214  -4.364  -7.600  1.00 5.35  ? 140 LEU A N     1 
ATOM   872  C CA    . LEU A 1 140 ? -2.842  -4.933  -6.418  1.00 6.52  ? 140 LEU A CA    1 
ATOM   873  C C     . LEU A 1 140 ? -2.913  -6.452  -6.531  1.00 6.60  ? 140 LEU A C     1 
ATOM   874  O O     . LEU A 1 140 ? -2.568  -7.164  -5.585  1.00 8.00  ? 140 LEU A O     1 
ATOM   875  C CB    . LEU A 1 140 ? -4.239  -4.338  -6.206  1.00 6.64  ? 140 LEU A CB    1 
ATOM   876  C CG    . LEU A 1 140 ? -5.023  -4.801  -4.971  1.00 8.06  ? 140 LEU A CG    1 
ATOM   877  C CD1   . LEU A 1 140 ? -4.143  -4.787  -3.726  1.00 8.65  ? 140 LEU A CD1   1 
ATOM   878  C CD2   . LEU A 1 140 ? -6.232  -3.895  -4.780  1.00 6.85  ? 140 LEU A CD2   1 
ATOM   879  N N     . TRP A 1 141 ? -3.343  -6.954  -7.685  1.00 6.60  ? 141 TRP A N     1 
ATOM   880  C CA    . TRP A 1 141 ? -3.421  -8.399  -7.869  1.00 8.04  ? 141 TRP A CA    1 
ATOM   881  C C     . TRP A 1 141 ? -2.056  -9.063  -7.721  1.00 8.61  ? 141 TRP A C     1 
ATOM   882  O O     . TRP A 1 141 ? -1.936  -10.106 -7.080  1.00 9.84  ? 141 TRP A O     1 
ATOM   883  C CB    . TRP A 1 141 ? -4.034  -8.742  -9.231  1.00 7.51  ? 141 TRP A CB    1 
ATOM   884  C CG    . TRP A 1 141 ? -5.516  -8.941  -9.162  1.00 8.80  ? 141 TRP A CG    1 
ATOM   885  C CD1   . TRP A 1 141 ? -6.472  -8.237  -9.836  1.00 7.94  ? 141 TRP A CD1   1 
ATOM   886  C CD2   . TRP A 1 141 ? -6.221  -9.892  -8.344  1.00 10.37 ? 141 TRP A CD2   1 
ATOM   887  N NE1   . TRP A 1 141 ? -7.725  -8.685  -9.490  1.00 11.69 ? 141 TRP A NE1   1 
ATOM   888  C CE2   . TRP A 1 141 ? -7.601  -9.698  -8.577  1.00 9.00  ? 141 TRP A CE2   1 
ATOM   889  C CE3   . TRP A 1 141 ? -5.818  -10.884 -7.437  1.00 8.46  ? 141 TRP A CE3   1 
ATOM   890  C CZ2   . TRP A 1 141 ? -8.584  -10.461 -7.937  1.00 10.64 ? 141 TRP A CZ2   1 
ATOM   891  C CZ3   . TRP A 1 141 ? -6.800  -11.645 -6.798  1.00 11.30 ? 141 TRP A CZ3   1 
ATOM   892  C CH2   . TRP A 1 141 ? -8.166  -11.426 -7.053  1.00 10.22 ? 141 TRP A CH2   1 
ATOM   893  N N     . ARG A 1 142 ? -1.023  -8.465  -8.306  1.00 10.78 ? 142 ARG A N     1 
ATOM   894  C CA    . ARG A 1 142 ? 0.318   -9.026  -8.192  1.00 10.61 ? 142 ARG A CA    1 
ATOM   895  C C     . ARG A 1 142 ? 0.776   -8.997  -6.739  1.00 11.25 ? 142 ARG A C     1 
ATOM   896  O O     . ARG A 1 142 ? 1.439   -9.927  -6.268  1.00 11.25 ? 142 ARG A O     1 
ATOM   897  C CB    . ARG A 1 142 ? 1.311   -8.248  -9.060  1.00 9.92  ? 142 ARG A CB    1 
ATOM   898  C CG    . ARG A 1 142 ? 2.740   -8.756  -8.923  1.00 15.15 ? 142 ARG A CG    1 
ATOM   899  C CD    . ARG A 1 142 ? 3.574   -8.490  -10.164 1.00 20.65 ? 142 ARG A CD    1 
ATOM   900  N NE    . ARG A 1 142 ? 4.927   -9.024  -10.015 1.00 24.85 ? 142 ARG A NE    1 
ATOM   901  C CZ    . ARG A 1 142 ? 5.811   -9.125  -11.003 1.00 26.69 ? 142 ARG A CZ    1 
ATOM   902  N NH1   . ARG A 1 142 ? 5.492   -8.731  -12.229 1.00 27.86 ? 142 ARG A NH1   1 
ATOM   903  N NH2   . ARG A 1 142 ? 7.019   -9.615  -10.762 1.00 28.27 ? 142 ARG A NH2   1 
ATOM   904  N N     . TYR A 1 143 ? 0.420   -7.926  -6.034  1.00 10.44 ? 143 TYR A N     1 
ATOM   905  C CA    . TYR A 1 143 ? 0.795   -7.767  -4.633  1.00 10.30 ? 143 TYR A CA    1 
ATOM   906  C C     . TYR A 1 143 ? 0.159   -8.862  -3.778  1.00 11.68 ? 143 TYR A C     1 
ATOM   907  O O     . TYR A 1 143 ? 0.828   -9.499  -2.958  1.00 11.97 ? 143 TYR A O     1 
ATOM   908  C CB    . TYR A 1 143 ? 0.353   -6.393  -4.117  1.00 8.71  ? 143 TYR A CB    1 
ATOM   909  C CG    . TYR A 1 143 ? 0.824   -6.104  -2.709  1.00 8.30  ? 143 TYR A CG    1 
ATOM   910  C CD1   . TYR A 1 143 ? 2.136   -5.696  -2.466  1.00 8.13  ? 143 TYR A CD1   1 
ATOM   911  C CD2   . TYR A 1 143 ? -0.028  -6.281  -1.617  1.00 6.31  ? 143 TYR A CD2   1 
ATOM   912  C CE1   . TYR A 1 143 ? 2.593   -5.470  -1.169  1.00 7.96  ? 143 TYR A CE1   1 
ATOM   913  C CE2   . TYR A 1 143 ? 0.417   -6.061  -0.313  1.00 7.74  ? 143 TYR A CE2   1 
ATOM   914  C CZ    . TYR A 1 143 ? 1.731   -5.654  -0.098  1.00 7.90  ? 143 TYR A CZ    1 
ATOM   915  O OH    . TYR A 1 143 ? 2.187   -5.423  1.181   1.00 9.24  ? 143 TYR A OH    1 
ATOM   916  N N     . LEU A 1 144 ? -1.138  -9.079  -3.971  1.00 12.87 ? 144 LEU A N     1 
ATOM   917  C CA    . LEU A 1 144 ? -1.855  -10.097 -3.214  1.00 14.10 ? 144 LEU A CA    1 
ATOM   918  C C     . LEU A 1 144 ? -1.231  -11.478 -3.396  1.00 14.79 ? 144 LEU A C     1 
ATOM   919  O O     . LEU A 1 144 ? -1.089  -12.236 -2.437  1.00 15.36 ? 144 LEU A O     1 
ATOM   920  C CB    . LEU A 1 144 ? -3.324  -10.124 -3.632  1.00 14.00 ? 144 LEU A CB    1 
ATOM   921  C CG    . LEU A 1 144 ? -4.104  -8.857  -3.271  1.00 16.21 ? 144 LEU A CG    1 
ATOM   922  C CD1   . LEU A 1 144 ? -5.530  -8.967  -3.781  1.00 14.80 ? 144 LEU A CD1   1 
ATOM   923  C CD2   . LEU A 1 144 ? -4.087  -8.662  -1.761  1.00 16.37 ? 144 LEU A CD2   1 
ATOM   924  N N     . HIS A 1 145 ? -0.861  -11.810 -4.627  1.00 15.93 ? 145 HIS A N     1 
ATOM   925  C CA    . HIS A 1 145 ? -0.246  -13.106 -4.884  1.00 17.43 ? 145 HIS A CA    1 
ATOM   926  C C     . HIS A 1 145 ? 1.169   -13.135 -4.311  1.00 16.99 ? 145 HIS A C     1 
ATOM   927  O O     . HIS A 1 145 ? 1.617   -14.153 -3.780  1.00 16.71 ? 145 HIS A O     1 
ATOM   928  C CB    . HIS A 1 145 ? -0.215  -13.389 -6.388  1.00 19.39 ? 145 HIS A CB    1 
ATOM   929  C CG    . HIS A 1 145 ? -1.576  -13.526 -7.001  1.00 22.48 ? 145 HIS A CG    1 
ATOM   930  N ND1   . HIS A 1 145 ? -2.533  -14.382 -6.500  1.00 25.91 ? 145 HIS A ND1   1 
ATOM   931  C CD2   . HIS A 1 145 ? -2.138  -12.922 -8.074  1.00 23.32 ? 145 HIS A CD2   1 
ATOM   932  C CE1   . HIS A 1 145 ? -3.627  -14.297 -7.237  1.00 25.31 ? 145 HIS A CE1   1 
ATOM   933  N NE2   . HIS A 1 145 ? -3.413  -13.418 -8.199  1.00 25.75 ? 145 HIS A NE2   1 
ATOM   934  N N     . HIS A 1 146 ? 1.859   -12.003 -4.411  1.00 15.87 ? 146 HIS A N     1 
ATOM   935  C CA    . HIS A 1 146 ? 3.222   -11.871 -3.914  1.00 16.74 ? 146 HIS A CA    1 
ATOM   936  C C     . HIS A 1 146 ? 3.300   -12.106 -2.412  1.00 17.17 ? 146 HIS A C     1 
ATOM   937  O O     . HIS A 1 146 ? 4.093   -12.924 -1.940  1.00 17.44 ? 146 HIS A O     1 
ATOM   938  C CB    . HIS A 1 146 ? 3.760   -10.473 -4.233  1.00 16.55 ? 146 HIS A CB    1 
ATOM   939  C CG    . HIS A 1 146 ? 5.091   -10.182 -3.615  1.00 19.12 ? 146 HIS A CG    1 
ATOM   940  N ND1   . HIS A 1 146 ? 6.264   -10.737 -4.078  1.00 19.71 ? 146 HIS A ND1   1 
ATOM   941  C CD2   . HIS A 1 146 ? 5.431   -9.415  -2.552  1.00 18.25 ? 146 HIS A CD2   1 
ATOM   942  C CE1   . HIS A 1 146 ? 7.269   -10.326 -3.326  1.00 21.37 ? 146 HIS A CE1   1 
ATOM   943  N NE2   . HIS A 1 146 ? 6.790   -9.523  -2.392  1.00 19.41 ? 146 HIS A NE2   1 
ATOM   944  N N     . VAL A 1 147 ? 2.478   -11.381 -1.659  1.00 18.45 ? 147 VAL A N     1 
ATOM   945  C CA    . VAL A 1 147 ? 2.476   -11.515 -0.207  1.00 19.18 ? 147 VAL A CA    1 
ATOM   946  C C     . VAL A 1 147 ? 1.807   -12.808 0.234   1.00 20.94 ? 147 VAL A C     1 
ATOM   947  O O     . VAL A 1 147 ? 2.152   -13.370 1.271   1.00 19.85 ? 147 VAL A O     1 
ATOM   948  C CB    . VAL A 1 147 ? 1.776   -10.315 0.480   1.00 18.25 ? 147 VAL A CB    1 
ATOM   949  C CG1   . VAL A 1 147 ? 2.482   -9.021  0.108   1.00 17.12 ? 147 VAL A CG1   1 
ATOM   950  C CG2   . VAL A 1 147 ? 0.315   -10.248 0.083   1.00 18.67 ? 147 VAL A CG2   1 
ATOM   951  N N     . GLY A 1 148 ? 0.850   -13.272 -0.562  1.00 22.82 ? 148 GLY A N     1 
ATOM   952  C CA    . GLY A 1 148 ? 0.163   -14.507 -0.241  1.00 26.78 ? 148 GLY A CA    1 
ATOM   953  C C     . GLY A 1 148 ? 1.012   -15.705 -0.638  1.00 29.37 ? 148 GLY A C     1 
ATOM   954  O O     . GLY A 1 148 ? 0.500   -16.807 -0.804  1.00 30.77 ? 148 GLY A O     1 
ATOM   955  N N     . ALA A 1 149 ? 2.315   -15.496 -0.797  1.00 31.06 ? 149 ALA A N     1 
ATOM   956  C CA    . ALA A 1 149 ? 3.216   -16.580 -1.176  1.00 32.68 ? 149 ALA A CA    1 
ATOM   957  C C     . ALA A 1 149 ? 4.195   -16.789 -0.037  1.00 34.50 ? 149 ALA A C     1 
ATOM   958  O O     . ALA A 1 149 ? 5.032   -17.695 -0.042  1.00 34.20 ? 149 ALA A O     1 
ATOM   959  C CB    . ALA A 1 149 ? 3.966   -16.217 -2.455  1.00 32.71 ? 149 ALA A CB    1 
ATOM   960  N N     . GLN A 1 150 ? 4.062   -15.933 0.958   1.00 35.94 ? 150 GLN A N     1 
ATOM   961  C CA    . GLN A 1 150 ? 4.942   -15.979 2.093   1.00 38.11 ? 150 GLN A CA    1 
ATOM   962  C C     . GLN A 1 150 ? 4.242   -16.709 3.242   1.00 39.29 ? 150 GLN A C     1 
ATOM   963  O O     . GLN A 1 150 ? 3.063   -16.474 3.511   1.00 39.88 ? 150 GLN A O     1 
ATOM   964  C CB    . GLN A 1 150 ? 5.346   -14.550 2.439   1.00 38.53 ? 150 GLN A CB    1 
ATOM   965  C CG    . GLN A 1 150 ? 5.891   -13.768 1.218   1.00 41.06 ? 150 GLN A CG    1 
ATOM   966  C CD    . GLN A 1 150 ? 6.225   -12.325 1.555   1.00 41.96 ? 150 GLN A CD    1 
ATOM   967  O OE1   . GLN A 1 150 ? 5.880   -11.845 2.634   1.00 43.31 ? 150 GLN A OE1   1 
ATOM   968  N NE2   . GLN A 1 150 ? 6.884   -11.625 0.636   1.00 42.33 ? 150 GLN A NE2   1 
ATOM   969  N N     . PRO A 1 151 ? 4.974   -17.611 3.929   1.00 40.40 ? 151 PRO A N     1 
ATOM   970  C CA    . PRO A 1 151 ? 4.594   -18.478 5.055   1.00 40.02 ? 151 PRO A CA    1 
ATOM   971  C C     . PRO A 1 151 ? 3.958   -17.949 6.344   1.00 39.10 ? 151 PRO A C     1 
ATOM   972  O O     . PRO A 1 151 ? 3.894   -18.671 7.344   1.00 40.87 ? 151 PRO A O     1 
ATOM   973  C CB    . PRO A 1 151 ? 5.885   -19.230 5.340   1.00 40.81 ? 151 PRO A CB    1 
ATOM   974  C CG    . PRO A 1 151 ? 6.929   -18.212 5.044   1.00 40.95 ? 151 PRO A CG    1 
ATOM   975  C CD    . PRO A 1 151 ? 6.431   -17.685 3.714   1.00 40.76 ? 151 PRO A CD    1 
ATOM   976  N N     . ALA A 1 152 ? 3.470   -16.716 6.332   1.00 36.08 ? 152 ALA A N     1 
ATOM   977  C CA    . ALA A 1 152 ? 2.853   -16.157 7.527   1.00 33.42 ? 152 ALA A CA    1 
ATOM   978  C C     . ALA A 1 152 ? 1.659   -15.286 7.185   1.00 29.84 ? 152 ALA A C     1 
ATOM   979  O O     . ALA A 1 152 ? 0.776   -15.080 8.015   1.00 29.58 ? 152 ALA A O     1 
ATOM   980  C CB    . ALA A 1 152 ? 3.872   -15.353 8.303   1.00 33.95 ? 152 ALA A CB    1 
ATOM   981  N N     . VAL A 1 153 ? 1.643   -14.778 5.958   1.00 26.86 ? 153 VAL A N     1 
ATOM   982  C CA    . VAL A 1 153 ? 0.571   -13.908 5.498   1.00 23.53 ? 153 VAL A CA    1 
ATOM   983  C C     . VAL A 1 153 ? -0.683  -14.711 5.165   1.00 22.13 ? 153 VAL A C     1 
ATOM   984  O O     . VAL A 1 153 ? -0.738  -15.418 4.159   1.00 21.94 ? 153 VAL A O     1 
ATOM   985  C CB    . VAL A 1 153 ? 1.018   -13.110 4.258   1.00 23.18 ? 153 VAL A CB    1 
ATOM   986  C CG1   . VAL A 1 153 ? -0.015  -12.058 3.915   1.00 22.89 ? 153 VAL A CG1   1 
ATOM   987  C CG2   . VAL A 1 153 ? 2.373   -12.467 4.523   1.00 24.00 ? 153 VAL A CG2   1 
ATOM   988  N N     . ARG A 1 154 ? -1.689  -14.591 6.022   1.00 20.30 ? 154 ARG A N     1 
ATOM   989  C CA    . ARG A 1 154 ? -2.946  -15.303 5.846   1.00 19.23 ? 154 ARG A CA    1 
ATOM   990  C C     . ARG A 1 154 ? -4.056  -14.335 5.471   1.00 16.98 ? 154 ARG A C     1 
ATOM   991  O O     . ARG A 1 154 ? -5.112  -14.740 4.990   1.00 15.04 ? 154 ARG A O     1 
ATOM   992  C CB    . ARG A 1 154 ? -3.312  -16.018 7.147   1.00 21.07 ? 154 ARG A CB    1 
ATOM   993  C CG    . ARG A 1 154 ? -2.247  -16.980 7.632   1.00 25.91 ? 154 ARG A CG    1 
ATOM   994  C CD    . ARG A 1 154 ? -2.477  -17.356 9.080   1.00 28.58 ? 154 ARG A CD    1 
ATOM   995  N NE    . ARG A 1 154 ? -1.471  -18.293 9.568   1.00 32.39 ? 154 ARG A NE    1 
ATOM   996  C CZ    . ARG A 1 154 ? -1.357  -18.669 10.837  1.00 33.16 ? 154 ARG A CZ    1 
ATOM   997  N NH1   . ARG A 1 154 ? -2.185  -18.185 11.753  1.00 33.86 ? 154 ARG A NH1   1 
ATOM   998  N NH2   . ARG A 1 154 ? -0.419  -19.535 11.190  1.00 33.92 ? 154 ARG A NH2   1 
ATOM   999  N N     . ARG A 1 155 ? -3.806  -13.047 5.688   1.00 14.21 ? 155 ARG A N     1 
ATOM   1000 C CA    . ARG A 1 155 ? -4.805  -12.030 5.393   1.00 12.09 ? 155 ARG A CA    1 
ATOM   1001 C C     . ARG A 1 155 ? -4.151  -10.712 4.988   1.00 11.17 ? 155 ARG A C     1 
ATOM   1002 O O     . ARG A 1 155 ? -2.983  -10.471 5.284   1.00 7.94  ? 155 ARG A O     1 
ATOM   1003 C CB    . ARG A 1 155 ? -5.685  -11.819 6.634   1.00 13.68 ? 155 ARG A CB    1 
ATOM   1004 C CG    . ARG A 1 155 ? -6.819  -10.817 6.463   1.00 14.53 ? 155 ARG A CG    1 
ATOM   1005 C CD    . ARG A 1 155 ? -7.559  -10.574 7.781   1.00 16.73 ? 155 ARG A CD    1 
ATOM   1006 N NE    . ARG A 1 155 ? -6.668  -10.017 8.795   1.00 14.76 ? 155 ARG A NE    1 
ATOM   1007 C CZ    . ARG A 1 155 ? -7.068  -9.373  9.884   1.00 13.55 ? 155 ARG A CZ    1 
ATOM   1008 N NH1   . ARG A 1 155 ? -8.361  -9.192  10.127  1.00 12.03 ? 155 ARG A NH1   1 
ATOM   1009 N NH2   . ARG A 1 155 ? -6.167  -8.884  10.723  1.00 13.15 ? 155 ARG A NH2   1 
ATOM   1010 N N     . ALA A 1 156 ? -4.914  -9.879  4.285   1.00 10.10 ? 156 ALA A N     1 
ATOM   1011 C CA    . ALA A 1 156 ? -4.459  -8.561  3.855   1.00 8.70  ? 156 ALA A CA    1 
ATOM   1012 C C     . ALA A 1 156 ? -5.488  -7.578  4.395   1.00 7.86  ? 156 ALA A C     1 
ATOM   1013 O O     . ALA A 1 156 ? -6.693  -7.836  4.329   1.00 9.87  ? 156 ALA A O     1 
ATOM   1014 C CB    . ALA A 1 156 ? -4.401  -8.483  2.332   1.00 9.30  ? 156 ALA A CB    1 
ATOM   1015 N N     . VAL A 1 157 ? -5.022  -6.463  4.942   1.00 9.26  ? 157 VAL A N     1 
ATOM   1016 C CA    . VAL A 1 157 ? -5.925  -5.460  5.497   1.00 7.81  ? 157 VAL A CA    1 
ATOM   1017 C C     . VAL A 1 157 ? -5.567  -4.058  5.021   1.00 8.57  ? 157 VAL A C     1 
ATOM   1018 O O     . VAL A 1 157 ? -4.407  -3.765  4.726   1.00 6.91  ? 157 VAL A O     1 
ATOM   1019 C CB    . VAL A 1 157 ? -5.906  -5.490  7.046   1.00 7.83  ? 157 VAL A CB    1 
ATOM   1020 C CG1   . VAL A 1 157 ? -6.373  -6.853  7.538   1.00 10.57 ? 157 VAL A CG1   1 
ATOM   1021 C CG2   . VAL A 1 157 ? -4.499  -5.205  7.564   1.00 9.85  ? 157 VAL A CG2   1 
ATOM   1022 N N     . LEU A 1 158 ? -6.575  -3.197  4.940   1.00 7.45  ? 158 LEU A N     1 
ATOM   1023 C CA    . LEU A 1 158 ? -6.376  -1.822  4.500   1.00 6.67  ? 158 LEU A CA    1 
ATOM   1024 C C     . LEU A 1 158 ? -7.572  -0.973  4.916   1.00 6.70  ? 158 LEU A C     1 
ATOM   1025 O O     . LEU A 1 158 ? -8.566  -1.490  5.426   1.00 9.07  ? 158 LEU A O     1 
ATOM   1026 C CB    . LEU A 1 158 ? -6.216  -1.781  2.973   1.00 7.64  ? 158 LEU A CB    1 
ATOM   1027 C CG    . LEU A 1 158 ? -7.406  -2.266  2.125   1.00 8.16  ? 158 LEU A CG    1 
ATOM   1028 C CD1   . LEU A 1 158 ? -8.531  -1.222  2.115   1.00 8.01  ? 158 LEU A CD1   1 
ATOM   1029 C CD2   . LEU A 1 158 ? -6.934  -2.521  0.705   1.00 10.05 ? 158 LEU A CD2   1 
ATOM   1030 N N     . MET A 1 159 ? -7.462  0.333   4.712   1.00 7.70  ? 159 MET A N     1 
ATOM   1031 C CA    . MET A 1 159 ? -8.543  1.252   5.030   1.00 7.63  ? 159 MET A CA    1 
ATOM   1032 C C     . MET A 1 159 ? -8.688  2.122   3.801   1.00 8.06  ? 159 MET A C     1 
ATOM   1033 O O     . MET A 1 159 ? -7.698  2.442   3.143   1.00 8.45  ? 159 MET A O     1 
ATOM   1034 C CB    . MET A 1 159 ? -8.204  2.117   6.251   1.00 11.35 ? 159 MET A CB    1 
ATOM   1035 C CG    . MET A 1 159 ? -6.996  3.025   6.096   1.00 11.16 ? 159 MET A CG    1 
ATOM   1036 S SD    . MET A 1 159 ? -6.600  3.877   7.643   1.00 11.88 ? 159 MET A SD    1 
ATOM   1037 C CE    . MET A 1 159 ? -5.742  5.322   7.021   1.00 11.70 ? 159 MET A CE    1 
ATOM   1038 N N     . CYS A 1 160 ? -9.917  2.493   3.473   1.00 6.90  ? 160 CYS A N     1 
ATOM   1039 C CA    . CYS A 1 160 ? -10.137 3.317   2.306   1.00 8.18  ? 160 CYS A CA    1 
ATOM   1040 C C     . CYS A 1 160 ? -11.386 4.156   2.449   1.00 9.24  ? 160 CYS A C     1 
ATOM   1041 O O     . CYS A 1 160 ? -12.240 3.884   3.292   1.00 7.83  ? 160 CYS A O     1 
ATOM   1042 C CB    . CYS A 1 160 ? -10.268 2.444   1.057   1.00 5.89  ? 160 CYS A CB    1 
ATOM   1043 S SG    . CYS A 1 160 ? -11.747 1.401   1.027   1.00 10.17 ? 160 CYS A SG    1 
ATOM   1044 N N     . GLU A 1 161 ? -11.482 5.181   1.611   1.00 11.12 ? 161 GLU A N     1 
ATOM   1045 C CA    . GLU A 1 161 ? -12.645 6.051   1.611   1.00 14.97 ? 161 GLU A CA    1 
ATOM   1046 C C     . GLU A 1 161 ? -13.828 5.192   1.152   1.00 15.39 ? 161 GLU A C     1 
ATOM   1047 O O     . GLU A 1 161 ? -13.648 4.229   0.408   1.00 14.22 ? 161 GLU A O     1 
ATOM   1048 C CB    . GLU A 1 161 ? -12.414 7.223   0.651   1.00 17.90 ? 161 GLU A CB    1 
ATOM   1049 C CG    . GLU A 1 161 ? -11.163 8.057   0.980   1.00 24.08 ? 161 GLU A CG    1 
ATOM   1050 C CD    . GLU A 1 161 ? -9.871  7.530   0.343   1.00 27.52 ? 161 GLU A CD    1 
ATOM   1051 O OE1   . GLU A 1 161 ? -9.508  6.348   0.550   1.00 25.07 ? 161 GLU A OE1   1 
ATOM   1052 O OE2   . GLU A 1 161 ? -9.207  8.320   -0.364  1.00 28.08 ? 161 GLU A OE2   1 
ATOM   1053 N N     . ASP A 1 162 ? -15.029 5.532   1.607   1.00 17.20 ? 162 ASP A N     1 
ATOM   1054 C CA    . ASP A 1 162 ? -16.226 4.768   1.261   1.00 18.51 ? 162 ASP A CA    1 
ATOM   1055 C C     . ASP A 1 162 ? -16.411 4.499   -0.230  1.00 17.62 ? 162 ASP A C     1 
ATOM   1056 O O     . ASP A 1 162 ? -16.750 3.385   -0.628  1.00 15.45 ? 162 ASP A O     1 
ATOM   1057 C CB    . ASP A 1 162 ? -17.470 5.472   1.799   1.00 21.61 ? 162 ASP A CB    1 
ATOM   1058 C CG    . ASP A 1 162 ? -17.494 5.532   3.309   1.00 24.03 ? 162 ASP A CG    1 
ATOM   1059 O OD1   . ASP A 1 162 ? -18.475 6.072   3.862   1.00 26.04 ? 162 ASP A OD1   1 
ATOM   1060 O OD2   . ASP A 1 162 ? -16.533 5.040   3.944   1.00 26.97 ? 162 ASP A OD2   1 
ATOM   1061 N N     . ALA A 1 163 ? -16.183 5.517   -1.051  1.00 17.57 ? 163 ALA A N     1 
ATOM   1062 C CA    . ALA A 1 163 ? -16.352 5.379   -2.494  1.00 17.52 ? 163 ALA A CA    1 
ATOM   1063 C C     . ALA A 1 163 ? -15.489 4.294   -3.140  1.00 17.46 ? 163 ALA A C     1 
ATOM   1064 O O     . ALA A 1 163 ? -15.781 3.854   -4.254  1.00 16.66 ? 163 ALA A O     1 
ATOM   1065 C CB    . ALA A 1 163 ? -16.094 6.720   -3.173  1.00 19.28 ? 163 ALA A CB    1 
ATOM   1066 N N     . LEU A 1 164 ? -14.439 3.855   -2.451  1.00 16.11 ? 164 LEU A N     1 
ATOM   1067 C CA    . LEU A 1 164 ? -13.554 2.827   -3.000  1.00 15.79 ? 164 LEU A CA    1 
ATOM   1068 C C     . LEU A 1 164 ? -13.801 1.414   -2.490  1.00 14.38 ? 164 LEU A C     1 
ATOM   1069 O O     . LEU A 1 164 ? -13.114 0.480   -2.896  1.00 13.41 ? 164 LEU A O     1 
ATOM   1070 C CB    . LEU A 1 164 ? -12.092 3.192   -2.747  1.00 15.73 ? 164 LEU A CB    1 
ATOM   1071 C CG    . LEU A 1 164 ? -11.458 4.199   -3.705  1.00 17.07 ? 164 LEU A CG    1 
ATOM   1072 C CD1   . LEU A 1 164 ? -10.055 4.548   -3.230  1.00 17.38 ? 164 LEU A CD1   1 
ATOM   1073 C CD2   . LEU A 1 164 ? -11.410 3.602   -5.105  1.00 16.19 ? 164 LEU A CD2   1 
ATOM   1074 N N     . VAL A 1 165 ? -14.774 1.249   -1.603  1.00 13.02 ? 165 VAL A N     1 
ATOM   1075 C CA    . VAL A 1 165 ? -15.078 -0.074  -1.075  1.00 13.41 ? 165 VAL A CA    1 
ATOM   1076 C C     . VAL A 1 165 ? -15.398 -1.084  -2.182  1.00 12.99 ? 165 VAL A C     1 
ATOM   1077 O O     . VAL A 1 165 ? -14.849 -2.182  -2.205  1.00 12.75 ? 165 VAL A O     1 
ATOM   1078 C CB    . VAL A 1 165 ? -16.258 -0.014  -0.081  1.00 12.85 ? 165 VAL A CB    1 
ATOM   1079 C CG1   . VAL A 1 165 ? -16.718 -1.420  0.279   1.00 14.78 ? 165 VAL A CG1   1 
ATOM   1080 C CG2   . VAL A 1 165 ? -15.831 0.740   1.170   1.00 11.55 ? 165 VAL A CG2   1 
ATOM   1081 N N     . PRO A 1 166 ? -16.287 -0.720  -3.118  1.00 14.42 ? 166 PRO A N     1 
ATOM   1082 C CA    . PRO A 1 166 ? -16.643 -1.638  -4.205  1.00 12.96 ? 166 PRO A CA    1 
ATOM   1083 C C     . PRO A 1 166 ? -15.446 -2.039  -5.064  1.00 11.63 ? 166 PRO A C     1 
ATOM   1084 O O     . PRO A 1 166 ? -15.371 -3.170  -5.547  1.00 10.52 ? 166 PRO A O     1 
ATOM   1085 C CB    . PRO A 1 166 ? -17.682 -0.846  -4.988  1.00 14.49 ? 166 PRO A CB    1 
ATOM   1086 C CG    . PRO A 1 166 ? -17.227 0.566   -4.780  1.00 18.69 ? 166 PRO A CG    1 
ATOM   1087 C CD    . PRO A 1 166 ? -16.931 0.589   -3.310  1.00 15.38 ? 166 PRO A CD    1 
ATOM   1088 N N     . PHE A 1 167 ? -14.519 -1.104  -5.256  1.00 10.39 ? 167 PHE A N     1 
ATOM   1089 C CA    . PHE A 1 167 ? -13.318 -1.370  -6.038  1.00 10.00 ? 167 PHE A CA    1 
ATOM   1090 C C     . PHE A 1 167 ? -12.525 -2.507  -5.393  1.00 8.03  ? 167 PHE A C     1 
ATOM   1091 O O     . PHE A 1 167 ? -12.129 -3.461  -6.057  1.00 8.50  ? 167 PHE A O     1 
ATOM   1092 C CB    . PHE A 1 167 ? -12.446 -0.110  -6.109  1.00 9.63  ? 167 PHE A CB    1 
ATOM   1093 C CG    . PHE A 1 167 ? -11.108 -0.334  -6.759  1.00 11.59 ? 167 PHE A CG    1 
ATOM   1094 C CD1   . PHE A 1 167 ? -11.014 -0.598  -8.124  1.00 14.14 ? 167 PHE A CD1   1 
ATOM   1095 C CD2   . PHE A 1 167 ? -9.939  -0.279  -6.006  1.00 10.29 ? 167 PHE A CD2   1 
ATOM   1096 C CE1   . PHE A 1 167 ? -9.771  -0.802  -8.728  1.00 11.44 ? 167 PHE A CE1   1 
ATOM   1097 C CE2   . PHE A 1 167 ? -8.696  -0.482  -6.598  1.00 10.80 ? 167 PHE A CE2   1 
ATOM   1098 C CZ    . PHE A 1 167 ? -8.611  -0.745  -7.961  1.00 11.47 ? 167 PHE A CZ    1 
ATOM   1099 N N     . TYR A 1 168 ? -12.302 -2.415  -4.088  1.00 7.20  ? 168 TYR A N     1 
ATOM   1100 C CA    . TYR A 1 168 ? -11.546 -3.456  -3.411  1.00 7.85  ? 168 TYR A CA    1 
ATOM   1101 C C     . TYR A 1 168 ? -12.303 -4.775  -3.279  1.00 7.68  ? 168 TYR A C     1 
ATOM   1102 O O     . TYR A 1 168 ? -11.684 -5.838  -3.175  1.00 7.63  ? 168 TYR A O     1 
ATOM   1103 C CB    . TYR A 1 168 ? -11.059 -2.940  -2.054  1.00 7.91  ? 168 TYR A CB    1 
ATOM   1104 C CG    . TYR A 1 168 ? -10.027 -1.854  -2.235  1.00 9.45  ? 168 TYR A CG    1 
ATOM   1105 C CD1   . TYR A 1 168 ? -10.291 -0.534  -1.869  1.00 10.59 ? 168 TYR A CD1   1 
ATOM   1106 C CD2   . TYR A 1 168 ? -8.810  -2.133  -2.860  1.00 10.04 ? 168 TYR A CD2   1 
ATOM   1107 C CE1   . TYR A 1 168 ? -9.369  0.483   -2.130  1.00 9.88  ? 168 TYR A CE1   1 
ATOM   1108 C CE2   . TYR A 1 168 ? -7.887  -1.130  -3.125  1.00 10.64 ? 168 TYR A CE2   1 
ATOM   1109 C CZ    . TYR A 1 168 ? -8.170  0.173   -2.763  1.00 12.42 ? 168 TYR A CZ    1 
ATOM   1110 O OH    . TYR A 1 168 ? -7.260  1.160   -3.063  1.00 13.22 ? 168 TYR A OH    1 
ATOM   1111 N N     . GLN A 1 169 ? -13.632 -4.720  -3.299  1.00 8.49  ? 169 GLN A N     1 
ATOM   1112 C CA    . GLN A 1 169 ? -14.415 -5.950  -3.214  1.00 9.44  ? 169 GLN A CA    1 
ATOM   1113 C C     . GLN A 1 169 ? -14.108 -6.805  -4.444  1.00 9.87  ? 169 GLN A C     1 
ATOM   1114 O O     . GLN A 1 169 ? -14.268 -8.029  -4.420  1.00 9.99  ? 169 GLN A O     1 
ATOM   1115 C CB    . GLN A 1 169 ? -15.915 -5.645  -3.160  1.00 12.16 ? 169 GLN A CB    1 
ATOM   1116 C CG    . GLN A 1 169 ? -16.342 -4.852  -1.937  1.00 13.74 ? 169 GLN A CG    1 
ATOM   1117 C CD    . GLN A 1 169 ? -17.846 -4.709  -1.833  1.00 14.34 ? 169 GLN A CD    1 
ATOM   1118 O OE1   . GLN A 1 169 ? -18.530 -5.565  -1.271  1.00 17.70 ? 169 GLN A OE1   1 
ATOM   1119 N NE2   . GLN A 1 169 ? -18.370 -3.626  -2.385  1.00 15.06 ? 169 GLN A NE2   1 
ATOM   1120 N N     . ARG A 1 170 ? -13.658 -6.154  -5.514  1.00 9.00  ? 170 ARG A N     1 
ATOM   1121 C CA    . ARG A 1 170 ? -13.316 -6.844  -6.757  1.00 10.73 ? 170 ARG A CA    1 
ATOM   1122 C C     . ARG A 1 170 ? -12.092 -7.737  -6.580  1.00 11.58 ? 170 ARG A C     1 
ATOM   1123 O O     . ARG A 1 170 ? -11.804 -8.580  -7.434  1.00 12.30 ? 170 ARG A O     1 
ATOM   1124 C CB    . ARG A 1 170 ? -12.981 -5.846  -7.865  1.00 13.48 ? 170 ARG A CB    1 
ATOM   1125 C CG    . ARG A 1 170 ? -14.030 -4.798  -8.185  1.00 16.22 ? 170 ARG A CG    1 
ATOM   1126 C CD    . ARG A 1 170 ? -13.474 -3.861  -9.250  1.00 17.44 ? 170 ARG A CD    1 
ATOM   1127 N NE    . ARG A 1 170 ? -14.351 -2.732  -9.536  1.00 18.31 ? 170 ARG A NE    1 
ATOM   1128 C CZ    . ARG A 1 170 ? -14.045 -1.753  -10.382 1.00 20.75 ? 170 ARG A CZ    1 
ATOM   1129 N NH1   . ARG A 1 170 ? -12.883 -1.766  -11.021 1.00 19.05 ? 170 ARG A NH1   1 
ATOM   1130 N NH2   . ARG A 1 170 ? -14.900 -0.761  -10.594 1.00 22.11 ? 170 ARG A NH2   1 
ATOM   1131 N N     . PHE A 1 171 ? -11.365 -7.534  -5.485  1.00 11.35 ? 171 PHE A N     1 
ATOM   1132 C CA    . PHE A 1 171 ? -10.145 -8.290  -5.206  1.00 11.16 ? 171 PHE A CA    1 
ATOM   1133 C C     . PHE A 1 171 ? -10.284 -9.295  -4.064  1.00 11.99 ? 171 PHE A C     1 
ATOM   1134 O O     . PHE A 1 171 ? -9.296  -9.898  -3.642  1.00 12.31 ? 171 PHE A O     1 
ATOM   1135 C CB    . PHE A 1 171 ? -9.006  -7.323  -4.869  1.00 12.45 ? 171 PHE A CB    1 
ATOM   1136 C CG    . PHE A 1 171 ? -8.688  -6.357  -5.966  1.00 11.19 ? 171 PHE A CG    1 
ATOM   1137 C CD1   . PHE A 1 171 ? -7.657  -6.617  -6.863  1.00 12.12 ? 171 PHE A CD1   1 
ATOM   1138 C CD2   . PHE A 1 171 ? -9.431  -5.191  -6.118  1.00 11.99 ? 171 PHE A CD2   1 
ATOM   1139 C CE1   . PHE A 1 171 ? -7.369  -5.727  -7.895  1.00 11.42 ? 171 PHE A CE1   1 
ATOM   1140 C CE2   . PHE A 1 171 ? -9.151  -4.297  -7.147  1.00 11.58 ? 171 PHE A CE2   1 
ATOM   1141 C CZ    . PHE A 1 171 ? -8.117  -4.566  -8.038  1.00 11.26 ? 171 PHE A CZ    1 
ATOM   1142 N N     . GLY A 1 172 ? -11.496 -9.470  -3.553  1.00 12.68 ? 172 GLY A N     1 
ATOM   1143 C CA    . GLY A 1 172 ? -11.690 -10.418 -2.471  1.00 12.10 ? 172 GLY A CA    1 
ATOM   1144 C C     . GLY A 1 172 ? -11.838 -9.763  -1.112  1.00 11.30 ? 172 GLY A C     1 
ATOM   1145 O O     . GLY A 1 172 ? -12.104 -10.436 -0.118  1.00 11.84 ? 172 GLY A O     1 
ATOM   1146 N N     . PHE A 1 173 ? -11.659 -8.448  -1.063  1.00 9.88  ? 173 PHE A N     1 
ATOM   1147 C CA    . PHE A 1 173 ? -11.791 -7.703  0.185   1.00 8.91  ? 173 PHE A CA    1 
ATOM   1148 C C     . PHE A 1 173 ? -13.259 -7.536  0.578   1.00 10.40 ? 173 PHE A C     1 
ATOM   1149 O O     . PHE A 1 173 ? -14.119 -7.329  -0.278  1.00 10.02 ? 173 PHE A O     1 
ATOM   1150 C CB    . PHE A 1 173 ? -11.178 -6.313  0.037   1.00 7.52  ? 173 PHE A CB    1 
ATOM   1151 C CG    . PHE A 1 173 ? -9.685  -6.293  0.094   1.00 7.33  ? 173 PHE A CG    1 
ATOM   1152 C CD1   . PHE A 1 173 ? -9.026  -6.145  1.311   1.00 7.40  ? 173 PHE A CD1   1 
ATOM   1153 C CD2   . PHE A 1 173 ? -8.929  -6.410  -1.070  1.00 6.21  ? 173 PHE A CD2   1 
ATOM   1154 C CE1   . PHE A 1 173 ? -7.637  -6.109  1.371   1.00 6.87  ? 173 PHE A CE1   1 
ATOM   1155 C CE2   . PHE A 1 173 ? -7.539  -6.375  -1.022  1.00 6.89  ? 173 PHE A CE2   1 
ATOM   1156 C CZ    . PHE A 1 173 ? -6.890  -6.224  0.203   1.00 7.52  ? 173 PHE A CZ    1 
ATOM   1157 N N     . HIS A 1 174 ? -13.535 -7.633  1.877   1.00 10.67 ? 174 HIS A N     1 
ATOM   1158 C CA    . HIS A 1 174 ? -14.887 -7.454  2.400   1.00 12.55 ? 174 HIS A CA    1 
ATOM   1159 C C     . HIS A 1 174 ? -14.885 -6.257  3.353   1.00 11.66 ? 174 HIS A C     1 
ATOM   1160 O O     . HIS A 1 174 ? -13.946 -6.077  4.130   1.00 9.76  ? 174 HIS A O     1 
ATOM   1161 C CB    . HIS A 1 174 ? -15.353 -8.690  3.181   1.00 15.93 ? 174 HIS A CB    1 
ATOM   1162 C CG    . HIS A 1 174 ? -15.490 -9.926  2.346   1.00 21.18 ? 174 HIS A CG    1 
ATOM   1163 N ND1   . HIS A 1 174 ? -14.408 -10.683 1.953   1.00 23.56 ? 174 HIS A ND1   1 
ATOM   1164 C CD2   . HIS A 1 174 ? -16.583 -10.539 1.834   1.00 22.84 ? 174 HIS A CD2   1 
ATOM   1165 C CE1   . HIS A 1 174 ? -14.828 -11.712 1.237   1.00 23.66 ? 174 HIS A CE1   1 
ATOM   1166 N NE2   . HIS A 1 174 ? -16.144 -11.647 1.150   1.00 24.64 ? 174 HIS A NE2   1 
ATOM   1167 N N     . PRO A 1 175 ? -15.925 -5.415  3.295   1.00 12.29 ? 175 PRO A N     1 
ATOM   1168 C CA    . PRO A 1 175 ? -15.970 -4.259  4.196   1.00 12.25 ? 175 PRO A CA    1 
ATOM   1169 C C     . PRO A 1 175 ? -16.074 -4.748  5.642   1.00 11.74 ? 175 PRO A C     1 
ATOM   1170 O O     . PRO A 1 175 ? -16.862 -5.647  5.946   1.00 13.54 ? 175 PRO A O     1 
ATOM   1171 C CB    . PRO A 1 175 ? -17.210 -3.501  3.720   1.00 13.38 ? 175 PRO A CB    1 
ATOM   1172 C CG    . PRO A 1 175 ? -18.070 -4.579  3.133   1.00 14.47 ? 175 PRO A CG    1 
ATOM   1173 C CD    . PRO A 1 175 ? -17.080 -5.421  2.383   1.00 13.06 ? 175 PRO A CD    1 
ATOM   1174 N N     . ALA A 1 176 ? -15.278 -4.161  6.528   1.00 10.61 ? 176 ALA A N     1 
ATOM   1175 C CA    . ALA A 1 176 ? -15.261 -4.584  7.922   1.00 11.01 ? 176 ALA A CA    1 
ATOM   1176 C C     . ALA A 1 176 ? -15.603 -3.489  8.926   1.00 11.80 ? 176 ALA A C     1 
ATOM   1177 O O     . ALA A 1 176 ? -15.064 -3.465  10.035  1.00 12.25 ? 176 ALA A O     1 
ATOM   1178 C CB    . ALA A 1 176 ? -13.895 -5.192  8.252   1.00 12.05 ? 176 ALA A CB    1 
ATOM   1179 N N     . GLY A 1 177 ? -16.496 -2.586  8.539   1.00 12.35 ? 177 GLY A N     1 
ATOM   1180 C CA    . GLY A 1 177 ? -16.902 -1.521  9.435   1.00 12.37 ? 177 GLY A CA    1 
ATOM   1181 C C     . GLY A 1 177 ? -15.987 -0.314  9.470   1.00 12.82 ? 177 GLY A C     1 
ATOM   1182 O O     . GLY A 1 177 ? -14.966 -0.276  8.785   1.00 9.53  ? 177 GLY A O     1 
ATOM   1183 N N     . PRO A 1 178 ? -16.343 0.702   10.271  1.00 13.38 ? 178 PRO A N     1 
ATOM   1184 C CA    . PRO A 1 178 ? -15.558 1.932   10.408  1.00 13.67 ? 178 PRO A CA    1 
ATOM   1185 C C     . PRO A 1 178 ? -14.167 1.635   10.958  1.00 13.53 ? 178 PRO A C     1 
ATOM   1186 O O     . PRO A 1 178 ? -14.029 0.955   11.977  1.00 13.40 ? 178 PRO A O     1 
ATOM   1187 C CB    . PRO A 1 178 ? -16.389 2.764   11.385  1.00 13.47 ? 178 PRO A CB    1 
ATOM   1188 C CG    . PRO A 1 178 ? -17.787 2.265   11.162  1.00 14.82 ? 178 PRO A CG    1 
ATOM   1189 C CD    . PRO A 1 178 ? -17.579 0.782   11.067  1.00 13.62 ? 178 PRO A CD    1 
ATOM   1190 N N     . CYS A 1 179 ? -13.137 2.134   10.285  1.00 11.46 ? 179 CYS A N     1 
ATOM   1191 C CA    . CYS A 1 179 ? -11.779 1.910   10.756  1.00 11.66 ? 179 CYS A CA    1 
ATOM   1192 C C     . CYS A 1 179 ? -11.568 2.829   11.956  1.00 12.22 ? 179 CYS A C     1 
ATOM   1193 O O     . CYS A 1 179 ? -12.032 3.969   11.958  1.00 12.47 ? 179 CYS A O     1 
ATOM   1194 C CB    . CYS A 1 179 ? -10.771 2.242   9.652   1.00 10.63 ? 179 CYS A CB    1 
ATOM   1195 S SG    . CYS A 1 179 ? -9.067  1.782   10.037  1.00 12.27 ? 179 CYS A SG    1 
ATOM   1196 N N     . ALA A 1 180 ? -10.882 2.329   12.978  1.00 13.59 ? 180 ALA A N     1 
ATOM   1197 C CA    . ALA A 1 180 ? -10.624 3.116   14.181  1.00 15.05 ? 180 ALA A CA    1 
ATOM   1198 C C     . ALA A 1 180 ? -9.599  4.214   13.924  1.00 15.56 ? 180 ALA A C     1 
ATOM   1199 O O     . ALA A 1 180 ? -9.550  5.208   14.649  1.00 15.78 ? 180 ALA A O     1 
ATOM   1200 C CB    . ALA A 1 180 ? -10.136 2.207   15.306  1.00 15.79 ? 180 ALA A CB    1 
ATOM   1201 N N     . ILE A 1 181 ? -8.787  4.033   12.888  1.00 15.18 ? 181 ILE A N     1 
ATOM   1202 C CA    . ILE A 1 181 ? -7.755  5.003   12.552  1.00 15.18 ? 181 ILE A CA    1 
ATOM   1203 C C     . ILE A 1 181 ? -8.321  6.352   12.126  1.00 17.02 ? 181 ILE A C     1 
ATOM   1204 O O     . ILE A 1 181 ? -9.213  6.434   11.277  1.00 16.46 ? 181 ILE A O     1 
ATOM   1205 C CB    . ILE A 1 181 ? -6.839  4.460   11.440  1.00 14.69 ? 181 ILE A CB    1 
ATOM   1206 C CG1   . ILE A 1 181 ? -6.153  3.185   11.931  1.00 13.04 ? 181 ILE A CG1   1 
ATOM   1207 C CG2   . ILE A 1 181 ? -5.808  5.512   11.053  1.00 16.06 ? 181 ILE A CG2   1 
ATOM   1208 C CD1   . ILE A 1 181 ? -5.313  2.498   10.886  1.00 10.44 ? 181 ILE A CD1   1 
ATOM   1209 N N     . VAL A 1 182 ? -7.780  7.408   12.730  1.00 18.94 ? 182 VAL A N     1 
ATOM   1210 C CA    . VAL A 1 182 ? -8.196  8.775   12.457  1.00 21.35 ? 182 VAL A CA    1 
ATOM   1211 C C     . VAL A 1 182 ? -7.061  9.564   11.816  1.00 20.55 ? 182 VAL A C     1 
ATOM   1212 O O     . VAL A 1 182 ? -5.927  9.544   12.295  1.00 21.34 ? 182 VAL A O     1 
ATOM   1213 C CB    . VAL A 1 182 ? -8.605  9.501   13.759  1.00 22.59 ? 182 VAL A CB    1 
ATOM   1214 C CG1   . VAL A 1 182 ? -9.073  10.915  13.444  1.00 25.16 ? 182 VAL A CG1   1 
ATOM   1215 C CG2   . VAL A 1 182 ? -9.701  8.722   14.471  1.00 24.75 ? 182 VAL A CG2   1 
ATOM   1216 N N     . VAL A 1 183 ? -7.377  10.256  10.728  1.00 20.48 ? 183 VAL A N     1 
ATOM   1217 C CA    . VAL A 1 183 ? -6.401  11.075  10.022  1.00 21.22 ? 183 VAL A CA    1 
ATOM   1218 C C     . VAL A 1 183 ? -7.069  12.394  9.659   1.00 21.90 ? 183 VAL A C     1 
ATOM   1219 O O     . VAL A 1 183 ? -7.761  12.493  8.645   1.00 22.27 ? 183 VAL A O     1 
ATOM   1220 C CB    . VAL A 1 183 ? -5.915  10.400  8.726   1.00 21.30 ? 183 VAL A CB    1 
ATOM   1221 C CG1   . VAL A 1 183 ? -4.940  11.315  8.013   1.00 22.37 ? 183 VAL A CG1   1 
ATOM   1222 C CG2   . VAL A 1 183 ? -5.260  9.065   9.045   1.00 21.13 ? 183 VAL A CG2   1 
ATOM   1223 N N     . GLY A 1 184 ? -6.864  13.402  10.500  1.00 22.87 ? 184 GLY A N     1 
ATOM   1224 C CA    . GLY A 1 184 ? -7.465  14.698  10.249  1.00 23.22 ? 184 GLY A CA    1 
ATOM   1225 C C     . GLY A 1 184 ? -8.974  14.603  10.325  1.00 24.01 ? 184 GLY A C     1 
ATOM   1226 O O     . GLY A 1 184 ? -9.523  14.087  11.299  1.00 23.91 ? 184 GLY A O     1 
ATOM   1227 N N     . SER A 1 185 ? -9.649  15.098  9.295   1.00 24.77 ? 185 SER A N     1 
ATOM   1228 C CA    . SER A 1 185 ? -11.105 15.061  9.245   1.00 26.38 ? 185 SER A CA    1 
ATOM   1229 C C     . SER A 1 185 ? -11.566 13.917  8.348   1.00 26.00 ? 185 SER A C     1 
ATOM   1230 O O     . SER A 1 185 ? -12.748 13.804  8.020   1.00 26.03 ? 185 SER A O     1 
ATOM   1231 C CB    . SER A 1 185 ? -11.641 16.385  8.706   1.00 27.10 ? 185 SER A CB    1 
ATOM   1232 O OG    . SER A 1 185 ? -11.093 16.661  7.427   1.00 30.72 ? 185 SER A OG    1 
ATOM   1233 N N     . LEU A 1 186 ? -10.621 13.070  7.954   1.00 25.09 ? 186 LEU A N     1 
ATOM   1234 C CA    . LEU A 1 186 ? -10.918 11.936  7.090   1.00 24.47 ? 186 LEU A CA    1 
ATOM   1235 C C     . LEU A 1 186 ? -11.245 10.689  7.907   1.00 23.09 ? 186 LEU A C     1 
ATOM   1236 O O     . LEU A 1 186 ? -10.610 10.422  8.927   1.00 23.55 ? 186 LEU A O     1 
ATOM   1237 C CB    . LEU A 1 186 ? -9.717  11.641  6.189   1.00 24.19 ? 186 LEU A CB    1 
ATOM   1238 C CG    . LEU A 1 186 ? -9.105  12.812  5.418   1.00 24.19 ? 186 LEU A CG    1 
ATOM   1239 C CD1   . LEU A 1 186 ? -7.777  12.378  4.820   1.00 24.13 ? 186 LEU A CD1   1 
ATOM   1240 C CD2   . LEU A 1 186 ? -10.059 13.283  4.339   1.00 24.17 ? 186 LEU A CD2   1 
ATOM   1241 N N     . THR A 1 187 ? -12.240 9.936   7.452   1.00 23.06 ? 187 THR A N     1 
ATOM   1242 C CA    . THR A 1 187 ? -12.640 8.695   8.110   1.00 22.46 ? 187 THR A CA    1 
ATOM   1243 C C     . THR A 1 187 ? -12.586 7.599   7.046   1.00 20.32 ? 187 THR A C     1 
ATOM   1244 O O     . THR A 1 187 ? -12.754 7.874   5.857   1.00 19.78 ? 187 THR A O     1 
ATOM   1245 C CB    . THR A 1 187 ? -14.073 8.781   8.671   1.00 23.33 ? 187 THR A CB    1 
ATOM   1246 O OG1   . THR A 1 187 ? -14.994 9.006   7.599   1.00 24.60 ? 187 THR A OG1   1 
ATOM   1247 C CG2   . THR A 1 187 ? -14.184 9.917   9.681   1.00 25.24 ? 187 THR A CG2   1 
ATOM   1248 N N     . PHE A 1 188 ? -12.358 6.360   7.464   1.00 17.03 ? 188 PHE A N     1 
ATOM   1249 C CA    . PHE A 1 188 ? -12.264 5.275   6.498   1.00 14.35 ? 188 PHE A CA    1 
ATOM   1250 C C     . PHE A 1 188 ? -13.052 4.027   6.877   1.00 12.65 ? 188 PHE A C     1 
ATOM   1251 O O     . PHE A 1 188 ? -13.496 3.871   8.014   1.00 10.90 ? 188 PHE A O     1 
ATOM   1252 C CB    . PHE A 1 188 ? -10.801 4.865   6.304   1.00 12.91 ? 188 PHE A CB    1 
ATOM   1253 C CG    . PHE A 1 188 ? -9.855  6.020   6.153   1.00 11.54 ? 188 PHE A CG    1 
ATOM   1254 C CD1   . PHE A 1 188 ? -9.385  6.701   7.271   1.00 10.63 ? 188 PHE A CD1   1 
ATOM   1255 C CD2   . PHE A 1 188 ? -9.419  6.415   4.893   1.00 10.65 ? 188 PHE A CD2   1 
ATOM   1256 C CE1   . PHE A 1 188 ? -8.490  7.761   7.135   1.00 13.26 ? 188 PHE A CE1   1 
ATOM   1257 C CE2   . PHE A 1 188 ? -8.525  7.473   4.745   1.00 11.63 ? 188 PHE A CE2   1 
ATOM   1258 C CZ    . PHE A 1 188 ? -8.059  8.147   5.868   1.00 12.46 ? 188 PHE A CZ    1 
ATOM   1259 N N     . THR A 1 189 ? -13.222 3.148   5.893   1.00 11.09 ? 189 THR A N     1 
ATOM   1260 C CA    . THR A 1 189 ? -13.893 1.873   6.092   1.00 9.75  ? 189 THR A CA    1 
ATOM   1261 C C     . THR A 1 189 ? -12.749 0.871   6.070   1.00 10.18 ? 189 THR A C     1 
ATOM   1262 O O     . THR A 1 189 ? -11.875 0.951   5.208   1.00 9.28  ? 189 THR A O     1 
ATOM   1263 C CB    . THR A 1 189 ? -14.854 1.527   4.932   1.00 11.34 ? 189 THR A CB    1 
ATOM   1264 O OG1   . THR A 1 189 ? -15.978 2.416   4.951   1.00 10.65 ? 189 THR A OG1   1 
ATOM   1265 C CG2   . THR A 1 189 ? -15.342 0.079   5.054   1.00 9.36  ? 189 THR A CG2   1 
ATOM   1266 N N     . GLU A 1 190 ? -12.735 -0.050  7.023   1.00 9.67  ? 190 GLU A N     1 
ATOM   1267 C CA    . GLU A 1 190 ? -11.680 -1.048  7.058   1.00 10.96 ? 190 GLU A CA    1 
ATOM   1268 C C     . GLU A 1 190 ? -12.117 -2.215  6.181   1.00 10.94 ? 190 GLU A C     1 
ATOM   1269 O O     . GLU A 1 190 ? -13.299 -2.542  6.118   1.00 11.89 ? 190 GLU A O     1 
ATOM   1270 C CB    . GLU A 1 190 ? -11.437 -1.526  8.493   1.00 12.30 ? 190 GLU A CB    1 
ATOM   1271 C CG    . GLU A 1 190 ? -10.139 -2.307  8.661   1.00 16.57 ? 190 GLU A CG    1 
ATOM   1272 C CD    . GLU A 1 190 ? -9.727  -2.463  10.111  1.00 16.21 ? 190 GLU A CD    1 
ATOM   1273 O OE1   . GLU A 1 190 ? -9.799  -1.463  10.856  1.00 18.02 ? 190 GLU A OE1   1 
ATOM   1274 O OE2   . GLU A 1 190 ? -9.315  -3.573  10.503  1.00 15.58 ? 190 GLU A OE2   1 
ATOM   1275 N N     . MET A 1 191 ? -11.163 -2.828  5.493   1.00 11.58 ? 191 MET A N     1 
ATOM   1276 C CA    . MET A 1 191 ? -11.468 -3.959  4.632   1.00 10.42 ? 191 MET A CA    1 
ATOM   1277 C C     . MET A 1 191 ? -10.448 -5.076  4.827   1.00 10.40 ? 191 MET A C     1 
ATOM   1278 O O     . MET A 1 191 ? -9.247  -4.817  4.961   1.00 8.76  ? 191 MET A O     1 
ATOM   1279 C CB    . MET A 1 191 ? -11.495 -3.513  3.168   1.00 11.47 ? 191 MET A CB    1 
ATOM   1280 C CG    . MET A 1 191 ? -12.587 -2.496  2.856   1.00 14.50 ? 191 MET A CG    1 
ATOM   1281 S SD    . MET A 1 191 ? -12.734 -2.165  1.096   1.00 18.72 ? 191 MET A SD    1 
ATOM   1282 C CE    . MET A 1 191 ? -13.737 -3.562  0.595   1.00 15.90 ? 191 MET A CE    1 
ATOM   1283 N N     . HIS A 1 192 ? -10.940 -6.313  4.849   1.00 9.62  ? 192 HIS A N     1 
ATOM   1284 C CA    . HIS A 1 192 ? -10.091 -7.485  5.036   1.00 10.06 ? 192 HIS A CA    1 
ATOM   1285 C C     . HIS A 1 192 ? -10.220 -8.466  3.882   1.00 10.49 ? 192 HIS A C     1 
ATOM   1286 O O     . HIS A 1 192 ? -11.305 -8.660  3.335   1.00 9.84  ? 192 HIS A O     1 
ATOM   1287 C CB    . HIS A 1 192 ? -10.455 -8.229  6.323   1.00 10.26 ? 192 HIS A CB    1 
ATOM   1288 C CG    . HIS A 1 192 ? -10.397 -7.381  7.553   1.00 12.62 ? 192 HIS A CG    1 
ATOM   1289 N ND1   . HIS A 1 192 ? -9.590  -6.269  7.651   1.00 14.79 ? 192 HIS A ND1   1 
ATOM   1290 C CD2   . HIS A 1 192 ? -11.019 -7.503  8.750   1.00 12.29 ? 192 HIS A CD2   1 
ATOM   1291 C CE1   . HIS A 1 192 ? -9.718  -5.741  8.856   1.00 12.08 ? 192 HIS A CE1   1 
ATOM   1292 N NE2   . HIS A 1 192 ? -10.578 -6.472  9.543   1.00 15.09 ? 192 HIS A NE2   1 
ATOM   1293 N N     . CYS A 1 193 ? -9.108  -9.103  3.537   1.00 9.94  ? 193 CYS A N     1 
ATOM   1294 C CA    . CYS A 1 193 ? -9.086  -10.086 2.462   1.00 12.21 ? 193 CYS A CA    1 
ATOM   1295 C C     . CYS A 1 193 ? -8.375  -11.348 2.932   1.00 12.17 ? 193 CYS A C     1 
ATOM   1296 O O     . CYS A 1 193 ? -7.240  -11.289 3.397   1.00 12.45 ? 193 CYS A O     1 
ATOM   1297 C CB    . CYS A 1 193 ? -8.361  -9.522  1.234   1.00 11.59 ? 193 CYS A CB    1 
ATOM   1298 S SG    . CYS A 1 193 ? -8.213  -10.676 -0.169  1.00 15.68 ? 193 CYS A SG    1 
ATOM   1299 N N     . SER A 1 194 ? -9.050  -12.486 2.822   1.00 14.56 ? 194 SER A N     1 
ATOM   1300 C CA    . SER A 1 194 ? -8.448  -13.750 3.215   1.00 16.91 ? 194 SER A CA    1 
ATOM   1301 C C     . SER A 1 194 ? -7.532  -14.216 2.089   1.00 17.86 ? 194 SER A C     1 
ATOM   1302 O O     . SER A 1 194 ? -7.916  -14.199 0.920   1.00 19.12 ? 194 SER A O     1 
ATOM   1303 C CB    . SER A 1 194 ? -9.526  -14.805 3.467   1.00 18.54 ? 194 SER A CB    1 
ATOM   1304 O OG    . SER A 1 194 ? -8.934  -16.066 3.730   1.00 20.71 ? 194 SER A OG    1 
ATOM   1305 N N     . LEU A 1 195 ? -6.322  -14.632 2.442   1.00 18.62 ? 195 LEU A N     1 
ATOM   1306 C CA    . LEU A 1 195 ? -5.366  -15.096 1.442   1.00 20.23 ? 195 LEU A CA    1 
ATOM   1307 C C     . LEU A 1 195 ? -5.131  -16.596 1.555   1.00 22.01 ? 195 LEU A C     1 
ATOM   1308 O O     . LEU A 1 195 ? -3.989  -17.059 1.500   1.00 25.34 ? 195 LEU A O     1 
ATOM   1309 C CB    . LEU A 1 195 ? -4.038  -14.348 1.599   1.00 20.32 ? 195 LEU A CB    1 
ATOM   1310 C CG    . LEU A 1 195 ? -4.091  -12.827 1.441   1.00 19.96 ? 195 LEU A CG    1 
ATOM   1311 C CD1   . LEU A 1 195 ? -2.713  -12.241 1.706   1.00 20.44 ? 195 LEU A CD1   1 
ATOM   1312 C CD2   . LEU A 1 195 ? -4.562  -12.463 0.041   1.00 20.81 ? 195 LEU A CD2   1 
HETATM 1313 N N1    . CA3 B 2 .   ? -13.110 8.412   -6.031  0.31 33.00 ? 900 CA3 A N1    1 
HETATM 1314 C C2    . CA3 B 2 .   ? -13.870 7.338   -6.418  0.31 32.56 ? 900 CA3 A C2    1 
HETATM 1315 N N3    . CA3 B 2 .   ? -13.430 6.260   -7.154  0.31 32.03 ? 900 CA3 A N3    1 
HETATM 1316 C C4    . CA3 B 2 .   ? -12.031 6.331   -7.522  0.31 31.51 ? 900 CA3 A C4    1 
HETATM 1317 C C5    . CA3 B 2 .   ? -11.146 7.381   -7.183  0.31 31.90 ? 900 CA3 A C5    1 
HETATM 1318 C C6    . CA3 B 2 .   ? -11.749 8.484   -6.388  0.31 32.79 ? 900 CA3 A C6    1 
HETATM 1319 N N6    . CA3 B 2 .   ? -11.057 9.559   -5.982  0.31 33.62 ? 900 CA3 A N6    1 
HETATM 1320 N N7    . CA3 B 2 .   ? -9.884  7.147   -7.683  0.31 31.45 ? 900 CA3 A N7    1 
HETATM 1321 C C8    . CA3 B 2 .   ? -9.994  5.980   -8.309  0.31 30.86 ? 900 CA3 A C8    1 
HETATM 1322 N N9    . CA3 B 2 .   ? -11.276 5.410   -8.259  0.31 30.41 ? 900 CA3 A N9    1 
HETATM 1323 C "C1'" . CA3 B 2 .   ? -11.781 4.097   -8.853  0.31 29.36 ? 900 CA3 A "C1'" 1 
HETATM 1324 C "C2'" . CA3 B 2 .   ? -12.257 4.352   -10.299 0.31 29.15 ? 900 CA3 A "C2'" 1 
HETATM 1325 O "O2'" . CA3 B 2 .   ? -13.511 4.783   -10.422 0.31 29.51 ? 900 CA3 A "O2'" 1 
HETATM 1326 C "C3'" . CA3 B 2 .   ? -12.055 3.005   -11.038 0.31 28.68 ? 900 CA3 A "C3'" 1 
HETATM 1327 O "O3'" . CA3 B 2 .   ? -13.263 2.195   -11.028 0.31 29.95 ? 900 CA3 A "O3'" 1 
HETATM 1328 P P3    . CA3 B 2 .   ? -14.050 1.946   -12.348 0.31 30.35 ? 900 CA3 A P3    1 
HETATM 1329 O O31   . CA3 B 2 .   ? -13.719 3.011   -13.425 0.31 30.12 ? 900 CA3 A O31   1 
HETATM 1330 O O32   . CA3 B 2 .   ? -13.707 0.529   -12.888 0.31 31.28 ? 900 CA3 A O32   1 
HETATM 1331 O O33   . CA3 B 2 .   ? -15.557 1.978   -12.002 0.31 30.93 ? 900 CA3 A O33   1 
HETATM 1332 C "C4'" . CA3 B 2 .   ? -10.891 2.375   -10.283 0.31 27.40 ? 900 CA3 A "C4'" 1 
HETATM 1333 O "O4'" . CA3 B 2 .   ? -10.743 3.061   -8.994  0.31 27.80 ? 900 CA3 A "O4'" 1 
HETATM 1334 C "C5'" . CA3 B 2 .   ? -9.626  2.533   -11.122 0.31 24.55 ? 900 CA3 A "C5'" 1 
HETATM 1335 O "O5'" . CA3 B 2 .   ? -9.062  1.382   -11.742 1.00 22.00 ? 900 CA3 A "O5'" 1 
HETATM 1336 P P1    . CA3 B 2 .   ? -7.554  1.415   -12.083 1.00 19.51 ? 900 CA3 A P1    1 
HETATM 1337 O O11   . CA3 B 2 .   ? -6.932  0.018   -11.900 1.00 21.54 ? 900 CA3 A O11   1 
HETATM 1338 O O12   . CA3 B 2 .   ? -7.370  1.891   -13.522 1.00 19.92 ? 900 CA3 A O12   1 
HETATM 1339 O O6    . CA3 B 2 .   ? -6.909  2.454   -11.157 1.00 22.67 ? 900 CA3 A O6    1 
HETATM 1340 P P2    . CA3 B 2 .   ? -5.620  3.278   -11.145 1.00 16.16 ? 900 CA3 A P2    1 
HETATM 1341 O O21   . CA3 B 2 .   ? -4.533  2.569   -11.964 1.00 18.07 ? 900 CA3 A O21   1 
HETATM 1342 O O22   . CA3 B 2 .   ? -5.918  4.646   -11.742 1.00 22.86 ? 900 CA3 A O22   1 
HETATM 1343 O O7    . CA3 B 2 .   ? -5.163  3.420   -9.677  1.00 16.54 ? 900 CA3 A O7    1 
HETATM 1344 C CP8   . CA3 B 2 .   ? -5.714  4.417   -7.380  1.00 13.02 ? 900 CA3 A CP8   1 
HETATM 1345 C CP9   . CA3 B 2 .   ? -6.132  3.518   -8.583  1.00 13.10 ? 900 CA3 A CP9   1 
HETATM 1346 C CPA   . CA3 B 2 .   ? -4.472  3.770   -6.703  1.00 11.69 ? 900 CA3 A CPA   1 
HETATM 1347 C CPB   . CA3 B 2 .   ? -6.857  4.481   -6.346  1.00 13.76 ? 900 CA3 A CPB   1 
HETATM 1348 C CP7   . CA3 B 2 .   ? -5.404  5.841   -8.001  1.00 12.23 ? 900 CA3 A CP7   1 
HETATM 1349 O OP3   . CA3 B 2 .   ? -6.624  6.586   -8.303  1.00 14.54 ? 900 CA3 A OP3   1 
HETATM 1350 C CP6   . CA3 B 2 .   ? -4.543  6.817   -7.116  1.00 12.96 ? 900 CA3 A CP6   1 
HETATM 1351 O OP2   . CA3 B 2 .   ? -3.305  6.774   -7.196  1.00 12.10 ? 900 CA3 A OP2   1 
HETATM 1352 N NP2   . CA3 B 2 .   ? -5.206  7.732   -6.237  1.00 11.56 ? 900 CA3 A NP2   1 
HETATM 1353 C CP5   . CA3 B 2 .   ? -4.502  8.663   -5.394  1.00 14.09 ? 900 CA3 A CP5   1 
HETATM 1354 C CP4   . CA3 B 2 .   ? -3.961  8.004   -4.113  1.00 12.00 ? 900 CA3 A CP4   1 
HETATM 1355 C CP3   . CA3 B 2 .   ? -5.011  7.318   -3.259  1.00 14.52 ? 900 CA3 A CP3   1 
HETATM 1356 O OP1   . CA3 B 2 .   ? -6.050  7.895   -2.905  1.00 14.78 ? 900 CA3 A OP1   1 
HETATM 1357 N NP1   . CA3 B 2 .   ? -4.661  5.973   -2.912  1.00 13.17 ? 900 CA3 A NP1   1 
HETATM 1358 C CP2   . CA3 B 2 .   ? -5.498  5.122   -2.090  1.00 14.41 ? 900 CA3 A CP2   1 
HETATM 1359 C CP1   . CA3 B 2 .   ? -6.176  4.121   -2.451  1.00 13.31 ? 900 CA3 A CP1   1 
HETATM 1360 S S     . CA3 B 2 .   ? -7.492  3.689   -1.285  1.00 12.41 ? 900 CA3 A S     1 
HETATM 1361 C CT2   . CA3 B 2 .   ? -5.492  5.762   2.902   1.00 10.20 ? 900 CA3 A CT2   1 
HETATM 1362 C CT3   . CA3 B 2 .   ? -5.453  7.300   2.810   1.00 9.70  ? 900 CA3 A CT3   1 
HETATM 1363 C CT4   . CA3 B 2 .   ? -4.738  8.203   3.677   1.00 10.52 ? 900 CA3 A CT4   1 
HETATM 1364 C CT5   . CA3 B 2 .   ? -4.991  9.546   3.197   1.00 10.92 ? 900 CA3 A CT5   1 
HETATM 1365 C C11   . CA3 B 2 .   ? -3.887  8.031   4.823   1.00 11.41 ? 900 CA3 A C11   1 
HETATM 1366 C CT6   . CA3 B 2 .   ? -6.090  8.091   1.884   1.00 10.61 ? 900 CA3 A CT6   1 
HETATM 1367 N NT6   . CA3 B 2 .   ? -5.815  9.434   2.114   1.00 9.53  ? 900 CA3 A NT6   1 
HETATM 1368 C CT7   . CA3 B 2 .   ? -4.432  10.700  3.820   1.00 12.32 ? 900 CA3 A CT7   1 
HETATM 1369 C CT9   . CA3 B 2 .   ? -3.325  9.184   5.448   1.00 11.32 ? 900 CA3 A CT9   1 
HETATM 1370 C CT8   . CA3 B 2 .   ? -3.601  10.501  4.940   1.00 11.89 ? 900 CA3 A CT8   1 
HETATM 1371 C CA1   . CA3 B 2 .   ? -6.873  2.662   0.071   1.00 12.62 ? 900 CA3 A CA1   1 
HETATM 1372 C CA2   . CA3 B 2 .   ? -3.662  3.189   1.309   1.00 9.43  ? 900 CA3 A CA2   1 
HETATM 1373 O OA2   . CA3 B 2 .   ? -3.206  3.883   0.380   1.00 9.43  ? 900 CA3 A OA2   1 
HETATM 1374 N NT1   . CA3 B 2 .   ? -4.102  3.699   2.483   1.00 9.20  ? 900 CA3 A NT1   1 
HETATM 1375 C CT1   . CA3 B 2 .   ? -4.062  5.154   2.775   1.00 12.27 ? 900 CA3 A CT1   1 
HETATM 1376 C CA3   . CA3 B 2 .   ? -5.764  1.715   -0.346  1.00 10.16 ? 900 CA3 A CA3   1 
HETATM 1377 C CA4   . CA3 B 2 .   ? -5.090  1.100   0.868   1.00 10.92 ? 900 CA3 A CA4   1 
HETATM 1378 C CA5   . CA3 B 2 .   ? -3.703  1.667   1.149   1.00 9.91  ? 900 CA3 A CA5   1 
HETATM 1379 O O     . HOH C 3 .   ? 7.025   -2.442  2.770   1.00 7.62  ? 503 HOH A O     1 
HETATM 1380 O O     . HOH C 3 .   ? -4.610  1.374   4.465   1.00 4.96  ? 504 HOH A O     1 
HETATM 1381 O O     . HOH C 3 .   ? -3.856  2.052   7.070   1.00 8.63  ? 505 HOH A O     1 
HETATM 1382 O O     . HOH C 3 .   ? 8.213   10.031  -8.212  1.00 12.42 ? 506 HOH A O     1 
HETATM 1383 O O     . HOH C 3 .   ? -2.147  4.097   5.904   1.00 13.67 ? 507 HOH A O     1 
HETATM 1384 O O     . HOH C 3 .   ? -3.982  2.816   -14.545 1.00 8.66  ? 508 HOH A O     1 
HETATM 1385 O O     . HOH C 3 .   ? -18.320 -1.320  6.554   1.00 9.82  ? 509 HOH A O     1 
HETATM 1386 O O     . HOH C 3 .   ? 1.313   11.480  -9.160  1.00 14.43 ? 510 HOH A O     1 
HETATM 1387 O O     . HOH C 3 .   ? 3.683   12.892  -8.898  1.00 11.83 ? 511 HOH A O     1 
HETATM 1388 O O     . HOH C 3 .   ? 8.024   -0.949  13.574  1.00 18.45 ? 512 HOH A O     1 
HETATM 1389 O O     . HOH C 3 .   ? -6.680  11.424  0.281   1.00 16.08 ? 513 HOH A O     1 
HETATM 1390 O O     . HOH C 3 .   ? 8.483   8.630   -10.493 1.00 14.24 ? 514 HOH A O     1 
HETATM 1391 O O     . HOH C 3 .   ? 8.382   13.774  4.475   1.00 16.53 ? 515 HOH A O     1 
HETATM 1392 O O     . HOH C 3 .   ? -2.896  -11.453 12.003  1.00 25.69 ? 516 HOH A O     1 
HETATM 1393 O O     . HOH C 3 .   ? -7.870  6.439   -10.792 1.00 14.63 ? 517 HOH A O     1 
HETATM 1394 O O     . HOH C 3 .   ? -18.976 -7.264  5.028   1.00 14.13 ? 518 HOH A O     1 
HETATM 1395 O O     . HOH C 3 .   ? -10.224 -0.501  13.155  1.00 14.50 ? 519 HOH A O     1 
HETATM 1396 O O     . HOH C 3 .   ? 2.960   0.105   -19.149 1.00 22.93 ? 520 HOH A O     1 
HETATM 1397 O O     . HOH C 3 .   ? -12.026 5.972   10.299  1.00 26.80 ? 521 HOH A O     1 
HETATM 1398 O O     . HOH C 3 .   ? 5.143   -9.129  16.083  1.00 17.59 ? 522 HOH A O     1 
HETATM 1399 O O     . HOH C 3 .   ? -8.319  -12.489 -3.290  1.00 17.09 ? 523 HOH A O     1 
HETATM 1400 O O     . HOH C 3 .   ? 13.640  -5.109  -1.870  1.00 18.34 ? 524 HOH A O     1 
HETATM 1401 O O     . HOH C 3 .   ? 7.697   -4.540  -21.046 1.00 16.29 ? 525 HOH A O     1 
HETATM 1402 O O     . HOH C 3 .   ? 13.792  7.500   -4.924  1.00 18.47 ? 526 HOH A O     1 
HETATM 1403 O O     . HOH C 3 .   ? -11.395 1.218   -14.095 1.00 32.90 ? 527 HOH A O     1 
HETATM 1404 O O     . HOH C 3 .   ? 9.578   -7.175  -13.960 1.00 22.98 ? 528 HOH A O     1 
HETATM 1405 O O     . HOH C 3 .   ? -10.557 -7.805  -9.955  1.00 20.69 ? 537 HOH A O     1 
HETATM 1406 O O     . HOH C 3 .   ? -8.132  9.014   -11.590 1.00 40.39 ? 538 HOH A O     1 
HETATM 1407 O O     . HOH C 3 .   ? 10.269  11.613  -7.972  1.00 19.67 ? 539 HOH A O     1 
HETATM 1408 O O     . HOH C 3 .   ? 0.901   -2.415  10.793  1.00 13.07 ? 541 HOH A O     1 
HETATM 1409 O O     . HOH C 3 .   ? -12.850 -6.810  11.971  1.00 15.91 ? 542 HOH A O     1 
HETATM 1410 O O     . HOH C 3 .   ? 18.492  1.859   -5.857  1.00 33.41 ? 543 HOH A O     1 
HETATM 1411 O O     . HOH C 3 .   ? -8.092  10.796  -3.914  1.00 25.87 ? 544 HOH A O     1 
HETATM 1412 O O     . HOH C 3 .   ? 0.711   5.803   15.105  1.00 16.70 ? 545 HOH A O     1 
HETATM 1413 O O     . HOH C 3 .   ? -6.828  -9.071  17.926  1.00 29.06 ? 546 HOH A O     1 
HETATM 1414 O O     . HOH C 3 .   ? 10.683  13.195  -2.411  1.00 15.16 ? 547 HOH A O     1 
HETATM 1415 O O     . HOH C 3 .   ? 6.516   12.021  -9.339  1.00 17.53 ? 549 HOH A O     1 
HETATM 1416 O O     . HOH C 3 .   ? 11.987  -7.789  -6.279  1.00 16.26 ? 550 HOH A O     1 
HETATM 1417 O O     . HOH C 3 .   ? 15.902  -2.551  2.561   1.00 28.80 ? 551 HOH A O     1 
HETATM 1418 O O     . HOH C 3 .   ? -7.037  -4.366  17.260  1.00 16.23 ? 552 HOH A O     1 
HETATM 1419 O O     . HOH C 3 .   ? 4.732   -13.387 10.277  1.00 19.74 ? 553 HOH A O     1 
HETATM 1420 O O     . HOH C 3 .   ? -17.320 -4.529  -6.638  1.00 26.64 ? 554 HOH A O     1 
HETATM 1421 O O     . HOH C 3 .   ? 3.967   14.750  -11.715 1.00 42.16 ? 555 HOH A O     1 
HETATM 1422 O O     . HOH C 3 .   ? 6.507   1.264   -21.139 1.00 19.85 ? 556 HOH A O     1 
HETATM 1423 O O     . HOH C 3 .   ? 10.070  12.515  7.039   1.00 21.43 ? 557 HOH A O     1 
HETATM 1424 O O     . HOH C 3 .   ? -22.008 -5.670  -1.269  1.00 34.47 ? 558 HOH A O     1 
HETATM 1425 O O     . HOH C 3 .   ? 10.651  17.430  -4.064  1.00 18.37 ? 559 HOH A O     1 
HETATM 1426 O O     . HOH C 3 .   ? 13.397  -0.308  -14.165 1.00 26.14 ? 560 HOH A O     1 
HETATM 1427 O O     . HOH C 3 .   ? -5.945  10.827  -2.349  1.00 15.56 ? 561 HOH A O     1 
HETATM 1428 O O     . HOH C 3 .   ? -3.133  -1.653  18.667  1.00 34.81 ? 562 HOH A O     1 
HETATM 1429 O O     . HOH C 3 .   ? 14.025  2.900   10.566  1.00 30.93 ? 563 HOH A O     1 
HETATM 1430 O O     . HOH C 3 .   ? 10.135  -4.450  -20.021 1.00 23.46 ? 564 HOH A O     1 
HETATM 1431 O O     . HOH C 3 .   ? -1.122  9.933   8.667   1.00 37.11 ? 565 HOH A O     1 
HETATM 1432 O O     . HOH C 3 .   ? -14.972 1.918   -5.963  1.00 24.02 ? 566 HOH A O     1 
HETATM 1433 O O     . HOH C 3 .   ? -12.606 -9.015  18.235  1.00 41.92 ? 567 HOH A O     1 
HETATM 1434 O O     . HOH C 3 .   ? 2.126   8.555   -19.923 1.00 27.75 ? 568 HOH A O     1 
HETATM 1435 O O     . HOH C 3 .   ? 5.208   -1.027  -22.633 1.00 19.09 ? 569 HOH A O     1 
HETATM 1436 O O     . HOH C 3 .   ? 22.445  3.216   -1.239  1.00 36.90 ? 570 HOH A O     1 
HETATM 1437 O O     . HOH C 3 .   ? 15.384  7.749   -1.642  1.00 23.20 ? 571 HOH A O     1 
HETATM 1438 O O     . HOH C 3 .   ? -3.994  9.575   -15.477 1.00 24.20 ? 572 HOH A O     1 
HETATM 1439 O O     . HOH C 3 .   ? -1.042  -17.852 3.117   1.00 37.98 ? 573 HOH A O     1 
HETATM 1440 O O     . HOH C 3 .   ? -8.733  -17.969 1.175   1.00 38.55 ? 574 HOH A O     1 
HETATM 1441 O O     . HOH C 3 .   ? -7.723  6.107   16.304  1.00 23.29 ? 575 HOH A O     1 
HETATM 1442 O O     . HOH C 3 .   ? 11.354  -8.477  7.362   1.00 24.58 ? 576 HOH A O     1 
HETATM 1443 O O     . HOH C 3 .   ? 11.621  0.658   -15.981 1.00 17.53 ? 577 HOH A O     1 
HETATM 1444 O O     . HOH C 3 .   ? -10.512 -3.503  -11.261 1.00 24.06 ? 578 HOH A O     1 
HETATM 1445 O O     . HOH C 3 .   ? -3.213  16.055  -9.836  1.00 33.37 ? 579 HOH A O     1 
HETATM 1446 O O     . HOH C 3 .   ? 1.839   2.237   -20.144 1.00 33.24 ? 580 HOH A O     1 
HETATM 1447 O O     . HOH C 3 .   ? 6.474   13.320  -12.411 1.00 27.11 ? 581 HOH A O     1 
HETATM 1448 O O     . HOH C 3 .   ? 7.728   -7.218  -16.398 1.00 37.41 ? 582 HOH A O     1 
HETATM 1449 O O     . HOH C 3 .   ? 9.896   -9.263  9.252   1.00 21.19 ? 583 HOH A O     1 
HETATM 1450 O O     . HOH C 3 .   ? 14.169  -5.275  -4.980  1.00 23.70 ? 584 HOH A O     1 
HETATM 1451 O O     . HOH C 3 .   ? 11.013  7.681   -10.275 1.00 26.99 ? 585 HOH A O     1 
HETATM 1452 O O     . HOH C 3 .   ? -17.854 5.697   7.769   1.00 42.00 ? 586 HOH A O     1 
HETATM 1453 O O     . HOH C 3 .   ? 1.889   7.452   13.311  1.00 18.19 ? 587 HOH A O     1 
HETATM 1454 O O     . HOH C 3 .   ? 11.161  -5.800  13.136  1.00 34.76 ? 588 HOH A O     1 
HETATM 1455 O O     . HOH C 3 .   ? -6.596  3.370   17.614  1.00 27.62 ? 589 HOH A O     1 
HETATM 1456 O O     . HOH C 3 .   ? -16.286 8.426   -0.245  1.00 26.71 ? 590 HOH A O     1 
HETATM 1457 O O     . HOH C 3 .   ? 7.781   -9.678  6.694   1.00 27.68 ? 591 HOH A O     1 
HETATM 1458 O O     . HOH C 3 .   ? -8.284  8.355   -5.569  1.00 25.33 ? 592 HOH A O     1 
HETATM 1459 O O     . HOH C 3 .   ? -6.348  -18.471 7.349   1.00 29.99 ? 593 HOH A O     1 
HETATM 1460 O O     . HOH C 3 .   ? 4.002   6.156   -21.145 1.00 36.05 ? 594 HOH A O     1 
HETATM 1461 O O     . HOH C 3 .   ? 15.359  7.211   8.062   1.00 35.06 ? 595 HOH A O     1 
HETATM 1462 O O     . HOH C 3 .   ? -18.719 1.814   3.721   1.00 30.51 ? 596 HOH A O     1 
HETATM 1463 O O     . HOH C 3 .   ? -20.163 0.987   -0.691  1.00 33.08 ? 597 HOH A O     1 
HETATM 1464 O O     . HOH C 3 .   ? 17.884  2.542   6.286   1.00 35.87 ? 598 HOH A O     1 
HETATM 1465 O O     . HOH C 3 .   ? -17.060 3.104   7.562   1.00 33.62 ? 599 HOH A O     1 
HETATM 1466 O O     . HOH C 3 .   ? 2.579   5.637   17.011  1.00 27.34 ? 600 HOH A O     1 
HETATM 1467 O O     . HOH C 3 .   ? -11.739 8.210   -2.232  1.00 44.62 ? 601 HOH A O     1 
HETATM 1468 O O     . HOH C 3 .   ? -18.986 1.037   7.643   1.00 33.86 ? 602 HOH A O     1 
HETATM 1469 O O     . HOH C 3 .   ? -19.997 -3.838  -4.671  1.00 32.88 ? 603 HOH A O     1 
HETATM 1470 O O     . HOH C 3 .   ? -1.423  0.144   -18.073 1.00 37.96 ? 604 HOH A O     1 
HETATM 1471 O O     . HOH C 3 .   ? -17.100 -2.581  -8.641  1.00 33.79 ? 605 HOH A O     1 
HETATM 1472 O O     . HOH C 3 .   ? -13.980 5.151   13.687  1.00 36.63 ? 606 HOH A O     1 
HETATM 1473 O O     . HOH C 3 .   ? 7.269   7.171   -18.036 1.00 45.78 ? 607 HOH A O     1 
HETATM 1474 O O     . HOH C 3 .   ? 11.158  5.588   -6.954  1.00 35.59 ? 608 HOH A O     1 
HETATM 1475 O O     . HOH C 3 .   ? -8.931  -6.033  16.769  1.00 37.03 ? 609 HOH A O     1 
HETATM 1476 O O     . HOH C 3 .   ? 16.153  -4.015  -0.058  1.00 38.89 ? 610 HOH A O     1 
HETATM 1477 O O     . HOH C 3 .   ? 15.200  8.415   -7.009  1.00 42.49 ? 611 HOH A O     1 
HETATM 1478 O O     . HOH C 3 .   ? -12.433 -0.954  15.761  1.00 32.65 ? 612 HOH A O     1 
HETATM 1479 O O     . HOH C 3 .   ? 7.222   -0.963  -24.919 1.00 30.26 ? 613 HOH A O     1 
HETATM 1480 O O     . HOH C 3 .   ? -5.695  12.139  -6.713  1.00 43.09 ? 614 HOH A O     1 
HETATM 1481 O O     . HOH C 3 .   ? 16.817  1.737   -12.754 1.00 53.10 ? 615 HOH A O     1 
HETATM 1482 O O     . HOH C 3 .   ? 13.026  -7.900  -0.554  1.00 35.73 ? 616 HOH A O     1 
HETATM 1483 O O     . HOH C 3 .   ? 5.930   -15.694 6.137   1.00 59.46 ? 617 HOH A O     1 
HETATM 1484 O O     . HOH C 3 .   ? 8.115   -10.036 -13.178 1.00 48.75 ? 618 HOH A O     1 
HETATM 1485 O O     . HOH C 3 .   ? -20.845 2.645   9.359   1.00 42.54 ? 619 HOH A O     1 
HETATM 1486 O O     . HOH C 3 .   ? -11.399 -12.711 1.291   1.00 26.17 ? 620 HOH A O     1 
HETATM 1487 O O     . HOH C 3 .   ? -6.603  20.488  1.690   1.00 48.32 ? 621 HOH A O     1 
HETATM 1488 O O     . HOH C 3 .   ? -4.984  15.640  8.347   1.00 39.05 ? 622 HOH A O     1 
HETATM 1489 O O     . HOH C 3 .   ? 12.528  -7.322  -11.319 1.00 39.97 ? 623 HOH A O     1 
HETATM 1490 O O     . HOH C 3 .   ? 16.471  -10.116 -0.434  1.00 41.08 ? 624 HOH A O     1 
HETATM 1491 O O     . HOH C 3 .   ? 4.310   13.019  -16.499 1.00 27.34 ? 625 HOH A O     1 
HETATM 1492 O O     . HOH C 3 .   ? -1.564  9.401   14.289  1.00 30.60 ? 626 HOH A O     1 
HETATM 1493 O O     . HOH C 3 .   ? -10.611 19.882  6.352   1.00 43.67 ? 627 HOH A O     1 
HETATM 1494 O O     . HOH C 3 .   ? 14.338  -0.016  -11.010 1.00 43.46 ? 628 HOH A O     1 
HETATM 1495 O O     . HOH C 3 .   ? -19.525 -0.639  4.071   1.00 45.85 ? 629 HOH A O     1 
HETATM 1496 O O     . HOH C 3 .   ? 8.123   -11.284 9.479   1.00 36.55 ? 630 HOH A O     1 
HETATM 1497 O O     . HOH C 3 .   ? 8.962   -13.075 2.618   1.00 39.59 ? 631 HOH A O     1 
HETATM 1498 O O     . HOH C 3 .   ? 8.274   -7.023  4.031   1.00 61.80 ? 632 HOH A O     1 
HETATM 1499 O O     . HOH C 3 .   ? 0.451   4.237   7.293   1.00 13.40 ? 700 HOH A O     1 
HETATM 1500 O O     . HOH C 3 .   ? -1.044  3.954   -17.530 1.00 22.49 ? 701 HOH A O     1 
HETATM 1501 O O     . HOH C 3 .   ? 6.299   -11.794 5.968   1.00 37.63 ? 702 HOH A O     1 
HETATM 1502 O O     . HOH C 3 .   ? 1.148   -18.546 5.740   1.00 29.34 ? 703 HOH A O     1 
HETATM 1503 O O     . HOH C 3 .   ? 2.818   -10.631 16.973  1.00 34.26 ? 704 HOH A O     1 
HETATM 1504 O O     . HOH C 3 .   ? -0.229  13.643  -17.540 1.00 41.16 ? 705 HOH A O     1 
HETATM 1505 O O     . HOH C 3 .   ? -5.882  -18.810 3.813   1.00 34.20 ? 706 HOH A O     1 
HETATM 1506 O O     . HOH C 3 .   ? 11.658  -5.966  -16.786 1.00 34.33 ? 707 HOH A O     1 
HETATM 1507 O O     . HOH C 3 .   ? -8.859  -7.779  18.982  1.00 38.17 ? 708 HOH A O     1 
HETATM 1508 O O     . HOH C 3 .   ? 14.336  -8.900  1.676   1.00 39.71 ? 709 HOH A O     1 
HETATM 1509 O O     . HOH C 3 .   ? 4.444   5.071   9.605   1.00 22.24 ? 710 HOH A O     1 
HETATM 1510 O O     . HOH C 3 .   ? -10.638 -2.043  17.480  1.00 31.99 ? 711 HOH A O     1 
HETATM 1511 O O     . HOH C 3 .   ? 18.738  -3.964  -1.183  1.00 44.56 ? 712 HOH A O     1 
HETATM 1512 O O     . HOH C 3 .   ? 9.483   6.114   11.696  1.00 34.08 ? 713 HOH A O     1 
HETATM 1513 O O     . HOH C 3 .   ? -14.948 7.434   4.030   1.00 34.13 ? 714 HOH A O     1 
HETATM 1514 O O     . HOH C 3 .   ? -15.805 0.942   -8.367  1.00 39.85 ? 715 HOH A O     1 
HETATM 1515 O O     . HOH C 3 .   ? 4.063   14.913  -7.107  1.00 36.83 ? 716 HOH A O     1 
HETATM 1516 O O     . HOH C 3 .   ? 12.931  13.750  6.095   1.00 43.89 ? 717 HOH A O     1 
HETATM 1517 O O     . HOH C 3 .   ? 5.474   -0.754  -27.134 1.00 39.74 ? 718 HOH A O     1 
HETATM 1518 O O     . HOH C 3 .   ? 16.343  5.911   -6.836  1.00 39.38 ? 719 HOH A O     1 
HETATM 1519 O O     . HOH C 3 .   ? 6.447   -14.113 -1.977  1.00 38.50 ? 720 HOH A O     1 
HETATM 1520 O O     . HOH C 3 .   ? 6.767   -4.279  16.562  1.00 32.55 ? 721 HOH A O     1 
HETATM 1521 O O     . HOH C 3 .   ? -15.715 5.844   6.328   1.00 46.68 ? 722 HOH A O     1 
HETATM 1522 O O     . HOH C 3 .   ? 15.435  2.223   -10.191 1.00 42.30 ? 723 HOH A O     1 
HETATM 1523 O O     . HOH C 3 .   ? -7.577  10.196  -7.982  1.00 37.31 ? 724 HOH A O     1 
HETATM 1524 O O     . HOH C 3 .   ? 0.237   12.228  -20.258 1.00 45.82 ? 725 HOH A O     1 
HETATM 1525 O O     . HOH C 3 .   ? 3.239   16.000  -17.320 1.00 40.58 ? 726 HOH A O     1 
HETATM 1526 O O     . HOH C 3 .   ? -11.864 12.973  15.258  1.00 43.61 ? 727 HOH A O     1 
HETATM 1527 O O     . HOH C 3 .   ? 18.527  6.292   2.957   1.00 39.50 ? 728 HOH A O     1 
HETATM 1528 O O     . HOH C 3 .   ? -20.514 -6.811  2.437   1.00 39.97 ? 729 HOH A O     1 
HETATM 1529 O O     . HOH C 3 .   ? 13.304  -0.107  -23.210 1.00 37.82 ? 730 HOH A O     1 
HETATM 1530 O O     . HOH C 3 .   ? -18.824 5.473   12.425  1.00 34.96 ? 731 HOH A O     1 
HETATM 1531 O O     . HOH C 3 .   ? 7.607   2.981   -22.885 1.00 42.46 ? 732 HOH A O     1 
HETATM 1532 O O     . HOH C 3 .   ? -3.457  -12.597 -10.938 1.00 43.87 ? 733 HOH A O     1 
HETATM 1533 O O     . HOH C 3 .   ? 9.715   -5.791  16.553  1.00 30.77 ? 734 HOH A O     1 
HETATM 1534 O O     . HOH C 3 .   ? 20.991  0.756   -6.232  1.00 42.32 ? 735 HOH A O     1 
HETATM 1535 O O     . HOH C 3 .   ? -20.734 -2.070  1.918   1.00 32.82 ? 736 HOH A O     1 
HETATM 1536 O O     . HOH C 3 .   ? 9.066   10.737  -12.241 1.00 44.46 ? 737 HOH A O     1 
HETATM 1537 O O     . HOH C 3 .   ? 13.564  -10.268 7.360   1.00 38.89 ? 738 HOH A O     1 
HETATM 1538 O O     . HOH C 3 .   ? -7.440  -0.774  20.292  1.00 43.33 ? 739 HOH A O     1 
# 
loop_
_pdbx_poly_seq_scheme.asym_id 
_pdbx_poly_seq_scheme.entity_id 
_pdbx_poly_seq_scheme.seq_id 
_pdbx_poly_seq_scheme.mon_id 
_pdbx_poly_seq_scheme.ndb_seq_num 
_pdbx_poly_seq_scheme.pdb_seq_num 
_pdbx_poly_seq_scheme.auth_seq_num 
_pdbx_poly_seq_scheme.pdb_mon_id 
_pdbx_poly_seq_scheme.auth_mon_id 
_pdbx_poly_seq_scheme.pdb_strand_id 
_pdbx_poly_seq_scheme.pdb_ins_code 
_pdbx_poly_seq_scheme.hetero 
A 1 1   MET 1   1   ?   ?   ?   A . n 
A 1 2   SER 2   2   ?   ?   ?   A . n 
A 1 3   THR 3   3   ?   ?   ?   A . n 
A 1 4   PRO 4   4   ?   ?   ?   A . n 
A 1 5   SER 5   5   ?   ?   ?   A . n 
A 1 6   VAL 6   6   ?   ?   ?   A . n 
A 1 7   HIS 7   7   ?   ?   ?   A . n 
A 1 8   CYS 8   8   ?   ?   ?   A . n 
A 1 9   LEU 9   9   ?   ?   ?   A . n 
A 1 10  LYS 10  10  ?   ?   ?   A . n 
A 1 11  PRO 11  11  ?   ?   ?   A . n 
A 1 12  SER 12  12  ?   ?   ?   A . n 
A 1 13  PRO 13  13  ?   ?   ?   A . n 
A 1 14  LEU 14  14  ?   ?   ?   A . n 
A 1 15  HIS 15  15  ?   ?   ?   A . n 
A 1 16  LEU 16  16  ?   ?   ?   A . n 
A 1 17  PRO 17  17  ?   ?   ?   A . n 
A 1 18  SER 18  18  ?   ?   ?   A . n 
A 1 19  GLY 19  19  ?   ?   ?   A . n 
A 1 20  ILE 20  20  ?   ?   ?   A . n 
A 1 21  PRO 21  21  ?   ?   ?   A . n 
A 1 22  GLY 22  22  ?   ?   ?   A . n 
A 1 23  SER 23  23  ?   ?   ?   A . n 
A 1 24  PRO 24  24  ?   ?   ?   A . n 
A 1 25  GLY 25  25  ?   ?   ?   A . n 
A 1 26  ARG 26  26  ?   ?   ?   A . n 
A 1 27  GLN 27  27  ?   ?   ?   A . n 
A 1 28  ARG 28  28  ?   ?   ?   A . n 
A 1 29  ARG 29  29  ?   ?   ?   A . n 
A 1 30  HIS 30  30  30  HIS HIS A . n 
A 1 31  THR 31  31  31  THR THR A . n 
A 1 32  LEU 32  32  32  LEU LEU A . n 
A 1 33  PRO 33  33  33  PRO PRO A . n 
A 1 34  ALA 34  34  34  ALA ALA A . n 
A 1 35  ASN 35  35  35  ASN ASN A . n 
A 1 36  GLU 36  36  36  GLU GLU A . n 
A 1 37  PHE 37  37  37  PHE PHE A . n 
A 1 38  ARG 38  38  38  ARG ARG A . n 
A 1 39  CYS 39  39  39  CYS CYS A . n 
A 1 40  LEU 40  40  40  LEU LEU A . n 
A 1 41  THR 41  41  41  THR THR A . n 
A 1 42  PRO 42  42  42  PRO PRO A . n 
A 1 43  GLU 43  43  43  GLU GLU A . n 
A 1 44  ASP 44  44  44  ASP ASP A . n 
A 1 45  ALA 45  45  45  ALA ALA A . n 
A 1 46  ALA 46  46  46  ALA ALA A . n 
A 1 47  GLY 47  47  47  GLY GLY A . n 
A 1 48  VAL 48  48  48  VAL VAL A . n 
A 1 49  PHE 49  49  49  PHE PHE A . n 
A 1 50  GLU 50  50  50  GLU GLU A . n 
A 1 51  ILE 51  51  51  ILE ILE A . n 
A 1 52  GLU 52  52  52  GLU GLU A . n 
A 1 53  ARG 53  53  53  ARG ARG A . n 
A 1 54  GLU 54  54  54  GLU GLU A . n 
A 1 55  ALA 55  55  55  ALA ALA A . n 
A 1 56  PHE 56  56  56  PHE PHE A . n 
A 1 57  ILE 57  57  57  ILE ILE A . n 
A 1 58  SER 58  58  58  SER SER A . n 
A 1 59  VAL 59  59  59  VAL VAL A . n 
A 1 60  SER 60  60  60  SER SER A . n 
A 1 61  GLY 61  61  61  GLY GLY A . n 
A 1 62  ASN 62  62  62  ASN ASN A . n 
A 1 63  CYS 63  63  63  CYS CYS A . n 
A 1 64  PRO 64  64  64  PRO PRO A . n 
A 1 65  LEU 65  65  65  LEU LEU A . n 
A 1 66  ASN 66  66  66  ASN ASN A . n 
A 1 67  LEU 67  67  67  LEU LEU A . n 
A 1 68  ASP 68  68  68  ASP ASP A . n 
A 1 69  GLU 69  69  69  GLU GLU A . n 
A 1 70  VAL 70  70  70  VAL VAL A . n 
A 1 71  GLN 71  71  71  GLN GLN A . n 
A 1 72  HIS 72  72  72  HIS HIS A . n 
A 1 73  PHE 73  73  73  PHE PHE A . n 
A 1 74  LEU 74  74  74  LEU LEU A . n 
A 1 75  THR 75  75  75  THR THR A . n 
A 1 76  LEU 76  76  76  LEU LEU A . n 
A 1 77  CYS 77  77  77  CYS CYS A . n 
A 1 78  PRO 78  78  78  PRO PRO A . n 
A 1 79  GLU 79  79  79  GLU GLU A . n 
A 1 80  LEU 80  80  80  LEU LEU A . n 
A 1 81  SER 81  81  81  SER SER A . n 
A 1 82  LEU 82  82  82  LEU LEU A . n 
A 1 83  GLY 83  83  83  GLY GLY A . n 
A 1 84  TRP 84  84  84  TRP TRP A . n 
A 1 85  PHE 85  85  85  PHE PHE A . n 
A 1 86  VAL 86  86  86  VAL VAL A . n 
A 1 87  GLU 87  87  87  GLU GLU A . n 
A 1 88  GLY 88  88  88  GLY GLY A . n 
A 1 89  ARG 89  89  89  ARG ARG A . n 
A 1 90  LEU 90  90  90  LEU LEU A . n 
A 1 91  VAL 91  91  91  VAL VAL A . n 
A 1 92  ALA 92  92  92  ALA ALA A . n 
A 1 93  PHE 93  93  93  PHE PHE A . n 
A 1 94  ILE 94  94  94  ILE ILE A . n 
A 1 95  ILE 95  95  95  ILE ILE A . n 
A 1 96  GLY 96  96  96  GLY GLY A . n 
A 1 97  SER 97  97  97  SER SER A . n 
A 1 98  LEU 98  98  98  LEU LEU A . n 
A 1 99  TRP 99  99  99  TRP TRP A . n 
A 1 100 ASP 100 100 100 ASP ASP A . n 
A 1 101 GLU 101 101 101 GLU GLU A . n 
A 1 102 GLU 102 102 102 GLU GLU A . n 
A 1 103 ARG 103 103 103 ARG ARG A . n 
A 1 104 LEU 104 104 104 LEU LEU A . n 
A 1 105 THR 105 105 105 THR THR A . n 
A 1 106 GLN 106 106 106 GLN GLN A . n 
A 1 107 GLU 107 107 107 GLU GLU A . n 
A 1 108 SER 108 108 108 SER SER A . n 
A 1 109 LEU 109 109 109 LEU LEU A . n 
A 1 110 ALA 110 110 110 ALA ALA A . n 
A 1 111 LEU 111 111 111 LEU LEU A . n 
A 1 112 HIS 112 112 112 HIS HIS A . n 
A 1 113 ARG 113 113 113 ARG ARG A . n 
A 1 114 PRO 114 114 114 PRO PRO A . n 
A 1 115 ARG 115 115 115 ARG ARG A . n 
A 1 116 GLY 116 116 116 GLY GLY A . n 
A 1 117 HIS 117 117 117 HIS HIS A . n 
A 1 118 SER 118 118 118 SER SER A . n 
A 1 119 ALA 119 119 119 ALA ALA A . n 
A 1 120 HIS 120 120 120 HIS HIS A . n 
A 1 121 LEU 121 121 121 LEU LEU A . n 
A 1 122 HIS 122 122 122 HIS HIS A . n 
A 1 123 ALA 123 123 123 ALA ALA A . n 
A 1 124 LEU 124 124 124 LEU LEU A . n 
A 1 125 ALA 125 125 125 ALA ALA A . n 
A 1 126 VAL 126 126 126 VAL VAL A . n 
A 1 127 HIS 127 127 127 HIS HIS A . n 
A 1 128 ARG 128 128 128 ARG ARG A . n 
A 1 129 SER 129 129 129 SER SER A . n 
A 1 130 PHE 130 130 130 PHE PHE A . n 
A 1 131 ARG 131 131 131 ARG ARG A . n 
A 1 132 GLN 132 132 132 GLN GLN A . n 
A 1 133 GLN 133 133 133 GLN GLN A . n 
A 1 134 GLY 134 134 134 GLY GLY A . n 
A 1 135 LYS 135 135 135 LYS LYS A . n 
A 1 136 GLY 136 136 136 GLY GLY A . n 
A 1 137 SER 137 137 137 SER SER A . n 
A 1 138 VAL 138 138 138 VAL VAL A . n 
A 1 139 LEU 139 139 139 LEU LEU A . n 
A 1 140 LEU 140 140 140 LEU LEU A . n 
A 1 141 TRP 141 141 141 TRP TRP A . n 
A 1 142 ARG 142 142 142 ARG ARG A . n 
A 1 143 TYR 143 143 143 TYR TYR A . n 
A 1 144 LEU 144 144 144 LEU LEU A . n 
A 1 145 HIS 145 145 145 HIS HIS A . n 
A 1 146 HIS 146 146 146 HIS HIS A . n 
A 1 147 VAL 147 147 147 VAL VAL A . n 
A 1 148 GLY 148 148 148 GLY GLY A . n 
A 1 149 ALA 149 149 149 ALA ALA A . n 
A 1 150 GLN 150 150 150 GLN GLN A . n 
A 1 151 PRO 151 151 151 PRO PRO A . n 
A 1 152 ALA 152 152 152 ALA ALA A . n 
A 1 153 VAL 153 153 153 VAL VAL A . n 
A 1 154 ARG 154 154 154 ARG ARG A . n 
A 1 155 ARG 155 155 155 ARG ARG A . n 
A 1 156 ALA 156 156 156 ALA ALA A . n 
A 1 157 VAL 157 157 157 VAL VAL A . n 
A 1 158 LEU 158 158 158 LEU LEU A . n 
A 1 159 MET 159 159 159 MET MET A . n 
A 1 160 CYS 160 160 160 CYS CYS A . n 
A 1 161 GLU 161 161 161 GLU GLU A . n 
A 1 162 ASP 162 162 162 ASP ASP A . n 
A 1 163 ALA 163 163 163 ALA ALA A . n 
A 1 164 LEU 164 164 164 LEU LEU A . n 
A 1 165 VAL 165 165 165 VAL VAL A . n 
A 1 166 PRO 166 166 166 PRO PRO A . n 
A 1 167 PHE 167 167 167 PHE PHE A . n 
A 1 168 TYR 168 168 168 TYR TYR A . n 
A 1 169 GLN 169 169 169 GLN GLN A . n 
A 1 170 ARG 170 170 170 ARG ARG A . n 
A 1 171 PHE 171 171 171 PHE PHE A . n 
A 1 172 GLY 172 172 172 GLY GLY A . n 
A 1 173 PHE 173 173 173 PHE PHE A . n 
A 1 174 HIS 174 174 174 HIS HIS A . n 
A 1 175 PRO 175 175 175 PRO PRO A . n 
A 1 176 ALA 176 176 176 ALA ALA A . n 
A 1 177 GLY 177 177 177 GLY GLY A . n 
A 1 178 PRO 178 178 178 PRO PRO A . n 
A 1 179 CYS 179 179 179 CYS CYS A . n 
A 1 180 ALA 180 180 180 ALA ALA A . n 
A 1 181 ILE 181 181 181 ILE ILE A . n 
A 1 182 VAL 182 182 182 VAL VAL A . n 
A 1 183 VAL 183 183 183 VAL VAL A . n 
A 1 184 GLY 184 184 184 GLY GLY A . n 
A 1 185 SER 185 185 185 SER SER A . n 
A 1 186 LEU 186 186 186 LEU LEU A . n 
A 1 187 THR 187 187 187 THR THR A . n 
A 1 188 PHE 188 188 188 PHE PHE A . n 
A 1 189 THR 189 189 189 THR THR A . n 
A 1 190 GLU 190 190 190 GLU GLU A . n 
A 1 191 MET 191 191 191 MET MET A . n 
A 1 192 HIS 192 192 192 HIS HIS A . n 
A 1 193 CYS 193 193 193 CYS CYS A . n 
A 1 194 SER 194 194 194 SER SER A . n 
A 1 195 LEU 195 195 195 LEU LEU A . n 
A 1 196 ARG 196 196 ?   ?   ?   A . n 
A 1 197 GLY 197 197 ?   ?   ?   A . n 
A 1 198 HIS 198 198 ?   ?   ?   A . n 
A 1 199 ALA 199 199 ?   ?   ?   A . n 
A 1 200 ALA 200 200 ?   ?   ?   A . n 
A 1 201 LEU 201 201 ?   ?   ?   A . n 
A 1 202 ARG 202 202 ?   ?   ?   A . n 
A 1 203 ARG 203 203 ?   ?   ?   A . n 
A 1 204 ASN 204 204 ?   ?   ?   A . n 
A 1 205 SER 205 205 ?   ?   ?   A . n 
A 1 206 ASP 206 206 ?   ?   ?   A . n 
A 1 207 ARG 207 207 ?   ?   ?   A . n 
# 
loop_
_pdbx_nonpoly_scheme.asym_id 
_pdbx_nonpoly_scheme.entity_id 
_pdbx_nonpoly_scheme.mon_id 
_pdbx_nonpoly_scheme.ndb_seq_num 
_pdbx_nonpoly_scheme.pdb_seq_num 
_pdbx_nonpoly_scheme.auth_seq_num 
_pdbx_nonpoly_scheme.pdb_mon_id 
_pdbx_nonpoly_scheme.auth_mon_id 
_pdbx_nonpoly_scheme.pdb_strand_id 
_pdbx_nonpoly_scheme.pdb_ins_code 
B 2 CA3 1   900 900 CA3 CA3 A . 
C 3 HOH 1   503 503 HOH HOH A . 
C 3 HOH 2   504 504 HOH HOH A . 
C 3 HOH 3   505 505 HOH HOH A . 
C 3 HOH 4   506 506 HOH HOH A . 
C 3 HOH 5   507 507 HOH HOH A . 
C 3 HOH 6   508 508 HOH HOH A . 
C 3 HOH 7   509 509 HOH HOH A . 
C 3 HOH 8   510 510 HOH HOH A . 
C 3 HOH 9   511 511 HOH HOH A . 
C 3 HOH 10  512 512 HOH HOH A . 
C 3 HOH 11  513 513 HOH HOH A . 
C 3 HOH 12  514 514 HOH HOH A . 
C 3 HOH 13  515 515 HOH HOH A . 
C 3 HOH 14  516 516 HOH HOH A . 
C 3 HOH 15  517 517 HOH HOH A . 
C 3 HOH 16  518 518 HOH HOH A . 
C 3 HOH 17  519 519 HOH HOH A . 
C 3 HOH 18  520 520 HOH HOH A . 
C 3 HOH 19  521 521 HOH HOH A . 
C 3 HOH 20  522 522 HOH HOH A . 
C 3 HOH 21  523 523 HOH HOH A . 
C 3 HOH 22  524 524 HOH HOH A . 
C 3 HOH 23  525 525 HOH HOH A . 
C 3 HOH 24  526 526 HOH HOH A . 
C 3 HOH 25  527 527 HOH HOH A . 
C 3 HOH 26  528 528 HOH HOH A . 
C 3 HOH 27  537 537 HOH HOH A . 
C 3 HOH 28  538 538 HOH HOH A . 
C 3 HOH 29  539 539 HOH HOH A . 
C 3 HOH 30  541 541 HOH HOH A . 
C 3 HOH 31  542 542 HOH HOH A . 
C 3 HOH 32  543 543 HOH HOH A . 
C 3 HOH 33  544 544 HOH HOH A . 
C 3 HOH 34  545 545 HOH HOH A . 
C 3 HOH 35  546 546 HOH HOH A . 
C 3 HOH 36  547 547 HOH HOH A . 
C 3 HOH 37  549 549 HOH HOH A . 
C 3 HOH 38  550 550 HOH HOH A . 
C 3 HOH 39  551 551 HOH HOH A . 
C 3 HOH 40  552 552 HOH HOH A . 
C 3 HOH 41  553 553 HOH HOH A . 
C 3 HOH 42  554 554 HOH HOH A . 
C 3 HOH 43  555 555 HOH HOH A . 
C 3 HOH 44  556 556 HOH HOH A . 
C 3 HOH 45  557 557 HOH HOH A . 
C 3 HOH 46  558 558 HOH HOH A . 
C 3 HOH 47  559 559 HOH HOH A . 
C 3 HOH 48  560 560 HOH HOH A . 
C 3 HOH 49  561 561 HOH HOH A . 
C 3 HOH 50  562 562 HOH HOH A . 
C 3 HOH 51  563 563 HOH HOH A . 
C 3 HOH 52  564 564 HOH HOH A . 
C 3 HOH 53  565 565 HOH HOH A . 
C 3 HOH 54  566 566 HOH HOH A . 
C 3 HOH 55  567 567 HOH HOH A . 
C 3 HOH 56  568 568 HOH HOH A . 
C 3 HOH 57  569 569 HOH HOH A . 
C 3 HOH 58  570 570 HOH HOH A . 
C 3 HOH 59  571 571 HOH HOH A . 
C 3 HOH 60  572 572 HOH HOH A . 
C 3 HOH 61  573 573 HOH HOH A . 
C 3 HOH 62  574 574 HOH HOH A . 
C 3 HOH 63  575 575 HOH HOH A . 
C 3 HOH 64  576 576 HOH HOH A . 
C 3 HOH 65  577 577 HOH HOH A . 
C 3 HOH 66  578 578 HOH HOH A . 
C 3 HOH 67  579 579 HOH HOH A . 
C 3 HOH 68  580 580 HOH HOH A . 
C 3 HOH 69  581 581 HOH HOH A . 
C 3 HOH 70  582 582 HOH HOH A . 
C 3 HOH 71  583 583 HOH HOH A . 
C 3 HOH 72  584 584 HOH HOH A . 
C 3 HOH 73  585 585 HOH HOH A . 
C 3 HOH 74  586 586 HOH HOH A . 
C 3 HOH 75  587 587 HOH HOH A . 
C 3 HOH 76  588 588 HOH HOH A . 
C 3 HOH 77  589 589 HOH HOH A . 
C 3 HOH 78  590 590 HOH HOH A . 
C 3 HOH 79  591 591 HOH HOH A . 
C 3 HOH 80  592 592 HOH HOH A . 
C 3 HOH 81  593 593 HOH HOH A . 
C 3 HOH 82  594 594 HOH HOH A . 
C 3 HOH 83  595 595 HOH HOH A . 
C 3 HOH 84  596 596 HOH HOH A . 
C 3 HOH 85  597 597 HOH HOH A . 
C 3 HOH 86  598 598 HOH HOH A . 
C 3 HOH 87  599 599 HOH HOH A . 
C 3 HOH 88  600 600 HOH HOH A . 
C 3 HOH 89  601 601 HOH HOH A . 
C 3 HOH 90  602 602 HOH HOH A . 
C 3 HOH 91  603 603 HOH HOH A . 
C 3 HOH 92  604 604 HOH HOH A . 
C 3 HOH 93  605 605 HOH HOH A . 
C 3 HOH 94  606 606 HOH HOH A . 
C 3 HOH 95  607 607 HOH HOH A . 
C 3 HOH 96  608 608 HOH HOH A . 
C 3 HOH 97  609 609 HOH HOH A . 
C 3 HOH 98  610 610 HOH HOH A . 
C 3 HOH 99  611 611 HOH HOH A . 
C 3 HOH 100 612 612 HOH HOH A . 
C 3 HOH 101 613 613 HOH HOH A . 
C 3 HOH 102 614 614 HOH HOH A . 
C 3 HOH 103 615 615 HOH HOH A . 
C 3 HOH 104 616 616 HOH HOH A . 
C 3 HOH 105 617 617 HOH HOH A . 
C 3 HOH 106 618 618 HOH HOH A . 
C 3 HOH 107 619 619 HOH HOH A . 
C 3 HOH 108 620 620 HOH HOH A . 
C 3 HOH 109 621 621 HOH HOH A . 
C 3 HOH 110 622 622 HOH HOH A . 
C 3 HOH 111 623 623 HOH HOH A . 
C 3 HOH 112 624 624 HOH HOH A . 
C 3 HOH 113 625 625 HOH HOH A . 
C 3 HOH 114 626 626 HOH HOH A . 
C 3 HOH 115 627 627 HOH HOH A . 
C 3 HOH 116 628 628 HOH HOH A . 
C 3 HOH 117 629 629 HOH HOH A . 
C 3 HOH 118 630 630 HOH HOH A . 
C 3 HOH 119 631 631 HOH HOH A . 
C 3 HOH 120 632 632 HOH HOH A . 
C 3 HOH 121 700 700 HOH HOH A . 
C 3 HOH 122 701 701 HOH HOH A . 
C 3 HOH 123 702 702 HOH HOH A . 
C 3 HOH 124 703 703 HOH HOH A . 
C 3 HOH 125 704 704 HOH HOH A . 
C 3 HOH 126 705 705 HOH HOH A . 
C 3 HOH 127 706 706 HOH HOH A . 
C 3 HOH 128 707 707 HOH HOH A . 
C 3 HOH 129 708 708 HOH HOH A . 
C 3 HOH 130 709 709 HOH HOH A . 
C 3 HOH 131 710 710 HOH HOH A . 
C 3 HOH 132 711 711 HOH HOH A . 
C 3 HOH 133 712 712 HOH HOH A . 
C 3 HOH 134 713 713 HOH HOH A . 
C 3 HOH 135 714 714 HOH HOH A . 
C 3 HOH 136 715 715 HOH HOH A . 
C 3 HOH 137 716 716 HOH HOH A . 
C 3 HOH 138 717 717 HOH HOH A . 
C 3 HOH 139 718 718 HOH HOH A . 
C 3 HOH 140 719 719 HOH HOH A . 
C 3 HOH 141 720 720 HOH HOH A . 
C 3 HOH 142 721 721 HOH HOH A . 
C 3 HOH 143 722 722 HOH HOH A . 
C 3 HOH 144 723 723 HOH HOH A . 
C 3 HOH 145 724 724 HOH HOH A . 
C 3 HOH 146 725 725 HOH HOH A . 
C 3 HOH 147 726 726 HOH HOH A . 
C 3 HOH 148 727 727 HOH HOH A . 
C 3 HOH 149 728 728 HOH HOH A . 
C 3 HOH 150 729 729 HOH HOH A . 
C 3 HOH 151 730 730 HOH HOH A . 
C 3 HOH 152 731 731 HOH HOH A . 
C 3 HOH 153 732 732 HOH HOH A . 
C 3 HOH 154 733 733 HOH HOH A . 
C 3 HOH 155 734 734 HOH HOH A . 
C 3 HOH 156 735 735 HOH HOH A . 
C 3 HOH 157 736 736 HOH HOH A . 
C 3 HOH 158 737 737 HOH HOH A . 
C 3 HOH 159 738 738 HOH HOH A . 
C 3 HOH 160 739 739 HOH HOH A . 
# 
_pdbx_struct_assembly.id                   1 
_pdbx_struct_assembly.details              author_defined_assembly 
_pdbx_struct_assembly.method_details       ? 
_pdbx_struct_assembly.oligomeric_details   monomeric 
_pdbx_struct_assembly.oligomeric_count     1 
# 
_pdbx_struct_assembly_gen.assembly_id       1 
_pdbx_struct_assembly_gen.oper_expression   1 
_pdbx_struct_assembly_gen.asym_id_list      A,B,C 
# 
_pdbx_struct_oper_list.id                   1 
_pdbx_struct_oper_list.type                 'identity operation' 
_pdbx_struct_oper_list.name                 1_555 
_pdbx_struct_oper_list.symmetry_operation   x,y,z 
_pdbx_struct_oper_list.matrix[1][1]         1.0000000000 
_pdbx_struct_oper_list.matrix[1][2]         0.0000000000 
_pdbx_struct_oper_list.matrix[1][3]         0.0000000000 
_pdbx_struct_oper_list.vector[1]            0.0000000000 
_pdbx_struct_oper_list.matrix[2][1]         0.0000000000 
_pdbx_struct_oper_list.matrix[2][2]         1.0000000000 
_pdbx_struct_oper_list.matrix[2][3]         0.0000000000 
_pdbx_struct_oper_list.vector[2]            0.0000000000 
_pdbx_struct_oper_list.matrix[3][1]         0.0000000000 
_pdbx_struct_oper_list.matrix[3][2]         0.0000000000 
_pdbx_struct_oper_list.matrix[3][3]         1.0000000000 
_pdbx_struct_oper_list.vector[3]            0.0000000000 
# 
loop_
_pdbx_audit_revision_history.ordinal 
_pdbx_audit_revision_history.data_content_type 
_pdbx_audit_revision_history.major_revision 
_pdbx_audit_revision_history.minor_revision 
_pdbx_audit_revision_history.revision_date 
1 'Structure model' 1 0 2002-03-22 
2 'Structure model' 1 1 2008-04-27 
3 'Structure model' 1 2 2011-07-13 
4 'Structure model' 1 3 2021-02-03 
5 'Structure model' 1 4 2023-08-16 
# 
_pdbx_audit_revision_details.ordinal             1 
_pdbx_audit_revision_details.revision_ordinal    1 
_pdbx_audit_revision_details.data_content_type   'Structure model' 
_pdbx_audit_revision_details.provider            repository 
_pdbx_audit_revision_details.type                'Initial release' 
_pdbx_audit_revision_details.description         ? 
_pdbx_audit_revision_details.details             ? 
# 
loop_
_pdbx_audit_revision_group.ordinal 
_pdbx_audit_revision_group.revision_ordinal 
_pdbx_audit_revision_group.data_content_type 
_pdbx_audit_revision_group.group 
1 2 'Structure model' 'Version format compliance' 
2 3 'Structure model' 'Version format compliance' 
3 4 'Structure model' 'Database references'       
4 4 'Structure model' 'Derived calculations'      
5 4 'Structure model' 'Structure summary'         
6 5 'Structure model' 'Data collection'           
7 5 'Structure model' 'Database references'       
8 5 'Structure model' 'Refinement description'    
# 
loop_
_pdbx_audit_revision_category.ordinal 
_pdbx_audit_revision_category.revision_ordinal 
_pdbx_audit_revision_category.data_content_type 
_pdbx_audit_revision_category.category 
1 4 'Structure model' audit_author                  
2 4 'Structure model' citation_author               
3 4 'Structure model' struct_site                   
4 5 'Structure model' chem_comp_atom                
5 5 'Structure model' chem_comp_bond                
6 5 'Structure model' database_2                    
7 5 'Structure model' pdbx_initial_refinement_model 
# 
loop_
_pdbx_audit_revision_item.ordinal 
_pdbx_audit_revision_item.revision_ordinal 
_pdbx_audit_revision_item.data_content_type 
_pdbx_audit_revision_item.item 
1 4 'Structure model' '_audit_author.identifier_ORCID'      
2 4 'Structure model' '_citation_author.identifier_ORCID'   
3 4 'Structure model' '_struct_site.pdbx_auth_asym_id'      
4 4 'Structure model' '_struct_site.pdbx_auth_comp_id'      
5 4 'Structure model' '_struct_site.pdbx_auth_seq_id'       
6 5 'Structure model' '_database_2.pdbx_DOI'                
7 5 'Structure model' '_database_2.pdbx_database_accession' 
# 
loop_
_software.name 
_software.classification 
_software.version 
_software.citation_id 
_software.pdbx_ordinal 
AMoRE     phasing           .   ? 1 
CNS       refinement        1.0 ? 2 
ADSC      'data collection' .   ? 3 
DENZO     'data reduction'  .   ? 4 
SCALEPACK 'data scaling'    .   ? 5 
# 
_pdbx_validate_rmsd_angle.id                         1 
_pdbx_validate_rmsd_angle.PDB_model_num              1 
_pdbx_validate_rmsd_angle.auth_atom_id_1             C 
_pdbx_validate_rmsd_angle.auth_asym_id_1             A 
_pdbx_validate_rmsd_angle.auth_comp_id_1             GLN 
_pdbx_validate_rmsd_angle.auth_seq_id_1              150 
_pdbx_validate_rmsd_angle.PDB_ins_code_1             ? 
_pdbx_validate_rmsd_angle.label_alt_id_1             ? 
_pdbx_validate_rmsd_angle.auth_atom_id_2             N 
_pdbx_validate_rmsd_angle.auth_asym_id_2             A 
_pdbx_validate_rmsd_angle.auth_comp_id_2             PRO 
_pdbx_validate_rmsd_angle.auth_seq_id_2              151 
_pdbx_validate_rmsd_angle.PDB_ins_code_2             ? 
_pdbx_validate_rmsd_angle.label_alt_id_2             ? 
_pdbx_validate_rmsd_angle.auth_atom_id_3             CA 
_pdbx_validate_rmsd_angle.auth_asym_id_3             A 
_pdbx_validate_rmsd_angle.auth_comp_id_3             PRO 
_pdbx_validate_rmsd_angle.auth_seq_id_3              151 
_pdbx_validate_rmsd_angle.PDB_ins_code_3             ? 
_pdbx_validate_rmsd_angle.label_alt_id_3             ? 
_pdbx_validate_rmsd_angle.angle_value                130.09 
_pdbx_validate_rmsd_angle.angle_target_value         119.30 
_pdbx_validate_rmsd_angle.angle_deviation            10.79 
_pdbx_validate_rmsd_angle.angle_standard_deviation   1.50 
_pdbx_validate_rmsd_angle.linker_flag                Y 
# 
loop_
_pdbx_validate_torsion.id 
_pdbx_validate_torsion.PDB_model_num 
_pdbx_validate_torsion.auth_comp_id 
_pdbx_validate_torsion.auth_asym_id 
_pdbx_validate_torsion.auth_seq_id 
_pdbx_validate_torsion.PDB_ins_code 
_pdbx_validate_torsion.label_alt_id 
_pdbx_validate_torsion.phi 
_pdbx_validate_torsion.psi 
1 1 PRO A 151 ? ? -53.55  14.74  
2 1 ALA A 152 ? ? -142.80 -23.35 
# 
loop_
_pdbx_unobs_or_zero_occ_residues.id 
_pdbx_unobs_or_zero_occ_residues.PDB_model_num 
_pdbx_unobs_or_zero_occ_residues.polymer_flag 
_pdbx_unobs_or_zero_occ_residues.occupancy_flag 
_pdbx_unobs_or_zero_occ_residues.auth_asym_id 
_pdbx_unobs_or_zero_occ_residues.auth_comp_id 
_pdbx_unobs_or_zero_occ_residues.auth_seq_id 
_pdbx_unobs_or_zero_occ_residues.PDB_ins_code 
_pdbx_unobs_or_zero_occ_residues.label_asym_id 
_pdbx_unobs_or_zero_occ_residues.label_comp_id 
_pdbx_unobs_or_zero_occ_residues.label_seq_id 
1  1 Y 1 A MET 1   ? A MET 1   
2  1 Y 1 A SER 2   ? A SER 2   
3  1 Y 1 A THR 3   ? A THR 3   
4  1 Y 1 A PRO 4   ? A PRO 4   
5  1 Y 1 A SER 5   ? A SER 5   
6  1 Y 1 A VAL 6   ? A VAL 6   
7  1 Y 1 A HIS 7   ? A HIS 7   
8  1 Y 1 A CYS 8   ? A CYS 8   
9  1 Y 1 A LEU 9   ? A LEU 9   
10 1 Y 1 A LYS 10  ? A LYS 10  
11 1 Y 1 A PRO 11  ? A PRO 11  
12 1 Y 1 A SER 12  ? A SER 12  
13 1 Y 1 A PRO 13  ? A PRO 13  
14 1 Y 1 A LEU 14  ? A LEU 14  
15 1 Y 1 A HIS 15  ? A HIS 15  
16 1 Y 1 A LEU 16  ? A LEU 16  
17 1 Y 1 A PRO 17  ? A PRO 17  
18 1 Y 1 A SER 18  ? A SER 18  
19 1 Y 1 A GLY 19  ? A GLY 19  
20 1 Y 1 A ILE 20  ? A ILE 20  
21 1 Y 1 A PRO 21  ? A PRO 21  
22 1 Y 1 A GLY 22  ? A GLY 22  
23 1 Y 1 A SER 23  ? A SER 23  
24 1 Y 1 A PRO 24  ? A PRO 24  
25 1 Y 1 A GLY 25  ? A GLY 25  
26 1 Y 1 A ARG 26  ? A ARG 26  
27 1 Y 1 A GLN 27  ? A GLN 27  
28 1 Y 1 A ARG 28  ? A ARG 28  
29 1 Y 1 A ARG 29  ? A ARG 29  
30 1 Y 1 A ARG 196 ? A ARG 196 
31 1 Y 1 A GLY 197 ? A GLY 197 
32 1 Y 1 A HIS 198 ? A HIS 198 
33 1 Y 1 A ALA 199 ? A ALA 199 
34 1 Y 1 A ALA 200 ? A ALA 200 
35 1 Y 1 A LEU 201 ? A LEU 201 
36 1 Y 1 A ARG 202 ? A ARG 202 
37 1 Y 1 A ARG 203 ? A ARG 203 
38 1 Y 1 A ASN 204 ? A ASN 204 
39 1 Y 1 A SER 205 ? A SER 205 
40 1 Y 1 A ASP 206 ? A ASP 206 
41 1 Y 1 A ARG 207 ? A ARG 207 
# 
loop_
_chem_comp_atom.comp_id 
_chem_comp_atom.atom_id 
_chem_comp_atom.type_symbol 
_chem_comp_atom.pdbx_aromatic_flag 
_chem_comp_atom.pdbx_stereo_config 
_chem_comp_atom.pdbx_ordinal 
ALA N      N N N 1   
ALA CA     C N S 2   
ALA C      C N N 3   
ALA O      O N N 4   
ALA CB     C N N 5   
ALA OXT    O N N 6   
ALA H      H N N 7   
ALA H2     H N N 8   
ALA HA     H N N 9   
ALA HB1    H N N 10  
ALA HB2    H N N 11  
ALA HB3    H N N 12  
ALA HXT    H N N 13  
ARG N      N N N 14  
ARG CA     C N S 15  
ARG C      C N N 16  
ARG O      O N N 17  
ARG CB     C N N 18  
ARG CG     C N N 19  
ARG CD     C N N 20  
ARG NE     N N N 21  
ARG CZ     C N N 22  
ARG NH1    N N N 23  
ARG NH2    N N N 24  
ARG OXT    O N N 25  
ARG H      H N N 26  
ARG H2     H N N 27  
ARG HA     H N N 28  
ARG HB2    H N N 29  
ARG HB3    H N N 30  
ARG HG2    H N N 31  
ARG HG3    H N N 32  
ARG HD2    H N N 33  
ARG HD3    H N N 34  
ARG HE     H N N 35  
ARG HH11   H N N 36  
ARG HH12   H N N 37  
ARG HH21   H N N 38  
ARG HH22   H N N 39  
ARG HXT    H N N 40  
ASN N      N N N 41  
ASN CA     C N S 42  
ASN C      C N N 43  
ASN O      O N N 44  
ASN CB     C N N 45  
ASN CG     C N N 46  
ASN OD1    O N N 47  
ASN ND2    N N N 48  
ASN OXT    O N N 49  
ASN H      H N N 50  
ASN H2     H N N 51  
ASN HA     H N N 52  
ASN HB2    H N N 53  
ASN HB3    H N N 54  
ASN HD21   H N N 55  
ASN HD22   H N N 56  
ASN HXT    H N N 57  
ASP N      N N N 58  
ASP CA     C N S 59  
ASP C      C N N 60  
ASP O      O N N 61  
ASP CB     C N N 62  
ASP CG     C N N 63  
ASP OD1    O N N 64  
ASP OD2    O N N 65  
ASP OXT    O N N 66  
ASP H      H N N 67  
ASP H2     H N N 68  
ASP HA     H N N 69  
ASP HB2    H N N 70  
ASP HB3    H N N 71  
ASP HD2    H N N 72  
ASP HXT    H N N 73  
CA3 N1     N Y N 74  
CA3 C2     C Y N 75  
CA3 N3     N Y N 76  
CA3 C4     C Y N 77  
CA3 C5     C Y N 78  
CA3 C6     C Y N 79  
CA3 N6     N N N 80  
CA3 N7     N Y N 81  
CA3 C8     C Y N 82  
CA3 N9     N Y N 83  
CA3 "C1'"  C N R 84  
CA3 "C2'"  C N R 85  
CA3 "O2'"  O N N 86  
CA3 "C3'"  C N S 87  
CA3 "O3'"  O N N 88  
CA3 P3     P N N 89  
CA3 O31    O N N 90  
CA3 O32    O N N 91  
CA3 O33    O N N 92  
CA3 "C4'"  C N R 93  
CA3 "O4'"  O N N 94  
CA3 "C5'"  C N N 95  
CA3 "O5'"  O N N 96  
CA3 P1     P N R 97  
CA3 O11    O N N 98  
CA3 O12    O N N 99  
CA3 O6     O N N 100 
CA3 P2     P N S 101 
CA3 O21    O N N 102 
CA3 O22    O N N 103 
CA3 O7     O N N 104 
CA3 CP8    C N N 105 
CA3 CP9    C N N 106 
CA3 CPA    C N N 107 
CA3 CPB    C N N 108 
CA3 CP7    C N R 109 
CA3 OP3    O N N 110 
CA3 CP6    C N N 111 
CA3 OP2    O N N 112 
CA3 NP2    N N N 113 
CA3 CP5    C N N 114 
CA3 CP4    C N N 115 
CA3 CP3    C N N 116 
CA3 OP1    O N N 117 
CA3 NP1    N N N 118 
CA3 CP2    C N N 119 
CA3 CP1    C N N 120 
CA3 S      S N N 121 
CA3 CT2    C N N 122 
CA3 CT3    C Y N 123 
CA3 CT4    C Y N 124 
CA3 CT5    C Y N 125 
CA3 C11    C Y N 126 
CA3 CT6    C Y N 127 
CA3 NT6    N Y N 128 
CA3 CT7    C Y N 129 
CA3 CT9    C Y N 130 
CA3 CT8    C Y N 131 
CA3 CA1    C N N 132 
CA3 CA2    C N N 133 
CA3 OA2    O N N 134 
CA3 NT1    N N N 135 
CA3 CT1    C N N 136 
CA3 CA3    C N N 137 
CA3 CA4    C N N 138 
CA3 CA5    C N N 139 
CA3 H2     H N N 140 
CA3 H61    H N N 141 
CA3 H62    H N N 142 
CA3 H8     H N N 143 
CA3 "H1'"  H N N 144 
CA3 "H2'"  H N N 145 
CA3 "HO'2" H N N 146 
CA3 "H3'"  H N N 147 
CA3 H32    H N N 148 
CA3 H33    H N N 149 
CA3 "H4'"  H N N 150 
CA3 "H5'1" H N N 151 
CA3 "H5'2" H N N 152 
CA3 H12    H N N 153 
CA3 H22    H N N 154 
CA3 HP91   H N N 155 
CA3 HP92   H N N 156 
CA3 HPA1   H N N 157 
CA3 HPA2   H N N 158 
CA3 HPA3   H N N 159 
CA3 HPB1   H N N 160 
CA3 HPB2   H N N 161 
CA3 HPB3   H N N 162 
CA3 HP7    H N N 163 
CA3 HP3    H N N 164 
CA3 HP2    H N N 165 
CA3 HP51   H N N 166 
CA3 HP52   H N N 167 
CA3 HP41   H N N 168 
CA3 HP42   H N N 169 
CA3 HP1    H N N 170 
CA3 HP21   H N N 171 
CA3 HP22   H N N 172 
CA3 HP11   H N N 173 
CA3 HP12   H N N 174 
CA3 HT21   H N N 175 
CA3 HT22   H N N 176 
CA3 HT10   H N N 177 
CA3 HT6    H N N 178 
CA3 HNT6   H N N 179 
CA3 HT7    H N N 180 
CA3 HT9    H N N 181 
CA3 HT8    H N N 182 
CA3 HA11   H N N 183 
CA3 HA12   H N N 184 
CA3 HT1    H N N 185 
CA3 HT11   H N N 186 
CA3 HT12   H N N 187 
CA3 HA31   H N N 188 
CA3 HA32   H N N 189 
CA3 HA41   H N N 190 
CA3 HA42   H N N 191 
CA3 HA51   H N N 192 
CA3 HA52   H N N 193 
CYS N      N N N 194 
CYS CA     C N R 195 
CYS C      C N N 196 
CYS O      O N N 197 
CYS CB     C N N 198 
CYS SG     S N N 199 
CYS OXT    O N N 200 
CYS H      H N N 201 
CYS H2     H N N 202 
CYS HA     H N N 203 
CYS HB2    H N N 204 
CYS HB3    H N N 205 
CYS HG     H N N 206 
CYS HXT    H N N 207 
GLN N      N N N 208 
GLN CA     C N S 209 
GLN C      C N N 210 
GLN O      O N N 211 
GLN CB     C N N 212 
GLN CG     C N N 213 
GLN CD     C N N 214 
GLN OE1    O N N 215 
GLN NE2    N N N 216 
GLN OXT    O N N 217 
GLN H      H N N 218 
GLN H2     H N N 219 
GLN HA     H N N 220 
GLN HB2    H N N 221 
GLN HB3    H N N 222 
GLN HG2    H N N 223 
GLN HG3    H N N 224 
GLN HE21   H N N 225 
GLN HE22   H N N 226 
GLN HXT    H N N 227 
GLU N      N N N 228 
GLU CA     C N S 229 
GLU C      C N N 230 
GLU O      O N N 231 
GLU CB     C N N 232 
GLU CG     C N N 233 
GLU CD     C N N 234 
GLU OE1    O N N 235 
GLU OE2    O N N 236 
GLU OXT    O N N 237 
GLU H      H N N 238 
GLU H2     H N N 239 
GLU HA     H N N 240 
GLU HB2    H N N 241 
GLU HB3    H N N 242 
GLU HG2    H N N 243 
GLU HG3    H N N 244 
GLU HE2    H N N 245 
GLU HXT    H N N 246 
GLY N      N N N 247 
GLY CA     C N N 248 
GLY C      C N N 249 
GLY O      O N N 250 
GLY OXT    O N N 251 
GLY H      H N N 252 
GLY H2     H N N 253 
GLY HA2    H N N 254 
GLY HA3    H N N 255 
GLY HXT    H N N 256 
HIS N      N N N 257 
HIS CA     C N S 258 
HIS C      C N N 259 
HIS O      O N N 260 
HIS CB     C N N 261 
HIS CG     C Y N 262 
HIS ND1    N Y N 263 
HIS CD2    C Y N 264 
HIS CE1    C Y N 265 
HIS NE2    N Y N 266 
HIS OXT    O N N 267 
HIS H      H N N 268 
HIS H2     H N N 269 
HIS HA     H N N 270 
HIS HB2    H N N 271 
HIS HB3    H N N 272 
HIS HD1    H N N 273 
HIS HD2    H N N 274 
HIS HE1    H N N 275 
HIS HE2    H N N 276 
HIS HXT    H N N 277 
HOH O      O N N 278 
HOH H1     H N N 279 
HOH H2     H N N 280 
ILE N      N N N 281 
ILE CA     C N S 282 
ILE C      C N N 283 
ILE O      O N N 284 
ILE CB     C N S 285 
ILE CG1    C N N 286 
ILE CG2    C N N 287 
ILE CD1    C N N 288 
ILE OXT    O N N 289 
ILE H      H N N 290 
ILE H2     H N N 291 
ILE HA     H N N 292 
ILE HB     H N N 293 
ILE HG12   H N N 294 
ILE HG13   H N N 295 
ILE HG21   H N N 296 
ILE HG22   H N N 297 
ILE HG23   H N N 298 
ILE HD11   H N N 299 
ILE HD12   H N N 300 
ILE HD13   H N N 301 
ILE HXT    H N N 302 
LEU N      N N N 303 
LEU CA     C N S 304 
LEU C      C N N 305 
LEU O      O N N 306 
LEU CB     C N N 307 
LEU CG     C N N 308 
LEU CD1    C N N 309 
LEU CD2    C N N 310 
LEU OXT    O N N 311 
LEU H      H N N 312 
LEU H2     H N N 313 
LEU HA     H N N 314 
LEU HB2    H N N 315 
LEU HB3    H N N 316 
LEU HG     H N N 317 
LEU HD11   H N N 318 
LEU HD12   H N N 319 
LEU HD13   H N N 320 
LEU HD21   H N N 321 
LEU HD22   H N N 322 
LEU HD23   H N N 323 
LEU HXT    H N N 324 
LYS N      N N N 325 
LYS CA     C N S 326 
LYS C      C N N 327 
LYS O      O N N 328 
LYS CB     C N N 329 
LYS CG     C N N 330 
LYS CD     C N N 331 
LYS CE     C N N 332 
LYS NZ     N N N 333 
LYS OXT    O N N 334 
LYS H      H N N 335 
LYS H2     H N N 336 
LYS HA     H N N 337 
LYS HB2    H N N 338 
LYS HB3    H N N 339 
LYS HG2    H N N 340 
LYS HG3    H N N 341 
LYS HD2    H N N 342 
LYS HD3    H N N 343 
LYS HE2    H N N 344 
LYS HE3    H N N 345 
LYS HZ1    H N N 346 
LYS HZ2    H N N 347 
LYS HZ3    H N N 348 
LYS HXT    H N N 349 
MET N      N N N 350 
MET CA     C N S 351 
MET C      C N N 352 
MET O      O N N 353 
MET CB     C N N 354 
MET CG     C N N 355 
MET SD     S N N 356 
MET CE     C N N 357 
MET OXT    O N N 358 
MET H      H N N 359 
MET H2     H N N 360 
MET HA     H N N 361 
MET HB2    H N N 362 
MET HB3    H N N 363 
MET HG2    H N N 364 
MET HG3    H N N 365 
MET HE1    H N N 366 
MET HE2    H N N 367 
MET HE3    H N N 368 
MET HXT    H N N 369 
PHE N      N N N 370 
PHE CA     C N S 371 
PHE C      C N N 372 
PHE O      O N N 373 
PHE CB     C N N 374 
PHE CG     C Y N 375 
PHE CD1    C Y N 376 
PHE CD2    C Y N 377 
PHE CE1    C Y N 378 
PHE CE2    C Y N 379 
PHE CZ     C Y N 380 
PHE OXT    O N N 381 
PHE H      H N N 382 
PHE H2     H N N 383 
PHE HA     H N N 384 
PHE HB2    H N N 385 
PHE HB3    H N N 386 
PHE HD1    H N N 387 
PHE HD2    H N N 388 
PHE HE1    H N N 389 
PHE HE2    H N N 390 
PHE HZ     H N N 391 
PHE HXT    H N N 392 
PRO N      N N N 393 
PRO CA     C N S 394 
PRO C      C N N 395 
PRO O      O N N 396 
PRO CB     C N N 397 
PRO CG     C N N 398 
PRO CD     C N N 399 
PRO OXT    O N N 400 
PRO H      H N N 401 
PRO HA     H N N 402 
PRO HB2    H N N 403 
PRO HB3    H N N 404 
PRO HG2    H N N 405 
PRO HG3    H N N 406 
PRO HD2    H N N 407 
PRO HD3    H N N 408 
PRO HXT    H N N 409 
SER N      N N N 410 
SER CA     C N S 411 
SER C      C N N 412 
SER O      O N N 413 
SER CB     C N N 414 
SER OG     O N N 415 
SER OXT    O N N 416 
SER H      H N N 417 
SER H2     H N N 418 
SER HA     H N N 419 
SER HB2    H N N 420 
SER HB3    H N N 421 
SER HG     H N N 422 
SER HXT    H N N 423 
THR N      N N N 424 
THR CA     C N S 425 
THR C      C N N 426 
THR O      O N N 427 
THR CB     C N R 428 
THR OG1    O N N 429 
THR CG2    C N N 430 
THR OXT    O N N 431 
THR H      H N N 432 
THR H2     H N N 433 
THR HA     H N N 434 
THR HB     H N N 435 
THR HG1    H N N 436 
THR HG21   H N N 437 
THR HG22   H N N 438 
THR HG23   H N N 439 
THR HXT    H N N 440 
TRP N      N N N 441 
TRP CA     C N S 442 
TRP C      C N N 443 
TRP O      O N N 444 
TRP CB     C N N 445 
TRP CG     C Y N 446 
TRP CD1    C Y N 447 
TRP CD2    C Y N 448 
TRP NE1    N Y N 449 
TRP CE2    C Y N 450 
TRP CE3    C Y N 451 
TRP CZ2    C Y N 452 
TRP CZ3    C Y N 453 
TRP CH2    C Y N 454 
TRP OXT    O N N 455 
TRP H      H N N 456 
TRP H2     H N N 457 
TRP HA     H N N 458 
TRP HB2    H N N 459 
TRP HB3    H N N 460 
TRP HD1    H N N 461 
TRP HE1    H N N 462 
TRP HE3    H N N 463 
TRP HZ2    H N N 464 
TRP HZ3    H N N 465 
TRP HH2    H N N 466 
TRP HXT    H N N 467 
TYR N      N N N 468 
TYR CA     C N S 469 
TYR C      C N N 470 
TYR O      O N N 471 
TYR CB     C N N 472 
TYR CG     C Y N 473 
TYR CD1    C Y N 474 
TYR CD2    C Y N 475 
TYR CE1    C Y N 476 
TYR CE2    C Y N 477 
TYR CZ     C Y N 478 
TYR OH     O N N 479 
TYR OXT    O N N 480 
TYR H      H N N 481 
TYR H2     H N N 482 
TYR HA     H N N 483 
TYR HB2    H N N 484 
TYR HB3    H N N 485 
TYR HD1    H N N 486 
TYR HD2    H N N 487 
TYR HE1    H N N 488 
TYR HE2    H N N 489 
TYR HH     H N N 490 
TYR HXT    H N N 491 
VAL N      N N N 492 
VAL CA     C N S 493 
VAL C      C N N 494 
VAL O      O N N 495 
VAL CB     C N N 496 
VAL CG1    C N N 497 
VAL CG2    C N N 498 
VAL OXT    O N N 499 
VAL H      H N N 500 
VAL H2     H N N 501 
VAL HA     H N N 502 
VAL HB     H N N 503 
VAL HG11   H N N 504 
VAL HG12   H N N 505 
VAL HG13   H N N 506 
VAL HG21   H N N 507 
VAL HG22   H N N 508 
VAL HG23   H N N 509 
VAL HXT    H N N 510 
# 
loop_
_chem_comp_bond.comp_id 
_chem_comp_bond.atom_id_1 
_chem_comp_bond.atom_id_2 
_chem_comp_bond.value_order 
_chem_comp_bond.pdbx_aromatic_flag 
_chem_comp_bond.pdbx_stereo_config 
_chem_comp_bond.pdbx_ordinal 
ALA N     CA     sing N N 1   
ALA N     H      sing N N 2   
ALA N     H2     sing N N 3   
ALA CA    C      sing N N 4   
ALA CA    CB     sing N N 5   
ALA CA    HA     sing N N 6   
ALA C     O      doub N N 7   
ALA C     OXT    sing N N 8   
ALA CB    HB1    sing N N 9   
ALA CB    HB2    sing N N 10  
ALA CB    HB3    sing N N 11  
ALA OXT   HXT    sing N N 12  
ARG N     CA     sing N N 13  
ARG N     H      sing N N 14  
ARG N     H2     sing N N 15  
ARG CA    C      sing N N 16  
ARG CA    CB     sing N N 17  
ARG CA    HA     sing N N 18  
ARG C     O      doub N N 19  
ARG C     OXT    sing N N 20  
ARG CB    CG     sing N N 21  
ARG CB    HB2    sing N N 22  
ARG CB    HB3    sing N N 23  
ARG CG    CD     sing N N 24  
ARG CG    HG2    sing N N 25  
ARG CG    HG3    sing N N 26  
ARG CD    NE     sing N N 27  
ARG CD    HD2    sing N N 28  
ARG CD    HD3    sing N N 29  
ARG NE    CZ     sing N N 30  
ARG NE    HE     sing N N 31  
ARG CZ    NH1    sing N N 32  
ARG CZ    NH2    doub N N 33  
ARG NH1   HH11   sing N N 34  
ARG NH1   HH12   sing N N 35  
ARG NH2   HH21   sing N N 36  
ARG NH2   HH22   sing N N 37  
ARG OXT   HXT    sing N N 38  
ASN N     CA     sing N N 39  
ASN N     H      sing N N 40  
ASN N     H2     sing N N 41  
ASN CA    C      sing N N 42  
ASN CA    CB     sing N N 43  
ASN CA    HA     sing N N 44  
ASN C     O      doub N N 45  
ASN C     OXT    sing N N 46  
ASN CB    CG     sing N N 47  
ASN CB    HB2    sing N N 48  
ASN CB    HB3    sing N N 49  
ASN CG    OD1    doub N N 50  
ASN CG    ND2    sing N N 51  
ASN ND2   HD21   sing N N 52  
ASN ND2   HD22   sing N N 53  
ASN OXT   HXT    sing N N 54  
ASP N     CA     sing N N 55  
ASP N     H      sing N N 56  
ASP N     H2     sing N N 57  
ASP CA    C      sing N N 58  
ASP CA    CB     sing N N 59  
ASP CA    HA     sing N N 60  
ASP C     O      doub N N 61  
ASP C     OXT    sing N N 62  
ASP CB    CG     sing N N 63  
ASP CB    HB2    sing N N 64  
ASP CB    HB3    sing N N 65  
ASP CG    OD1    doub N N 66  
ASP CG    OD2    sing N N 67  
ASP OD2   HD2    sing N N 68  
ASP OXT   HXT    sing N N 69  
CA3 N1    C2     doub Y N 70  
CA3 N1    C6     sing Y N 71  
CA3 C2    N3     sing Y N 72  
CA3 C2    H2     sing N N 73  
CA3 N3    C4     doub Y N 74  
CA3 C4    C5     sing Y N 75  
CA3 C4    N9     sing Y N 76  
CA3 C5    C6     doub Y N 77  
CA3 C5    N7     sing Y N 78  
CA3 C6    N6     sing N N 79  
CA3 N6    H61    sing N N 80  
CA3 N6    H62    sing N N 81  
CA3 N7    C8     doub Y N 82  
CA3 C8    N9     sing Y N 83  
CA3 C8    H8     sing N N 84  
CA3 N9    "C1'"  sing N N 85  
CA3 "C1'" "C2'"  sing N N 86  
CA3 "C1'" "O4'"  sing N N 87  
CA3 "C1'" "H1'"  sing N N 88  
CA3 "C2'" "O2'"  sing N N 89  
CA3 "C2'" "C3'"  sing N N 90  
CA3 "C2'" "H2'"  sing N N 91  
CA3 "O2'" "HO'2" sing N N 92  
CA3 "C3'" "O3'"  sing N N 93  
CA3 "C3'" "C4'"  sing N N 94  
CA3 "C3'" "H3'"  sing N N 95  
CA3 "O3'" P3     sing N N 96  
CA3 P3    O31    doub N N 97  
CA3 P3    O32    sing N N 98  
CA3 P3    O33    sing N N 99  
CA3 O32   H32    sing N N 100 
CA3 O33   H33    sing N N 101 
CA3 "C4'" "O4'"  sing N N 102 
CA3 "C4'" "C5'"  sing N N 103 
CA3 "C4'" "H4'"  sing N N 104 
CA3 "C5'" "O5'"  sing N N 105 
CA3 "C5'" "H5'1" sing N N 106 
CA3 "C5'" "H5'2" sing N N 107 
CA3 "O5'" P1     sing N N 108 
CA3 P1    O11    doub N N 109 
CA3 P1    O12    sing N N 110 
CA3 P1    O6     sing N N 111 
CA3 O12   H12    sing N N 112 
CA3 O6    P2     sing N N 113 
CA3 P2    O21    doub N N 114 
CA3 P2    O22    sing N N 115 
CA3 P2    O7     sing N N 116 
CA3 O22   H22    sing N N 117 
CA3 O7    CP9    sing N N 118 
CA3 CP8   CP9    sing N N 119 
CA3 CP8   CPA    sing N N 120 
CA3 CP8   CPB    sing N N 121 
CA3 CP8   CP7    sing N N 122 
CA3 CP9   HP91   sing N N 123 
CA3 CP9   HP92   sing N N 124 
CA3 CPA   HPA1   sing N N 125 
CA3 CPA   HPA2   sing N N 126 
CA3 CPA   HPA3   sing N N 127 
CA3 CPB   HPB1   sing N N 128 
CA3 CPB   HPB2   sing N N 129 
CA3 CPB   HPB3   sing N N 130 
CA3 CP7   OP3    sing N N 131 
CA3 CP7   CP6    sing N N 132 
CA3 CP7   HP7    sing N N 133 
CA3 OP3   HP3    sing N N 134 
CA3 CP6   OP2    doub N N 135 
CA3 CP6   NP2    sing N N 136 
CA3 NP2   CP5    sing N N 137 
CA3 NP2   HP2    sing N N 138 
CA3 CP5   CP4    sing N N 139 
CA3 CP5   HP51   sing N N 140 
CA3 CP5   HP52   sing N N 141 
CA3 CP4   CP3    sing N N 142 
CA3 CP4   HP41   sing N N 143 
CA3 CP4   HP42   sing N N 144 
CA3 CP3   OP1    doub N N 145 
CA3 CP3   NP1    sing N N 146 
CA3 NP1   CP2    sing N N 147 
CA3 NP1   HP1    sing N N 148 
CA3 CP2   CP1    sing N N 149 
CA3 CP2   HP21   sing N N 150 
CA3 CP2   HP22   sing N N 151 
CA3 CP1   S      sing N N 152 
CA3 CP1   HP11   sing N N 153 
CA3 CP1   HP12   sing N N 154 
CA3 S     CA1    sing N N 155 
CA3 CT2   CT3    sing N N 156 
CA3 CT2   CT1    sing N N 157 
CA3 CT2   HT21   sing N N 158 
CA3 CT2   HT22   sing N N 159 
CA3 CT3   CT4    sing Y N 160 
CA3 CT3   CT6    doub Y N 161 
CA3 CT4   CT5    doub Y N 162 
CA3 CT4   C11    sing Y N 163 
CA3 CT5   NT6    sing Y N 164 
CA3 CT5   CT7    sing Y N 165 
CA3 C11   CT9    doub Y N 166 
CA3 C11   HT10   sing N N 167 
CA3 CT6   NT6    sing Y N 168 
CA3 CT6   HT6    sing N N 169 
CA3 NT6   HNT6   sing N N 170 
CA3 CT7   CT8    doub Y N 171 
CA3 CT7   HT7    sing N N 172 
CA3 CT9   CT8    sing Y N 173 
CA3 CT9   HT9    sing N N 174 
CA3 CT8   HT8    sing N N 175 
CA3 CA1   CA3    sing N N 176 
CA3 CA1   HA11   sing N N 177 
CA3 CA1   HA12   sing N N 178 
CA3 CA2   OA2    doub N N 179 
CA3 CA2   NT1    sing N N 180 
CA3 CA2   CA5    sing N N 181 
CA3 NT1   CT1    sing N N 182 
CA3 NT1   HT1    sing N N 183 
CA3 CT1   HT11   sing N N 184 
CA3 CT1   HT12   sing N N 185 
CA3 CA3   CA4    sing N N 186 
CA3 CA3   HA31   sing N N 187 
CA3 CA3   HA32   sing N N 188 
CA3 CA4   CA5    sing N N 189 
CA3 CA4   HA41   sing N N 190 
CA3 CA4   HA42   sing N N 191 
CA3 CA5   HA51   sing N N 192 
CA3 CA5   HA52   sing N N 193 
CYS N     CA     sing N N 194 
CYS N     H      sing N N 195 
CYS N     H2     sing N N 196 
CYS CA    C      sing N N 197 
CYS CA    CB     sing N N 198 
CYS CA    HA     sing N N 199 
CYS C     O      doub N N 200 
CYS C     OXT    sing N N 201 
CYS CB    SG     sing N N 202 
CYS CB    HB2    sing N N 203 
CYS CB    HB3    sing N N 204 
CYS SG    HG     sing N N 205 
CYS OXT   HXT    sing N N 206 
GLN N     CA     sing N N 207 
GLN N     H      sing N N 208 
GLN N     H2     sing N N 209 
GLN CA    C      sing N N 210 
GLN CA    CB     sing N N 211 
GLN CA    HA     sing N N 212 
GLN C     O      doub N N 213 
GLN C     OXT    sing N N 214 
GLN CB    CG     sing N N 215 
GLN CB    HB2    sing N N 216 
GLN CB    HB3    sing N N 217 
GLN CG    CD     sing N N 218 
GLN CG    HG2    sing N N 219 
GLN CG    HG3    sing N N 220 
GLN CD    OE1    doub N N 221 
GLN CD    NE2    sing N N 222 
GLN NE2   HE21   sing N N 223 
GLN NE2   HE22   sing N N 224 
GLN OXT   HXT    sing N N 225 
GLU N     CA     sing N N 226 
GLU N     H      sing N N 227 
GLU N     H2     sing N N 228 
GLU CA    C      sing N N 229 
GLU CA    CB     sing N N 230 
GLU CA    HA     sing N N 231 
GLU C     O      doub N N 232 
GLU C     OXT    sing N N 233 
GLU CB    CG     sing N N 234 
GLU CB    HB2    sing N N 235 
GLU CB    HB3    sing N N 236 
GLU CG    CD     sing N N 237 
GLU CG    HG2    sing N N 238 
GLU CG    HG3    sing N N 239 
GLU CD    OE1    doub N N 240 
GLU CD    OE2    sing N N 241 
GLU OE2   HE2    sing N N 242 
GLU OXT   HXT    sing N N 243 
GLY N     CA     sing N N 244 
GLY N     H      sing N N 245 
GLY N     H2     sing N N 246 
GLY CA    C      sing N N 247 
GLY CA    HA2    sing N N 248 
GLY CA    HA3    sing N N 249 
GLY C     O      doub N N 250 
GLY C     OXT    sing N N 251 
GLY OXT   HXT    sing N N 252 
HIS N     CA     sing N N 253 
HIS N     H      sing N N 254 
HIS N     H2     sing N N 255 
HIS CA    C      sing N N 256 
HIS CA    CB     sing N N 257 
HIS CA    HA     sing N N 258 
HIS C     O      doub N N 259 
HIS C     OXT    sing N N 260 
HIS CB    CG     sing N N 261 
HIS CB    HB2    sing N N 262 
HIS CB    HB3    sing N N 263 
HIS CG    ND1    sing Y N 264 
HIS CG    CD2    doub Y N 265 
HIS ND1   CE1    doub Y N 266 
HIS ND1   HD1    sing N N 267 
HIS CD2   NE2    sing Y N 268 
HIS CD2   HD2    sing N N 269 
HIS CE1   NE2    sing Y N 270 
HIS CE1   HE1    sing N N 271 
HIS NE2   HE2    sing N N 272 
HIS OXT   HXT    sing N N 273 
HOH O     H1     sing N N 274 
HOH O     H2     sing N N 275 
ILE N     CA     sing N N 276 
ILE N     H      sing N N 277 
ILE N     H2     sing N N 278 
ILE CA    C      sing N N 279 
ILE CA    CB     sing N N 280 
ILE CA    HA     sing N N 281 
ILE C     O      doub N N 282 
ILE C     OXT    sing N N 283 
ILE CB    CG1    sing N N 284 
ILE CB    CG2    sing N N 285 
ILE CB    HB     sing N N 286 
ILE CG1   CD1    sing N N 287 
ILE CG1   HG12   sing N N 288 
ILE CG1   HG13   sing N N 289 
ILE CG2   HG21   sing N N 290 
ILE CG2   HG22   sing N N 291 
ILE CG2   HG23   sing N N 292 
ILE CD1   HD11   sing N N 293 
ILE CD1   HD12   sing N N 294 
ILE CD1   HD13   sing N N 295 
ILE OXT   HXT    sing N N 296 
LEU N     CA     sing N N 297 
LEU N     H      sing N N 298 
LEU N     H2     sing N N 299 
LEU CA    C      sing N N 300 
LEU CA    CB     sing N N 301 
LEU CA    HA     sing N N 302 
LEU C     O      doub N N 303 
LEU C     OXT    sing N N 304 
LEU CB    CG     sing N N 305 
LEU CB    HB2    sing N N 306 
LEU CB    HB3    sing N N 307 
LEU CG    CD1    sing N N 308 
LEU CG    CD2    sing N N 309 
LEU CG    HG     sing N N 310 
LEU CD1   HD11   sing N N 311 
LEU CD1   HD12   sing N N 312 
LEU CD1   HD13   sing N N 313 
LEU CD2   HD21   sing N N 314 
LEU CD2   HD22   sing N N 315 
LEU CD2   HD23   sing N N 316 
LEU OXT   HXT    sing N N 317 
LYS N     CA     sing N N 318 
LYS N     H      sing N N 319 
LYS N     H2     sing N N 320 
LYS CA    C      sing N N 321 
LYS CA    CB     sing N N 322 
LYS CA    HA     sing N N 323 
LYS C     O      doub N N 324 
LYS C     OXT    sing N N 325 
LYS CB    CG     sing N N 326 
LYS CB    HB2    sing N N 327 
LYS CB    HB3    sing N N 328 
LYS CG    CD     sing N N 329 
LYS CG    HG2    sing N N 330 
LYS CG    HG3    sing N N 331 
LYS CD    CE     sing N N 332 
LYS CD    HD2    sing N N 333 
LYS CD    HD3    sing N N 334 
LYS CE    NZ     sing N N 335 
LYS CE    HE2    sing N N 336 
LYS CE    HE3    sing N N 337 
LYS NZ    HZ1    sing N N 338 
LYS NZ    HZ2    sing N N 339 
LYS NZ    HZ3    sing N N 340 
LYS OXT   HXT    sing N N 341 
MET N     CA     sing N N 342 
MET N     H      sing N N 343 
MET N     H2     sing N N 344 
MET CA    C      sing N N 345 
MET CA    CB     sing N N 346 
MET CA    HA     sing N N 347 
MET C     O      doub N N 348 
MET C     OXT    sing N N 349 
MET CB    CG     sing N N 350 
MET CB    HB2    sing N N 351 
MET CB    HB3    sing N N 352 
MET CG    SD     sing N N 353 
MET CG    HG2    sing N N 354 
MET CG    HG3    sing N N 355 
MET SD    CE     sing N N 356 
MET CE    HE1    sing N N 357 
MET CE    HE2    sing N N 358 
MET CE    HE3    sing N N 359 
MET OXT   HXT    sing N N 360 
PHE N     CA     sing N N 361 
PHE N     H      sing N N 362 
PHE N     H2     sing N N 363 
PHE CA    C      sing N N 364 
PHE CA    CB     sing N N 365 
PHE CA    HA     sing N N 366 
PHE C     O      doub N N 367 
PHE C     OXT    sing N N 368 
PHE CB    CG     sing N N 369 
PHE CB    HB2    sing N N 370 
PHE CB    HB3    sing N N 371 
PHE CG    CD1    doub Y N 372 
PHE CG    CD2    sing Y N 373 
PHE CD1   CE1    sing Y N 374 
PHE CD1   HD1    sing N N 375 
PHE CD2   CE2    doub Y N 376 
PHE CD2   HD2    sing N N 377 
PHE CE1   CZ     doub Y N 378 
PHE CE1   HE1    sing N N 379 
PHE CE2   CZ     sing Y N 380 
PHE CE2   HE2    sing N N 381 
PHE CZ    HZ     sing N N 382 
PHE OXT   HXT    sing N N 383 
PRO N     CA     sing N N 384 
PRO N     CD     sing N N 385 
PRO N     H      sing N N 386 
PRO CA    C      sing N N 387 
PRO CA    CB     sing N N 388 
PRO CA    HA     sing N N 389 
PRO C     O      doub N N 390 
PRO C     OXT    sing N N 391 
PRO CB    CG     sing N N 392 
PRO CB    HB2    sing N N 393 
PRO CB    HB3    sing N N 394 
PRO CG    CD     sing N N 395 
PRO CG    HG2    sing N N 396 
PRO CG    HG3    sing N N 397 
PRO CD    HD2    sing N N 398 
PRO CD    HD3    sing N N 399 
PRO OXT   HXT    sing N N 400 
SER N     CA     sing N N 401 
SER N     H      sing N N 402 
SER N     H2     sing N N 403 
SER CA    C      sing N N 404 
SER CA    CB     sing N N 405 
SER CA    HA     sing N N 406 
SER C     O      doub N N 407 
SER C     OXT    sing N N 408 
SER CB    OG     sing N N 409 
SER CB    HB2    sing N N 410 
SER CB    HB3    sing N N 411 
SER OG    HG     sing N N 412 
SER OXT   HXT    sing N N 413 
THR N     CA     sing N N 414 
THR N     H      sing N N 415 
THR N     H2     sing N N 416 
THR CA    C      sing N N 417 
THR CA    CB     sing N N 418 
THR CA    HA     sing N N 419 
THR C     O      doub N N 420 
THR C     OXT    sing N N 421 
THR CB    OG1    sing N N 422 
THR CB    CG2    sing N N 423 
THR CB    HB     sing N N 424 
THR OG1   HG1    sing N N 425 
THR CG2   HG21   sing N N 426 
THR CG2   HG22   sing N N 427 
THR CG2   HG23   sing N N 428 
THR OXT   HXT    sing N N 429 
TRP N     CA     sing N N 430 
TRP N     H      sing N N 431 
TRP N     H2     sing N N 432 
TRP CA    C      sing N N 433 
TRP CA    CB     sing N N 434 
TRP CA    HA     sing N N 435 
TRP C     O      doub N N 436 
TRP C     OXT    sing N N 437 
TRP CB    CG     sing N N 438 
TRP CB    HB2    sing N N 439 
TRP CB    HB3    sing N N 440 
TRP CG    CD1    doub Y N 441 
TRP CG    CD2    sing Y N 442 
TRP CD1   NE1    sing Y N 443 
TRP CD1   HD1    sing N N 444 
TRP CD2   CE2    doub Y N 445 
TRP CD2   CE3    sing Y N 446 
TRP NE1   CE2    sing Y N 447 
TRP NE1   HE1    sing N N 448 
TRP CE2   CZ2    sing Y N 449 
TRP CE3   CZ3    doub Y N 450 
TRP CE3   HE3    sing N N 451 
TRP CZ2   CH2    doub Y N 452 
TRP CZ2   HZ2    sing N N 453 
TRP CZ3   CH2    sing Y N 454 
TRP CZ3   HZ3    sing N N 455 
TRP CH2   HH2    sing N N 456 
TRP OXT   HXT    sing N N 457 
TYR N     CA     sing N N 458 
TYR N     H      sing N N 459 
TYR N     H2     sing N N 460 
TYR CA    C      sing N N 461 
TYR CA    CB     sing N N 462 
TYR CA    HA     sing N N 463 
TYR C     O      doub N N 464 
TYR C     OXT    sing N N 465 
TYR CB    CG     sing N N 466 
TYR CB    HB2    sing N N 467 
TYR CB    HB3    sing N N 468 
TYR CG    CD1    doub Y N 469 
TYR CG    CD2    sing Y N 470 
TYR CD1   CE1    sing Y N 471 
TYR CD1   HD1    sing N N 472 
TYR CD2   CE2    doub Y N 473 
TYR CD2   HD2    sing N N 474 
TYR CE1   CZ     doub Y N 475 
TYR CE1   HE1    sing N N 476 
TYR CE2   CZ     sing Y N 477 
TYR CE2   HE2    sing N N 478 
TYR CZ    OH     sing N N 479 
TYR OH    HH     sing N N 480 
TYR OXT   HXT    sing N N 481 
VAL N     CA     sing N N 482 
VAL N     H      sing N N 483 
VAL N     H2     sing N N 484 
VAL CA    C      sing N N 485 
VAL CA    CB     sing N N 486 
VAL CA    HA     sing N N 487 
VAL C     O      doub N N 488 
VAL C     OXT    sing N N 489 
VAL CB    CG1    sing N N 490 
VAL CB    CG2    sing N N 491 
VAL CB    HB     sing N N 492 
VAL CG1   HG11   sing N N 493 
VAL CG1   HG12   sing N N 494 
VAL CG1   HG13   sing N N 495 
VAL CG2   HG21   sing N N 496 
VAL CG2   HG22   sing N N 497 
VAL CG2   HG23   sing N N 498 
VAL OXT   HXT    sing N N 499 
# 
loop_
_pdbx_entity_nonpoly.entity_id 
_pdbx_entity_nonpoly.name 
_pdbx_entity_nonpoly.comp_id 
2 COA-S-TRIMETHYLENE-ACETYL-TRYPTAMINE CA3 
3 water                                HOH 
# 
_pdbx_initial_refinement_model.id               1 
_pdbx_initial_refinement_model.entity_id_list   ? 
_pdbx_initial_refinement_model.type             'experimental model' 
_pdbx_initial_refinement_model.source_name      PDB 
_pdbx_initial_refinement_model.accession_code   1KUV 
_pdbx_initial_refinement_model.details          ? 
# 
